data_8JE0
#
_entry.id   8JE0
#
_cell.length_a   108.050
_cell.length_b   108.050
_cell.length_c   341.353
_cell.angle_alpha   90.00
_cell.angle_beta   90.00
_cell.angle_gamma   90.00
#
_symmetry.space_group_name_H-M   'P 41 21 2'
#
loop_
_entity.id
_entity.type
_entity.pdbx_description
1 polymer Amidase
2 non-polymer 'ZINC ION'
3 non-polymer 1,2-ETHANEDIOL
#
_entity_poly.entity_id   1
_entity_poly.type   'polypeptide(L)'
_entity_poly.pdbx_seq_one_letter_code
;MKLDIVIKNGQIADIENRTYINADIGIKGNRIVDISHHSDLQAETVIDASGCIILPGLIDFHGHVFHGGTAISVNPDIVC
LPNGVTSMVDAGSSGWVNYSLFRNSVIHPAMVKIKSYLNVVNVGLSTLGGGPTGYLENTNPANYNEEKIAQTLNDNRDNI
LGLKLRYSQDIARGKQYASDPLLATVALVRKLETSICVHVTDSLLCADELIRYFEEGDIYAHCFHGTGHSILNEQGQVYA
AIKEAQSRGVIFDCSNGVAHFDFKVAQSAMEQGFYPDIISTDLTLRNSLRTDKVYSLLHVMSKYLNMGMPFFDVIRAVTA
TPARLMKMQGQIGTLAANAIADISIVKLRKDKITFEDTRGKTLEGDCYLDNCATICNGQIVYRRLRF
;
_entity_poly.pdbx_strand_id   A,B,C,D
#
# COMPACT_ATOMS: atom_id res chain seq x y z
N ASP A 4 13.86 24.41 -11.39
CA ASP A 4 14.92 24.78 -12.32
C ASP A 4 16.23 24.03 -12.08
N ILE A 5 16.65 23.27 -13.08
CA ILE A 5 17.95 22.64 -13.13
C ILE A 5 18.53 22.85 -14.52
N VAL A 6 19.80 23.24 -14.59
CA VAL A 6 20.52 23.34 -15.85
C VAL A 6 21.77 22.48 -15.74
N ILE A 7 22.00 21.63 -16.73
CA ILE A 7 23.14 20.73 -16.76
C ILE A 7 24.11 21.28 -17.80
N LYS A 8 25.24 21.80 -17.35
CA LYS A 8 26.15 22.55 -18.19
C LYS A 8 27.36 21.73 -18.60
N ASN A 9 27.96 22.11 -19.73
CA ASN A 9 29.25 21.59 -20.20
C ASN A 9 29.19 20.11 -20.53
N GLY A 10 28.02 19.60 -20.91
CA GLY A 10 27.85 18.21 -21.24
C GLY A 10 27.95 17.93 -22.73
N GLN A 11 27.87 16.65 -23.07
CA GLN A 11 27.82 16.20 -24.46
C GLN A 11 26.54 15.41 -24.67
N ILE A 12 25.67 15.91 -25.53
CA ILE A 12 24.44 15.20 -25.88
C ILE A 12 24.76 14.18 -26.97
N ALA A 13 24.24 12.97 -26.80
CA ALA A 13 24.31 11.96 -27.85
C ALA A 13 23.08 12.09 -28.73
N ASP A 14 23.30 12.22 -30.04
CA ASP A 14 22.23 12.31 -31.03
C ASP A 14 22.17 10.98 -31.77
N ILE A 15 21.25 10.11 -31.35
CA ILE A 15 21.14 8.79 -31.96
C ILE A 15 20.72 8.89 -33.42
N GLU A 16 20.05 9.97 -33.81
CA GLU A 16 19.60 10.12 -35.19
C GLU A 16 20.74 10.52 -36.12
N ASN A 17 21.50 11.55 -35.73
CA ASN A 17 22.61 12.03 -36.53
C ASN A 17 23.94 11.40 -36.15
N ARG A 18 23.96 10.52 -35.14
CA ARG A 18 25.14 9.74 -34.78
C ARG A 18 26.34 10.62 -34.50
N THR A 19 26.12 11.70 -33.76
CA THR A 19 27.20 12.58 -33.36
C THR A 19 26.89 13.17 -31.99
N TYR A 20 27.93 13.64 -31.32
CA TYR A 20 27.78 14.32 -30.04
C TYR A 20 27.61 15.81 -30.26
N ILE A 21 26.95 16.46 -29.31
CA ILE A 21 26.68 17.90 -29.40
C ILE A 21 26.90 18.53 -28.03
N ASN A 22 27.75 19.55 -27.98
CA ASN A 22 27.96 20.31 -26.76
C ASN A 22 26.77 21.25 -26.55
N ALA A 23 25.92 20.94 -25.58
CA ALA A 23 24.79 21.80 -25.25
C ALA A 23 24.42 21.59 -23.79
N ASP A 24 23.62 22.53 -23.28
CA ASP A 24 23.14 22.49 -21.90
C ASP A 24 21.68 22.10 -21.88
N ILE A 25 21.32 21.17 -21.00
CA ILE A 25 19.94 20.72 -20.83
C ILE A 25 19.28 21.59 -19.77
N GLY A 26 18.03 21.96 -20.02
CA GLY A 26 17.25 22.77 -19.10
C GLY A 26 16.07 21.97 -18.54
N ILE A 27 15.81 22.16 -17.25
CA ILE A 27 14.73 21.45 -16.56
C ILE A 27 13.85 22.49 -15.87
N LYS A 28 12.54 22.38 -16.06
CA LYS A 28 11.57 23.20 -15.35
C LYS A 28 10.41 22.30 -14.96
N GLY A 29 10.12 22.22 -13.67
CA GLY A 29 9.11 21.27 -13.22
C GLY A 29 9.61 19.86 -13.42
N ASN A 30 8.80 19.04 -14.08
CA ASN A 30 9.16 17.66 -14.37
C ASN A 30 9.40 17.44 -15.86
N ARG A 31 9.68 18.49 -16.62
CA ARG A 31 9.81 18.36 -18.06
C ARG A 31 10.97 19.21 -18.57
N ILE A 32 11.61 18.70 -19.62
CA ILE A 32 12.70 19.42 -20.27
C ILE A 32 12.13 20.61 -21.04
N VAL A 33 12.85 21.73 -21.01
CA VAL A 33 12.49 22.93 -21.75
C VAL A 33 13.63 23.26 -22.71
N ASP A 34 13.33 24.12 -23.69
CA ASP A 34 14.30 24.51 -24.70
C ASP A 34 15.07 25.73 -24.20
N ILE A 35 16.33 25.52 -23.82
CA ILE A 35 17.17 26.61 -23.33
C ILE A 35 17.57 27.54 -24.47
N GLN A 42 19.80 31.07 -15.83
CA GLN A 42 19.80 31.32 -14.39
C GLN A 42 18.87 30.35 -13.67
N ALA A 43 19.40 29.22 -13.22
CA ALA A 43 18.63 28.15 -12.63
C ALA A 43 18.87 28.03 -11.14
N GLU A 44 17.90 27.40 -10.45
CA GLU A 44 18.03 27.15 -9.03
C GLU A 44 19.24 26.28 -8.72
N THR A 45 19.41 25.18 -9.45
CA THR A 45 20.52 24.26 -9.27
C THR A 45 21.25 24.07 -10.58
N VAL A 46 22.57 24.22 -10.56
CA VAL A 46 23.41 24.03 -11.74
C VAL A 46 24.27 22.80 -11.52
N ILE A 47 24.35 21.94 -12.54
CA ILE A 47 25.11 20.70 -12.47
C ILE A 47 26.20 20.76 -13.52
N ASP A 48 27.46 20.66 -13.07
CA ASP A 48 28.61 20.71 -13.96
C ASP A 48 28.87 19.31 -14.50
N ALA A 49 28.39 19.05 -15.72
CA ALA A 49 28.59 17.77 -16.39
C ALA A 49 29.76 17.82 -17.36
N SER A 50 30.87 18.45 -16.97
CA SER A 50 32.04 18.49 -17.83
C SER A 50 32.65 17.10 -17.97
N GLY A 51 33.00 16.74 -19.20
CA GLY A 51 33.53 15.41 -19.45
C GLY A 51 32.48 14.33 -19.26
N CYS A 52 31.23 14.63 -19.63
CA CYS A 52 30.13 13.71 -19.42
C CYS A 52 29.25 13.67 -20.66
N ILE A 53 28.67 12.50 -20.91
CA ILE A 53 27.64 12.33 -21.93
C ILE A 53 26.29 12.38 -21.24
N ILE A 54 25.40 13.21 -21.77
CA ILE A 54 24.08 13.44 -21.18
C ILE A 54 23.08 12.63 -22.00
N LEU A 55 22.57 11.56 -21.40
CA LEU A 55 21.63 10.65 -22.04
C LEU A 55 20.23 10.85 -21.49
N PRO A 56 19.20 10.43 -22.23
CA PRO A 56 17.88 10.27 -21.63
C PRO A 56 17.93 9.22 -20.53
N GLY A 57 16.96 9.28 -19.63
CA GLY A 57 16.81 8.26 -18.62
C GLY A 57 16.78 6.89 -19.27
N LEU A 58 17.66 6.00 -18.83
CA LEU A 58 17.80 4.71 -19.50
C LEU A 58 16.55 3.86 -19.28
N ILE A 59 16.32 2.93 -20.19
CA ILE A 59 15.11 2.13 -20.20
C ILE A 59 15.50 0.66 -20.28
N ASP A 60 15.16 -0.11 -19.25
CA ASP A 60 15.48 -1.54 -19.15
C ASP A 60 14.21 -2.32 -19.45
N PHE A 61 14.18 -2.99 -20.61
CA PHE A 61 12.93 -3.48 -21.17
C PHE A 61 12.49 -4.83 -20.61
N HIS A 62 13.42 -5.73 -20.32
CA HIS A 62 13.08 -7.00 -19.67
C HIS A 62 13.74 -6.99 -18.30
N GLY A 63 12.97 -6.60 -17.29
CA GLY A 63 13.36 -6.80 -15.92
C GLY A 63 12.22 -7.46 -15.17
N HIS A 64 12.54 -7.93 -13.97
CA HIS A 64 11.55 -8.55 -13.11
C HIS A 64 11.52 -7.75 -11.81
N VAL A 65 10.43 -7.01 -11.60
CA VAL A 65 10.39 -5.96 -10.58
C VAL A 65 9.10 -6.02 -9.76
N PHE A 66 8.47 -7.18 -9.70
CA PHE A 66 7.34 -7.39 -8.78
C PHE A 66 7.88 -7.87 -7.43
N HIS A 67 8.55 -6.95 -6.75
CA HIS A 67 9.07 -7.26 -5.41
C HIS A 67 7.92 -7.38 -4.41
N GLY A 68 8.12 -8.22 -3.40
CA GLY A 68 7.09 -8.54 -2.45
C GLY A 68 6.17 -9.66 -2.90
N GLY A 69 5.93 -9.78 -4.20
CA GLY A 69 5.07 -10.83 -4.72
C GLY A 69 5.82 -11.95 -5.41
N THR A 70 7.03 -11.67 -5.86
CA THR A 70 7.90 -12.69 -6.44
C THR A 70 9.19 -12.74 -5.64
N ALA A 71 9.83 -13.91 -5.65
CA ALA A 71 11.12 -14.05 -4.99
C ALA A 71 12.27 -13.50 -5.81
N ILE A 72 12.10 -13.37 -7.13
CA ILE A 72 13.19 -13.00 -8.02
C ILE A 72 13.30 -11.51 -8.28
N SER A 73 12.30 -10.71 -7.93
CA SER A 73 12.28 -9.34 -8.39
C SER A 73 13.12 -8.42 -7.51
N VAL A 74 13.48 -7.27 -8.05
CA VAL A 74 14.17 -6.22 -7.34
C VAL A 74 13.28 -4.97 -7.33
N ASN A 75 13.55 -4.10 -6.35
CA ASN A 75 12.90 -2.79 -6.28
C ASN A 75 13.66 -1.84 -7.20
N PRO A 76 13.07 -1.43 -8.32
CA PRO A 76 13.83 -0.59 -9.26
C PRO A 76 14.16 0.79 -8.70
N ASP A 77 13.34 1.33 -7.79
CA ASP A 77 13.66 2.63 -7.21
C ASP A 77 14.95 2.59 -6.40
N ILE A 78 15.33 1.41 -5.92
CA ILE A 78 16.52 1.28 -5.07
C ILE A 78 17.75 0.99 -5.91
N VAL A 79 17.73 -0.09 -6.69
CA VAL A 79 18.95 -0.57 -7.36
C VAL A 79 19.11 -0.08 -8.78
N CYS A 80 18.07 0.49 -9.39
CA CYS A 80 18.15 0.85 -10.80
C CYS A 80 18.43 2.33 -11.02
N LEU A 81 17.78 3.21 -10.27
CA LEU A 81 18.01 4.64 -10.44
C LEU A 81 19.47 5.05 -10.29
N PRO A 82 20.25 4.53 -9.33
CA PRO A 82 21.67 4.89 -9.27
C PRO A 82 22.45 4.53 -10.53
N ASN A 83 21.94 3.64 -11.38
CA ASN A 83 22.62 3.22 -12.59
C ASN A 83 21.95 3.76 -13.84
N GLY A 84 21.26 4.89 -13.73
CA GLY A 84 20.75 5.62 -14.87
C GLY A 84 19.39 5.19 -15.38
N VAL A 85 18.82 4.11 -14.85
CA VAL A 85 17.56 3.57 -15.37
C VAL A 85 16.39 4.24 -14.65
N THR A 86 15.50 4.87 -15.43
CA THR A 86 14.33 5.53 -14.88
C THR A 86 13.01 4.94 -15.37
N SER A 87 13.02 4.11 -16.42
CA SER A 87 11.84 3.40 -16.86
C SER A 87 12.19 1.94 -17.11
N MET A 88 11.22 1.07 -16.86
CA MET A 88 11.41 -0.36 -16.98
C MET A 88 10.12 -0.99 -17.49
N VAL A 89 10.25 -2.20 -18.04
CA VAL A 89 9.10 -3.05 -18.36
C VAL A 89 9.30 -4.38 -17.67
N ASP A 90 8.27 -4.85 -16.98
CA ASP A 90 8.32 -6.11 -16.25
C ASP A 90 7.89 -7.25 -17.16
N ALA A 91 8.82 -8.17 -17.44
CA ALA A 91 8.55 -9.26 -18.38
C ALA A 91 7.79 -10.41 -17.71
N GLY A 92 6.58 -10.09 -17.29
CA GLY A 92 5.62 -11.11 -16.90
C GLY A 92 5.86 -11.77 -15.57
N SER A 93 6.28 -11.01 -14.56
CA SER A 93 6.36 -11.57 -13.21
C SER A 93 4.98 -11.83 -12.64
N SER A 94 4.00 -11.03 -13.04
CA SER A 94 2.64 -11.12 -12.50
C SER A 94 1.70 -11.74 -13.51
N GLY A 95 0.76 -12.53 -13.01
CA GLY A 95 -0.35 -13.01 -13.80
C GLY A 95 -1.64 -12.28 -13.45
N TRP A 96 -2.75 -12.80 -14.00
CA TRP A 96 -4.04 -12.17 -13.75
C TRP A 96 -4.43 -12.23 -12.29
N VAL A 97 -3.90 -13.18 -11.53
CA VAL A 97 -4.25 -13.29 -10.11
C VAL A 97 -3.71 -12.11 -9.32
N ASN A 98 -2.46 -11.72 -9.60
CA ASN A 98 -1.75 -10.78 -8.76
C ASN A 98 -1.34 -9.49 -9.46
N TYR A 99 -1.78 -9.27 -10.71
CA TYR A 99 -1.38 -8.07 -11.42
C TYR A 99 -1.84 -6.81 -10.70
N SER A 100 -3.10 -6.79 -10.26
CA SER A 100 -3.64 -5.58 -9.63
C SER A 100 -2.87 -5.23 -8.36
N LEU A 101 -2.47 -6.25 -7.60
CA LEU A 101 -1.61 -6.01 -6.44
C LEU A 101 -0.25 -5.49 -6.87
N PHE A 102 0.32 -6.06 -7.94
CA PHE A 102 1.56 -5.56 -8.49
C PHE A 102 1.43 -4.10 -8.91
N ARG A 103 0.31 -3.75 -9.54
CA ARG A 103 0.16 -2.38 -10.01
C ARG A 103 -0.06 -1.41 -8.85
N ASN A 104 -0.83 -1.82 -7.85
CA ASN A 104 -1.15 -0.90 -6.76
C ASN A 104 -0.03 -0.78 -5.75
N SER A 105 0.68 -1.88 -5.47
CA SER A 105 1.69 -1.87 -4.42
C SER A 105 3.10 -1.58 -4.93
N VAL A 106 3.36 -1.72 -6.23
CA VAL A 106 4.67 -1.46 -6.81
C VAL A 106 4.60 -0.34 -7.86
N ILE A 107 3.73 -0.50 -8.85
CA ILE A 107 3.79 0.37 -10.04
C ILE A 107 3.38 1.79 -9.68
N HIS A 108 2.18 1.96 -9.12
CA HIS A 108 1.68 3.30 -8.81
C HIS A 108 2.57 4.07 -7.86
N PRO A 109 3.06 3.51 -6.73
CA PRO A 109 3.89 4.31 -5.82
C PRO A 109 5.34 4.45 -6.26
N ALA A 110 5.82 3.61 -7.18
CA ALA A 110 7.21 3.69 -7.60
C ALA A 110 7.49 5.00 -8.34
N MET A 111 8.77 5.36 -8.38
CA MET A 111 9.23 6.51 -9.15
C MET A 111 9.76 6.11 -10.52
N VAL A 112 10.39 4.94 -10.62
CA VAL A 112 10.71 4.37 -11.93
C VAL A 112 9.39 4.06 -12.63
N LYS A 113 9.22 4.61 -13.84
CA LYS A 113 8.03 4.33 -14.62
C LYS A 113 8.07 2.88 -15.11
N ILE A 114 7.00 2.13 -14.83
CA ILE A 114 6.97 0.70 -15.07
C ILE A 114 5.75 0.37 -15.92
N LYS A 115 5.98 -0.07 -17.15
CA LYS A 115 4.98 -0.79 -17.92
C LYS A 115 5.24 -2.28 -17.75
N SER A 116 4.34 -3.11 -18.28
CA SER A 116 4.40 -4.52 -17.95
C SER A 116 3.86 -5.37 -19.08
N TYR A 117 4.24 -6.65 -19.04
CA TYR A 117 3.62 -7.71 -19.81
C TYR A 117 2.96 -8.66 -18.83
N LEU A 118 1.71 -9.05 -19.12
CA LEU A 118 0.99 -9.95 -18.23
C LEU A 118 1.35 -11.40 -18.57
N ASN A 119 1.87 -12.13 -17.59
CA ASN A 119 2.17 -13.53 -17.83
C ASN A 119 0.89 -14.29 -18.13
N VAL A 120 1.00 -15.31 -18.97
CA VAL A 120 -0.17 -16.13 -19.28
C VAL A 120 -0.50 -17.03 -18.11
N VAL A 121 0.49 -17.38 -17.29
CA VAL A 121 0.26 -18.16 -16.08
C VAL A 121 -0.50 -17.30 -15.07
N ASN A 122 -1.39 -17.93 -14.31
CA ASN A 122 -2.28 -17.18 -13.41
C ASN A 122 -1.50 -16.40 -12.37
N VAL A 123 -0.44 -17.00 -11.81
CA VAL A 123 0.33 -16.37 -10.73
C VAL A 123 1.66 -15.84 -11.20
N GLY A 124 2.00 -15.99 -12.48
CA GLY A 124 3.24 -15.44 -13.00
C GLY A 124 4.47 -16.24 -12.68
N LEU A 125 5.55 -15.56 -12.27
CA LEU A 125 6.82 -16.19 -11.97
C LEU A 125 7.10 -16.21 -10.46
N SER A 126 6.04 -16.22 -9.65
CA SER A 126 6.20 -16.15 -8.20
C SER A 126 6.83 -17.41 -7.62
N THR A 127 6.88 -18.50 -8.37
CA THR A 127 7.38 -19.77 -7.88
C THR A 127 8.84 -20.01 -8.25
N LEU A 128 9.51 -19.01 -8.82
CA LEU A 128 10.77 -19.22 -9.53
C LEU A 128 11.99 -18.72 -8.77
N GLY A 129 11.95 -18.70 -7.44
CA GLY A 129 13.09 -18.13 -6.74
C GLY A 129 13.61 -18.87 -5.53
N GLY A 130 14.31 -18.13 -4.67
CA GLY A 130 14.86 -18.67 -3.44
C GLY A 130 16.03 -19.60 -3.62
N GLY A 131 16.51 -19.80 -4.85
CA GLY A 131 17.57 -20.74 -5.10
C GLY A 131 17.05 -21.99 -5.76
N PRO A 132 17.72 -23.12 -5.53
CA PRO A 132 17.27 -24.38 -6.14
C PRO A 132 15.88 -24.80 -5.70
N THR A 133 15.42 -24.38 -4.51
CA THR A 133 14.12 -24.83 -4.02
C THR A 133 12.97 -24.30 -4.86
N GLY A 134 13.16 -23.20 -5.60
CA GLY A 134 12.13 -22.73 -6.50
C GLY A 134 11.84 -23.74 -7.60
N TYR A 135 10.64 -23.61 -8.17
CA TYR A 135 10.20 -24.53 -9.20
C TYR A 135 9.59 -23.76 -10.37
N LEU A 136 9.54 -24.44 -11.51
CA LEU A 136 9.10 -23.80 -12.75
C LEU A 136 7.60 -23.54 -12.71
N GLU A 137 7.20 -22.41 -13.31
CA GLU A 137 5.80 -22.06 -13.39
C GLU A 137 5.05 -23.01 -14.32
N ASN A 138 3.73 -23.04 -14.17
CA ASN A 138 2.86 -23.96 -14.91
C ASN A 138 2.28 -23.22 -16.11
N THR A 139 2.77 -23.56 -17.31
CA THR A 139 2.30 -22.96 -18.55
C THR A 139 1.33 -23.86 -19.30
N ASN A 140 0.56 -24.68 -18.59
CA ASN A 140 -0.41 -25.56 -19.25
C ASN A 140 -1.57 -24.74 -19.78
N PRO A 141 -1.86 -24.79 -21.09
CA PRO A 141 -3.02 -24.05 -21.61
C PRO A 141 -4.34 -24.47 -20.97
N ALA A 142 -4.40 -25.67 -20.38
CA ALA A 142 -5.61 -26.10 -19.69
C ALA A 142 -5.87 -25.27 -18.44
N ASN A 143 -4.89 -24.53 -17.96
CA ASN A 143 -5.04 -23.67 -16.79
C ASN A 143 -4.97 -22.19 -17.13
N TYR A 144 -5.07 -21.84 -18.42
CA TYR A 144 -5.26 -20.44 -18.80
C TYR A 144 -6.70 -20.04 -18.52
N ASN A 145 -6.88 -18.94 -17.81
CA ASN A 145 -8.22 -18.38 -17.58
C ASN A 145 -8.40 -17.26 -18.60
N GLU A 146 -8.93 -17.64 -19.76
CA GLU A 146 -9.08 -16.68 -20.86
C GLU A 146 -9.93 -15.48 -20.48
N GLU A 147 -10.93 -15.68 -19.62
CA GLU A 147 -11.78 -14.54 -19.24
C GLU A 147 -11.05 -13.58 -18.31
N LYS A 148 -10.27 -14.11 -17.37
CA LYS A 148 -9.55 -13.25 -16.44
C LYS A 148 -8.39 -12.54 -17.12
N ILE A 149 -7.69 -13.24 -18.02
CA ILE A 149 -6.64 -12.60 -18.80
C ILE A 149 -7.21 -11.47 -19.63
N ALA A 150 -8.33 -11.72 -20.31
CA ALA A 150 -8.99 -10.67 -21.08
C ALA A 150 -9.44 -9.53 -20.19
N GLN A 151 -10.03 -9.85 -19.04
CA GLN A 151 -10.51 -8.81 -18.13
C GLN A 151 -9.36 -7.96 -17.62
N THR A 152 -8.28 -8.59 -17.17
CA THR A 152 -7.15 -7.84 -16.63
C THR A 152 -6.50 -6.98 -17.71
N LEU A 153 -6.36 -7.52 -18.92
CA LEU A 153 -5.80 -6.76 -20.02
C LEU A 153 -6.61 -5.51 -20.32
N ASN A 154 -7.93 -5.66 -20.44
CA ASN A 154 -8.76 -4.55 -20.91
C ASN A 154 -8.88 -3.45 -19.85
N ASP A 155 -9.03 -3.84 -18.58
CA ASP A 155 -9.13 -2.83 -17.54
C ASP A 155 -7.78 -2.18 -17.21
N ASN A 156 -6.70 -2.59 -17.87
CA ASN A 156 -5.37 -2.00 -17.65
C ASN A 156 -4.60 -1.91 -18.95
N ARG A 157 -5.30 -1.61 -20.05
CA ARG A 157 -4.64 -1.57 -21.36
C ARG A 157 -3.59 -0.48 -21.47
N ASP A 158 -3.51 0.44 -20.50
CA ASP A 158 -2.53 1.52 -20.51
C ASP A 158 -1.17 1.09 -19.98
N ASN A 159 -1.08 -0.07 -19.32
CA ASN A 159 0.15 -0.46 -18.64
C ASN A 159 0.61 -1.83 -19.13
N ILE A 160 -0.33 -2.65 -19.58
CA ILE A 160 -0.01 -3.97 -20.11
C ILE A 160 0.16 -3.85 -21.62
N LEU A 161 1.33 -4.21 -22.11
CA LEU A 161 1.63 -4.17 -23.54
C LEU A 161 1.37 -5.50 -24.23
N GLY A 162 1.03 -6.55 -23.50
CA GLY A 162 0.78 -7.83 -24.10
C GLY A 162 0.94 -8.94 -23.07
N LEU A 163 1.08 -10.16 -23.58
CA LEU A 163 1.22 -11.34 -22.74
C LEU A 163 2.64 -11.90 -22.81
N LYS A 164 3.16 -12.30 -21.66
CA LYS A 164 4.47 -12.92 -21.56
C LYS A 164 4.32 -14.43 -21.44
N LEU A 165 5.09 -15.16 -22.23
CA LEU A 165 5.17 -16.61 -22.14
C LEU A 165 6.63 -17.02 -22.08
N ARG A 166 6.94 -17.96 -21.19
CA ARG A 166 8.23 -18.63 -21.19
C ARG A 166 8.04 -20.00 -21.83
N TYR A 167 8.85 -20.28 -22.84
CA TYR A 167 8.63 -21.43 -23.72
C TYR A 167 9.93 -22.23 -23.86
N SER A 168 10.40 -22.76 -22.73
CA SER A 168 11.50 -23.71 -22.75
C SER A 168 10.96 -25.13 -22.79
N GLN A 169 11.68 -26.01 -23.47
CA GLN A 169 11.27 -27.42 -23.49
C GLN A 169 11.09 -27.96 -22.09
N ASP A 170 11.97 -27.53 -21.16
CA ASP A 170 11.95 -28.06 -19.80
C ASP A 170 10.67 -27.69 -19.05
N ILE A 171 10.01 -26.59 -19.42
CA ILE A 171 8.79 -26.19 -18.74
C ILE A 171 7.70 -27.23 -18.96
N ALA A 172 7.51 -27.64 -20.21
CA ALA A 172 6.49 -28.62 -20.56
C ALA A 172 7.03 -30.05 -20.66
N ARG A 173 8.35 -30.24 -20.62
CA ARG A 173 8.91 -31.58 -20.77
C ARG A 173 8.46 -32.48 -19.63
N GLY A 174 7.88 -33.63 -19.98
CA GLY A 174 7.44 -34.58 -18.99
C GLY A 174 6.01 -34.33 -18.54
N LYS A 175 5.77 -33.15 -17.97
CA LYS A 175 4.42 -32.73 -17.62
C LYS A 175 3.55 -32.74 -18.87
N GLN A 176 2.59 -33.66 -18.93
CA GLN A 176 1.83 -33.91 -20.16
C GLN A 176 0.73 -32.86 -20.30
N TYR A 177 1.11 -31.72 -20.88
CA TYR A 177 0.19 -30.61 -21.07
C TYR A 177 -0.89 -30.97 -22.11
N ALA A 178 -1.96 -30.19 -22.11
CA ALA A 178 -3.07 -30.43 -23.02
C ALA A 178 -2.70 -30.06 -24.45
N SER A 179 -2.30 -28.81 -24.65
CA SER A 179 -1.91 -28.30 -25.96
C SER A 179 -0.48 -27.76 -25.89
N ASP A 180 -0.04 -27.14 -26.97
CA ASP A 180 1.28 -26.53 -26.95
C ASP A 180 1.17 -25.10 -26.39
N PRO A 181 1.96 -24.74 -25.37
CA PRO A 181 1.79 -23.41 -24.75
C PRO A 181 1.95 -22.26 -25.73
N LEU A 182 2.91 -22.35 -26.64
CA LEU A 182 3.12 -21.26 -27.60
C LEU A 182 1.89 -21.07 -28.46
N LEU A 183 1.43 -22.14 -29.13
CA LEU A 183 0.27 -22.04 -30.01
C LEU A 183 -0.95 -21.50 -29.26
N ALA A 184 -1.14 -21.94 -28.02
CA ALA A 184 -2.28 -21.46 -27.24
C ALA A 184 -2.13 -19.99 -26.89
N THR A 185 -0.96 -19.58 -26.41
CA THR A 185 -0.79 -18.19 -25.99
C THR A 185 -0.82 -17.26 -27.19
N VAL A 186 -0.27 -17.68 -28.34
CA VAL A 186 -0.36 -16.86 -29.53
C VAL A 186 -1.80 -16.74 -30.00
N ALA A 187 -2.53 -17.86 -29.98
CA ALA A 187 -3.95 -17.82 -30.33
C ALA A 187 -4.70 -16.83 -29.45
N LEU A 188 -4.46 -16.89 -28.13
CA LEU A 188 -5.12 -15.96 -27.22
C LEU A 188 -4.69 -14.52 -27.47
N VAL A 189 -3.40 -14.31 -27.68
CA VAL A 189 -2.88 -12.96 -27.97
C VAL A 189 -3.52 -12.41 -29.24
N ARG A 190 -3.66 -13.25 -30.26
CA ARG A 190 -4.32 -12.83 -31.48
C ARG A 190 -5.79 -12.52 -31.24
N LYS A 191 -6.50 -13.43 -30.56
CA LYS A 191 -7.92 -13.22 -30.30
C LYS A 191 -8.15 -11.96 -29.48
N LEU A 192 -7.23 -11.64 -28.57
CA LEU A 192 -7.38 -10.49 -27.70
C LEU A 192 -6.80 -9.20 -28.27
N GLU A 193 -6.32 -9.24 -29.52
CA GLU A 193 -5.76 -8.07 -30.21
C GLU A 193 -4.70 -7.39 -29.34
N THR A 194 -3.67 -8.14 -29.03
CA THR A 194 -2.54 -7.64 -28.26
C THR A 194 -1.27 -8.29 -28.82
N SER A 195 -0.17 -8.20 -28.10
CA SER A 195 1.12 -8.69 -28.55
C SER A 195 1.66 -9.70 -27.56
N ILE A 196 2.69 -10.44 -27.99
CA ILE A 196 3.29 -11.48 -27.17
C ILE A 196 4.78 -11.18 -26.97
N CYS A 197 5.29 -11.58 -25.82
CA CYS A 197 6.72 -11.63 -25.53
C CYS A 197 7.05 -13.01 -25.01
N VAL A 198 8.03 -13.67 -25.63
CA VAL A 198 8.32 -15.08 -25.39
C VAL A 198 9.79 -15.27 -25.07
N HIS A 199 10.08 -15.82 -23.88
CA HIS A 199 11.36 -16.48 -23.63
C HIS A 199 11.52 -17.60 -24.65
N VAL A 200 12.60 -17.58 -25.44
CA VAL A 200 12.81 -18.55 -26.51
C VAL A 200 13.84 -19.61 -26.16
N THR A 201 14.50 -19.51 -25.00
CA THR A 201 15.61 -20.41 -24.67
C THR A 201 15.14 -21.85 -24.58
N ASP A 202 15.89 -22.75 -25.20
CA ASP A 202 15.59 -24.20 -25.23
C ASP A 202 14.16 -24.45 -25.71
N SER A 203 13.74 -23.67 -26.71
CA SER A 203 12.43 -23.87 -27.30
C SER A 203 12.39 -25.21 -28.03
N LEU A 204 11.19 -25.77 -28.13
CA LEU A 204 11.03 -27.05 -28.82
C LEU A 204 11.31 -26.91 -30.32
N LEU A 205 10.85 -25.82 -30.92
CA LEU A 205 10.93 -25.63 -32.37
C LEU A 205 12.23 -24.93 -32.76
N CYS A 206 12.58 -25.06 -34.04
CA CYS A 206 13.72 -24.34 -34.60
C CYS A 206 13.35 -22.88 -34.84
N ALA A 207 14.36 -22.01 -34.85
CA ALA A 207 14.11 -20.58 -34.94
C ALA A 207 13.37 -20.24 -36.23
N ASP A 208 13.67 -20.94 -37.33
CA ASP A 208 12.98 -20.68 -38.59
C ASP A 208 11.51 -21.06 -38.49
N GLU A 209 11.20 -22.16 -37.81
CA GLU A 209 9.81 -22.51 -37.55
C GLU A 209 9.21 -21.58 -36.52
N LEU A 210 9.86 -21.43 -35.36
CA LEU A 210 9.42 -20.57 -34.27
C LEU A 210 8.94 -19.20 -34.75
N ILE A 211 9.79 -18.51 -35.51
CA ILE A 211 9.56 -17.11 -35.85
C ILE A 211 8.33 -16.91 -36.72
N ARG A 212 7.80 -17.98 -37.31
CA ARG A 212 6.60 -17.87 -38.14
C ARG A 212 5.35 -17.49 -37.34
N TYR A 213 5.40 -17.57 -36.01
CA TYR A 213 4.26 -17.22 -35.17
C TYR A 213 4.29 -15.76 -34.71
N PHE A 214 5.37 -15.04 -34.98
CA PHE A 214 5.56 -13.69 -34.47
C PHE A 214 5.08 -12.66 -35.48
N GLU A 215 4.55 -11.56 -34.96
CA GLU A 215 4.03 -10.47 -35.78
C GLU A 215 4.69 -9.16 -35.36
N GLU A 216 4.44 -8.12 -36.15
CA GLU A 216 5.00 -6.81 -35.87
C GLU A 216 4.62 -6.34 -34.47
N GLY A 217 5.62 -5.94 -33.68
CA GLY A 217 5.41 -5.51 -32.32
C GLY A 217 5.62 -6.58 -31.27
N ASP A 218 5.76 -7.84 -31.66
CA ASP A 218 6.02 -8.91 -30.72
C ASP A 218 7.50 -8.98 -30.37
N ILE A 219 7.79 -9.62 -29.23
CA ILE A 219 9.14 -9.62 -28.66
C ILE A 219 9.69 -11.04 -28.73
N TYR A 220 10.89 -11.17 -29.29
CA TYR A 220 11.65 -12.42 -29.31
C TYR A 220 12.72 -12.28 -28.24
N ALA A 221 12.39 -12.65 -27.01
CA ALA A 221 13.29 -12.45 -25.90
C ALA A 221 14.45 -13.44 -25.92
N HIS A 222 15.62 -12.95 -25.52
CA HIS A 222 16.85 -13.72 -25.48
C HIS A 222 17.22 -14.24 -26.87
N CYS A 223 17.47 -13.29 -27.77
CA CYS A 223 17.76 -13.65 -29.16
C CYS A 223 19.13 -14.28 -29.33
N PHE A 224 20.06 -14.03 -28.41
CA PHE A 224 21.41 -14.58 -28.47
C PHE A 224 21.61 -15.67 -27.43
N HIS A 225 20.58 -16.47 -27.15
CA HIS A 225 20.64 -17.36 -25.99
C HIS A 225 21.57 -18.55 -26.24
N GLY A 226 21.60 -19.08 -27.46
CA GLY A 226 22.56 -20.11 -27.82
C GLY A 226 22.47 -21.38 -27.01
N THR A 227 21.30 -21.71 -26.48
CA THR A 227 21.06 -22.94 -25.73
C THR A 227 19.96 -23.71 -26.44
N GLY A 228 20.36 -24.69 -27.25
CA GLY A 228 19.42 -25.44 -28.06
C GLY A 228 19.29 -24.81 -29.45
N HIS A 229 18.06 -24.45 -29.82
CA HIS A 229 17.78 -23.89 -31.14
C HIS A 229 18.01 -22.39 -31.08
N SER A 230 19.14 -21.94 -31.63
CA SER A 230 19.51 -20.55 -31.67
C SER A 230 18.97 -19.90 -32.95
N ILE A 231 19.33 -18.64 -33.19
CA ILE A 231 18.88 -17.92 -34.38
C ILE A 231 19.85 -18.18 -35.53
N LEU A 232 20.76 -19.13 -35.33
CA LEU A 232 21.74 -19.51 -36.34
C LEU A 232 21.40 -20.88 -36.89
N ASN A 233 21.53 -21.03 -38.21
CA ASN A 233 21.26 -22.32 -38.84
C ASN A 233 22.46 -23.25 -38.70
N GLU A 234 22.35 -24.43 -39.31
CA GLU A 234 23.37 -25.47 -39.14
C GLU A 234 24.74 -25.08 -39.69
N GLN A 235 24.82 -23.99 -40.46
CA GLN A 235 26.08 -23.50 -40.99
C GLN A 235 26.52 -22.20 -40.33
N GLY A 236 25.84 -21.76 -39.28
CA GLY A 236 26.27 -20.61 -38.52
C GLY A 236 25.73 -19.27 -38.98
N GLN A 237 24.71 -19.25 -39.83
CA GLN A 237 24.14 -18.02 -40.34
C GLN A 237 22.79 -17.74 -39.70
N VAL A 238 22.50 -16.45 -39.48
CA VAL A 238 21.18 -16.04 -39.05
C VAL A 238 20.17 -16.47 -40.10
N TYR A 239 19.09 -17.11 -39.65
CA TYR A 239 18.03 -17.54 -40.57
C TYR A 239 17.50 -16.34 -41.34
N ALA A 240 17.21 -16.55 -42.63
CA ALA A 240 16.59 -15.49 -43.42
C ALA A 240 15.22 -15.13 -42.89
N ALA A 241 14.53 -16.08 -42.23
CA ALA A 241 13.25 -15.77 -41.64
C ALA A 241 13.40 -14.91 -40.39
N ILE A 242 14.42 -15.20 -39.58
CA ILE A 242 14.73 -14.34 -38.44
C ILE A 242 15.01 -12.92 -38.91
N LYS A 243 15.74 -12.78 -40.02
CA LYS A 243 16.07 -11.47 -40.55
C LYS A 243 14.82 -10.79 -41.13
N GLU A 244 14.00 -11.54 -41.85
CA GLU A 244 12.77 -10.97 -42.40
C GLU A 244 11.82 -10.52 -41.30
N ALA A 245 11.79 -11.24 -40.18
CA ALA A 245 10.91 -10.87 -39.08
C ALA A 245 11.32 -9.53 -38.46
N GLN A 246 12.62 -9.33 -38.25
CA GLN A 246 13.09 -8.05 -37.74
C GLN A 246 12.64 -6.91 -38.65
N SER A 247 12.64 -7.15 -39.97
CA SER A 247 12.20 -6.12 -40.90
C SER A 247 10.69 -5.92 -40.87
N ARG A 248 9.93 -6.98 -40.59
CA ARG A 248 8.49 -6.84 -40.48
C ARG A 248 8.10 -6.00 -39.27
N GLY A 249 8.88 -6.06 -38.20
CA GLY A 249 8.59 -5.30 -37.01
C GLY A 249 8.75 -6.10 -35.74
N VAL A 250 9.04 -7.39 -35.90
CA VAL A 250 9.27 -8.25 -34.74
C VAL A 250 10.51 -7.75 -34.00
N ILE A 251 10.32 -7.36 -32.74
CA ILE A 251 11.38 -6.77 -31.96
C ILE A 251 12.21 -7.87 -31.31
N PHE A 252 13.50 -7.90 -31.63
CA PHE A 252 14.42 -8.86 -31.02
C PHE A 252 15.11 -8.21 -29.84
N ASP A 253 15.12 -8.92 -28.71
CA ASP A 253 15.62 -8.41 -27.45
C ASP A 253 16.66 -9.39 -26.91
N CYS A 254 17.84 -8.88 -26.58
CA CYS A 254 18.90 -9.71 -26.01
C CYS A 254 18.84 -9.59 -24.49
N SER A 255 17.97 -10.38 -23.90
CA SER A 255 17.79 -10.35 -22.45
C SER A 255 18.91 -11.15 -21.81
N ASN A 256 19.92 -10.44 -21.29
CA ASN A 256 21.14 -11.06 -20.81
C ASN A 256 20.89 -11.66 -19.43
N GLY A 257 20.36 -12.88 -19.43
CA GLY A 257 20.12 -13.54 -18.16
C GLY A 257 21.41 -14.03 -17.51
N VAL A 258 21.31 -15.06 -16.68
CA VAL A 258 22.49 -15.81 -16.28
C VAL A 258 22.70 -17.02 -17.16
N ALA A 259 21.72 -17.35 -18.02
CA ALA A 259 21.84 -18.50 -18.91
C ALA A 259 21.25 -18.20 -20.30
N HIS A 260 21.12 -16.92 -20.66
CA HIS A 260 20.38 -16.51 -21.84
C HIS A 260 21.22 -15.71 -22.83
N PHE A 261 22.55 -15.82 -22.74
CA PHE A 261 23.44 -15.09 -23.63
C PHE A 261 24.63 -15.96 -23.95
N ASP A 262 24.98 -16.06 -25.22
CA ASP A 262 26.13 -16.81 -25.68
C ASP A 262 26.98 -15.90 -26.55
N PHE A 263 28.27 -15.81 -26.22
CA PHE A 263 29.16 -14.94 -26.98
C PHE A 263 29.27 -15.39 -28.43
N LYS A 264 29.27 -16.70 -28.67
CA LYS A 264 29.43 -17.20 -30.03
C LYS A 264 28.22 -16.87 -30.92
N VAL A 265 27.02 -16.82 -30.34
CA VAL A 265 25.84 -16.48 -31.13
C VAL A 265 25.77 -14.98 -31.38
N ALA A 266 25.99 -14.18 -30.34
CA ALA A 266 25.94 -12.73 -30.47
C ALA A 266 27.01 -12.24 -31.46
N GLN A 267 28.27 -12.64 -31.26
CA GLN A 267 29.35 -12.21 -32.13
C GLN A 267 29.05 -12.53 -33.60
N SER A 268 28.61 -13.76 -33.86
CA SER A 268 28.27 -14.15 -35.23
C SER A 268 27.16 -13.28 -35.79
N ALA A 269 26.07 -13.12 -35.03
CA ALA A 269 24.94 -12.34 -35.50
C ALA A 269 25.35 -10.90 -35.81
N MET A 270 26.20 -10.31 -34.98
CA MET A 270 26.65 -8.95 -35.23
C MET A 270 27.68 -8.89 -36.35
N GLU A 271 28.42 -9.97 -36.58
CA GLU A 271 29.30 -9.99 -37.74
C GLU A 271 28.49 -10.00 -39.04
N GLN A 272 27.36 -10.71 -39.05
CA GLN A 272 26.50 -10.79 -40.22
C GLN A 272 25.52 -9.62 -40.33
N GLY A 273 25.54 -8.69 -39.37
CA GLY A 273 24.72 -7.51 -39.42
C GLY A 273 23.42 -7.57 -38.65
N PHE A 274 23.20 -8.63 -37.87
CA PHE A 274 22.00 -8.77 -37.05
C PHE A 274 22.26 -8.16 -35.68
N TYR A 275 21.66 -7.01 -35.42
CA TYR A 275 21.78 -6.38 -34.11
C TYR A 275 20.46 -6.43 -33.36
N PRO A 276 20.48 -6.70 -32.07
CA PRO A 276 19.23 -6.73 -31.31
C PRO A 276 18.62 -5.34 -31.23
N ASP A 277 17.29 -5.27 -31.39
CA ASP A 277 16.62 -3.99 -31.32
C ASP A 277 16.55 -3.46 -29.90
N ILE A 278 16.61 -4.34 -28.91
CA ILE A 278 16.49 -3.98 -27.50
C ILE A 278 17.61 -4.66 -26.73
N ILE A 279 18.31 -3.89 -25.90
CA ILE A 279 19.27 -4.42 -24.95
C ILE A 279 18.67 -4.32 -23.57
N SER A 280 18.63 -5.44 -22.85
CA SER A 280 17.98 -5.53 -21.55
C SER A 280 18.76 -6.48 -20.67
N THR A 281 18.30 -6.66 -19.44
CA THR A 281 19.06 -7.37 -18.42
C THR A 281 18.46 -8.70 -18.00
N ASP A 282 17.14 -8.89 -18.13
CA ASP A 282 16.45 -9.95 -17.38
C ASP A 282 16.80 -9.83 -15.90
N LEU A 283 16.77 -8.58 -15.42
CA LEU A 283 17.17 -8.25 -14.06
C LEU A 283 16.40 -9.06 -13.03
N THR A 284 17.12 -9.80 -12.20
CA THR A 284 16.57 -10.46 -11.03
C THR A 284 17.46 -10.15 -9.84
N LEU A 285 16.95 -10.48 -8.65
CA LEU A 285 17.73 -10.27 -7.43
C LEU A 285 19.00 -11.11 -7.43
N ARG A 286 19.05 -12.16 -8.23
CA ARG A 286 20.21 -13.04 -8.30
C ARG A 286 21.34 -12.46 -9.15
N ASN A 287 21.00 -11.68 -10.19
CA ASN A 287 22.00 -11.17 -11.11
C ASN A 287 22.17 -9.65 -11.05
N SER A 288 21.63 -8.99 -10.02
CA SER A 288 21.74 -7.55 -9.89
C SER A 288 22.96 -7.19 -9.06
N LEU A 289 23.82 -6.34 -9.63
CA LEU A 289 25.03 -5.85 -8.95
C LEU A 289 25.89 -7.00 -8.44
N ARG A 290 25.89 -8.14 -9.14
CA ARG A 290 26.48 -9.35 -8.56
C ARG A 290 27.47 -10.06 -9.48
N THR A 291 27.07 -10.34 -10.71
CA THR A 291 27.81 -11.29 -11.53
C THR A 291 28.76 -10.58 -12.50
N ASP A 292 29.20 -11.31 -13.53
CA ASP A 292 29.89 -10.74 -14.68
C ASP A 292 29.06 -10.81 -15.96
N LYS A 293 27.90 -11.48 -15.94
CA LYS A 293 27.04 -11.59 -17.11
C LYS A 293 26.07 -10.41 -17.13
N VAL A 294 25.19 -10.35 -16.13
CA VAL A 294 24.38 -9.17 -15.86
C VAL A 294 24.86 -8.58 -14.55
N TYR A 295 24.70 -7.27 -14.42
CA TYR A 295 25.11 -6.56 -13.20
C TYR A 295 24.22 -5.35 -13.09
N SER A 296 24.15 -4.61 -14.18
CA SER A 296 23.26 -3.47 -14.34
C SER A 296 22.99 -3.34 -15.82
N LEU A 297 22.04 -2.46 -16.17
CA LEU A 297 21.86 -2.16 -17.57
C LEU A 297 23.13 -1.57 -18.16
N LEU A 298 23.77 -0.66 -17.42
CA LEU A 298 25.03 -0.09 -17.87
C LEU A 298 26.07 -1.18 -18.15
N HIS A 299 26.07 -2.24 -17.34
CA HIS A 299 27.04 -3.30 -17.54
C HIS A 299 26.77 -4.06 -18.83
N VAL A 300 25.51 -4.41 -19.09
CA VAL A 300 25.18 -5.17 -20.30
C VAL A 300 25.46 -4.33 -21.55
N MET A 301 25.09 -3.05 -21.53
CA MET A 301 25.43 -2.16 -22.64
C MET A 301 26.94 -2.13 -22.87
N SER A 302 27.71 -2.00 -21.78
CA SER A 302 29.16 -1.94 -21.91
C SER A 302 29.72 -3.21 -22.55
N LYS A 303 29.08 -4.35 -22.34
CA LYS A 303 29.49 -5.57 -23.04
C LYS A 303 29.35 -5.40 -24.54
N TYR A 304 28.21 -4.88 -24.99
CA TYR A 304 27.98 -4.70 -26.43
C TYR A 304 28.88 -3.61 -27.00
N LEU A 305 29.29 -2.64 -26.17
CA LEU A 305 30.24 -1.63 -26.64
C LEU A 305 31.59 -2.26 -26.93
N ASN A 306 32.10 -3.08 -26.00
CA ASN A 306 33.35 -3.80 -26.22
C ASN A 306 33.22 -4.95 -27.20
N MET A 307 32.01 -5.22 -27.70
CA MET A 307 31.79 -6.29 -28.66
C MET A 307 31.74 -5.81 -30.10
N GLY A 308 31.82 -4.50 -30.32
CA GLY A 308 31.84 -3.93 -31.66
C GLY A 308 30.60 -3.16 -32.06
N MET A 309 29.57 -3.11 -31.21
CA MET A 309 28.33 -2.44 -31.58
C MET A 309 28.50 -0.93 -31.44
N PRO A 310 28.14 -0.14 -32.45
CA PRO A 310 28.31 1.32 -32.35
C PRO A 310 27.59 1.90 -31.15
N PHE A 311 28.17 2.96 -30.59
CA PHE A 311 27.66 3.54 -29.35
C PHE A 311 26.24 4.08 -29.55
N PHE A 312 25.99 4.76 -30.67
CA PHE A 312 24.68 5.36 -30.89
C PHE A 312 23.59 4.31 -31.09
N ASP A 313 23.96 3.09 -31.45
CA ASP A 313 22.98 2.01 -31.56
C ASP A 313 22.76 1.29 -30.24
N VAL A 314 23.77 1.29 -29.36
CA VAL A 314 23.55 0.84 -27.99
C VAL A 314 22.60 1.79 -27.28
N ILE A 315 22.85 3.10 -27.42
CA ILE A 315 22.02 4.09 -26.74
C ILE A 315 20.57 3.99 -27.20
N ARG A 316 20.36 3.81 -28.50
CA ARG A 316 19.00 3.74 -29.02
C ARG A 316 18.27 2.50 -28.52
N ALA A 317 18.98 1.37 -28.42
CA ALA A 317 18.37 0.12 -27.96
C ALA A 317 17.99 0.15 -26.49
N VAL A 318 18.30 1.22 -25.76
CA VAL A 318 17.88 1.36 -24.37
C VAL A 318 17.17 2.69 -24.18
N THR A 319 16.87 3.38 -25.27
CA THR A 319 16.16 4.65 -25.16
C THR A 319 15.01 4.77 -26.16
N ALA A 320 15.33 5.14 -27.40
CA ALA A 320 14.29 5.44 -28.37
C ALA A 320 13.46 4.21 -28.71
N THR A 321 14.11 3.08 -28.97
CA THR A 321 13.38 1.87 -29.37
C THR A 321 12.40 1.41 -28.30
N PRO A 322 12.80 1.13 -27.05
CA PRO A 322 11.81 0.63 -26.08
C PRO A 322 10.74 1.65 -25.74
N ALA A 323 11.08 2.95 -25.75
CA ALA A 323 10.05 3.97 -25.50
C ALA A 323 8.94 3.89 -26.54
N ARG A 324 9.27 3.50 -27.78
CA ARG A 324 8.25 3.33 -28.80
C ARG A 324 7.39 2.10 -28.51
N LEU A 325 8.01 1.01 -28.07
CA LEU A 325 7.25 -0.20 -27.77
C LEU A 325 6.39 -0.03 -26.53
N MET A 326 6.83 0.80 -25.59
CA MET A 326 6.03 1.13 -24.41
C MET A 326 4.95 2.15 -24.72
N LYS A 327 4.85 2.58 -25.99
CA LYS A 327 3.87 3.57 -26.44
C LYS A 327 4.02 4.88 -25.68
N MET A 328 5.27 5.25 -25.40
CA MET A 328 5.60 6.49 -24.69
C MET A 328 6.47 7.41 -25.52
N GLN A 329 6.47 7.24 -26.85
CA GLN A 329 7.33 8.03 -27.72
C GLN A 329 7.16 9.52 -27.47
N GLY A 330 8.29 10.20 -27.24
CA GLY A 330 8.30 11.62 -27.02
C GLY A 330 8.27 12.04 -25.56
N GLN A 331 7.82 11.17 -24.66
CA GLN A 331 7.80 11.51 -23.24
C GLN A 331 9.06 11.02 -22.52
N ILE A 332 9.56 9.85 -22.90
CA ILE A 332 10.77 9.29 -22.33
C ILE A 332 11.62 8.70 -23.46
N GLY A 333 12.82 8.26 -23.11
CA GLY A 333 13.75 7.79 -24.12
C GLY A 333 14.27 8.87 -25.02
N THR A 334 14.17 10.13 -24.60
CA THR A 334 14.59 11.27 -25.41
C THR A 334 14.83 12.45 -24.48
N LEU A 335 15.66 13.38 -24.94
CA LEU A 335 15.94 14.61 -24.20
C LEU A 335 15.30 15.83 -24.83
N ALA A 336 14.41 15.64 -25.79
CA ALA A 336 13.75 16.74 -26.48
C ALA A 336 12.86 17.52 -25.52
N ALA A 337 12.55 18.76 -25.90
CA ALA A 337 11.74 19.63 -25.06
C ALA A 337 10.35 19.04 -24.85
N ASN A 338 9.81 19.27 -23.64
CA ASN A 338 8.52 18.81 -23.17
C ASN A 338 8.48 17.31 -22.89
N ALA A 339 9.58 16.60 -23.05
CA ALA A 339 9.66 15.23 -22.57
C ALA A 339 9.82 15.23 -21.06
N ILE A 340 9.47 14.09 -20.43
CA ILE A 340 9.64 13.97 -18.99
C ILE A 340 11.13 14.05 -18.66
N ALA A 341 11.44 14.85 -17.63
CA ALA A 341 12.83 15.09 -17.25
C ALA A 341 13.48 13.84 -16.64
N ASP A 342 13.70 12.82 -17.47
CA ASP A 342 14.45 11.63 -17.08
C ASP A 342 15.81 11.72 -17.76
N ILE A 343 16.86 11.97 -16.98
CA ILE A 343 18.19 12.25 -17.51
C ILE A 343 19.22 11.40 -16.79
N SER A 344 20.13 10.80 -17.57
CA SER A 344 21.25 10.04 -17.04
C SER A 344 22.55 10.69 -17.49
N ILE A 345 23.45 10.94 -16.54
CA ILE A 345 24.75 11.55 -16.81
C ILE A 345 25.81 10.49 -16.62
N VAL A 346 26.40 10.03 -17.73
CA VAL A 346 27.34 8.92 -17.69
C VAL A 346 28.72 9.39 -18.17
N LYS A 347 29.74 8.66 -17.72
CA LYS A 347 31.11 8.87 -18.12
C LYS A 347 31.67 7.58 -18.72
N LEU A 348 32.38 7.71 -19.83
CA LEU A 348 33.02 6.57 -20.49
C LEU A 348 34.36 6.31 -19.78
N ARG A 349 34.37 5.36 -18.85
CA ARG A 349 35.54 5.07 -18.05
C ARG A 349 36.43 4.04 -18.75
N LYS A 350 37.74 4.22 -18.65
CA LYS A 350 38.71 3.32 -19.23
C LYS A 350 39.27 2.41 -18.13
N ASP A 351 39.04 1.10 -18.27
CA ASP A 351 39.52 0.12 -17.30
C ASP A 351 39.28 -1.28 -17.86
N LYS A 352 40.14 -2.21 -17.45
CA LYS A 352 40.00 -3.60 -17.87
C LYS A 352 38.80 -4.23 -17.17
N ILE A 353 37.89 -4.79 -17.94
CA ILE A 353 36.64 -5.36 -17.42
C ILE A 353 36.31 -6.62 -18.20
N THR A 354 35.97 -7.68 -17.48
CA THR A 354 35.70 -8.98 -18.08
C THR A 354 34.20 -9.22 -18.14
N PHE A 355 33.74 -9.73 -19.28
CA PHE A 355 32.34 -10.06 -19.50
C PHE A 355 32.22 -11.56 -19.72
N GLU A 356 31.32 -12.19 -18.97
CA GLU A 356 31.13 -13.63 -19.02
C GLU A 356 29.79 -13.97 -19.65
N ASP A 357 29.73 -15.11 -20.33
CA ASP A 357 28.51 -15.60 -20.96
C ASP A 357 28.06 -16.89 -20.27
N THR A 358 27.00 -17.49 -20.83
CA THR A 358 26.33 -18.61 -20.17
C THR A 358 27.25 -19.79 -19.91
N ARG A 359 28.19 -20.04 -20.82
CA ARG A 359 29.06 -21.21 -20.71
C ARG A 359 30.38 -20.89 -20.00
N GLY A 360 30.63 -19.65 -19.64
CA GLY A 360 31.87 -19.27 -18.99
C GLY A 360 32.90 -18.64 -19.89
N LYS A 361 32.57 -18.37 -21.15
CA LYS A 361 33.52 -17.78 -22.09
C LYS A 361 33.67 -16.29 -21.78
N THR A 362 34.91 -15.86 -21.61
CA THR A 362 35.20 -14.51 -21.14
C THR A 362 35.62 -13.59 -22.28
N LEU A 363 35.40 -12.29 -22.08
CA LEU A 363 35.86 -11.26 -22.99
C LEU A 363 36.38 -10.09 -22.16
N GLU A 364 37.66 -9.77 -22.33
CA GLU A 364 38.28 -8.69 -21.58
C GLU A 364 38.10 -7.40 -22.37
N GLY A 365 37.19 -6.54 -21.91
CA GLY A 365 37.01 -5.24 -22.49
C GLY A 365 37.92 -4.20 -21.86
N ASP A 366 37.85 -2.97 -22.38
CA ASP A 366 38.69 -1.89 -21.90
C ASP A 366 37.93 -0.66 -21.47
N CYS A 367 36.60 -0.64 -21.57
CA CYS A 367 35.82 0.49 -21.10
C CYS A 367 34.49 0.01 -20.58
N TYR A 368 33.82 0.88 -19.83
CA TYR A 368 32.47 0.65 -19.34
C TYR A 368 31.84 1.99 -19.05
N LEU A 369 30.51 2.00 -18.97
CA LEU A 369 29.76 3.22 -18.70
C LEU A 369 29.47 3.34 -17.21
N ASP A 370 29.81 4.49 -16.63
CA ASP A 370 29.71 4.75 -15.20
C ASP A 370 28.75 5.91 -14.99
N ASN A 371 27.61 5.64 -14.36
CA ASN A 371 26.62 6.69 -14.12
C ASN A 371 27.04 7.57 -12.95
N CYS A 372 26.82 8.87 -13.10
CA CYS A 372 27.25 9.84 -12.11
C CYS A 372 26.12 10.62 -11.47
N ALA A 373 25.03 10.88 -12.20
CA ALA A 373 23.89 11.59 -11.65
C ALA A 373 22.64 11.17 -12.40
N THR A 374 21.53 11.06 -11.68
CA THR A 374 20.25 10.65 -12.26
C THR A 374 19.17 11.66 -11.91
N ILE A 375 18.49 12.17 -12.93
CA ILE A 375 17.34 13.05 -12.76
C ILE A 375 16.09 12.26 -13.10
N CYS A 376 15.13 12.24 -12.18
CA CYS A 376 13.89 11.51 -12.38
C CYS A 376 12.72 12.40 -12.03
N ASN A 377 11.84 12.65 -12.99
CA ASN A 377 10.69 13.54 -12.81
C ASN A 377 11.13 14.92 -12.34
N GLY A 378 12.26 15.39 -12.89
CA GLY A 378 12.75 16.71 -12.55
C GLY A 378 13.38 16.81 -11.18
N GLN A 379 13.66 15.69 -10.53
CA GLN A 379 14.26 15.67 -9.19
C GLN A 379 15.59 14.95 -9.23
N ILE A 380 16.62 15.58 -8.69
CA ILE A 380 17.92 14.94 -8.49
C ILE A 380 17.74 13.81 -7.48
N VAL A 381 17.91 12.58 -7.94
CA VAL A 381 17.76 11.40 -7.09
C VAL A 381 19.07 10.66 -6.91
N TYR A 382 20.11 11.02 -7.65
CA TYR A 382 21.43 10.45 -7.49
C TYR A 382 22.42 11.47 -8.01
N ARG A 383 23.46 11.78 -7.22
CA ARG A 383 24.40 12.83 -7.60
C ARG A 383 25.69 12.66 -6.81
N ARG A 384 26.68 12.02 -7.44
CA ARG A 384 28.02 12.02 -6.87
C ARG A 384 28.48 13.44 -6.66
N LEU A 385 28.99 13.74 -5.46
CA LEU A 385 29.41 15.10 -5.14
C LEU A 385 30.45 15.61 -6.12
N ARG A 386 31.39 14.74 -6.49
CA ARG A 386 32.35 15.03 -7.56
C ARG A 386 32.40 13.77 -8.43
N PHE A 387 32.14 13.94 -9.72
CA PHE A 387 32.28 12.80 -10.61
C PHE A 387 33.36 13.03 -11.65
N LEU B 3 -23.64 -17.32 -17.01
CA LEU B 3 -24.24 -16.25 -16.22
C LEU B 3 -23.94 -16.44 -14.73
N ASP B 4 -23.27 -15.46 -14.14
CA ASP B 4 -22.76 -15.58 -12.77
C ASP B 4 -23.84 -15.29 -11.73
N ILE B 5 -24.54 -14.16 -11.85
CA ILE B 5 -25.64 -13.86 -10.94
C ILE B 5 -26.89 -13.49 -11.74
N VAL B 6 -28.04 -13.92 -11.24
CA VAL B 6 -29.33 -13.44 -11.71
C VAL B 6 -30.10 -12.91 -10.51
N ILE B 7 -30.74 -11.75 -10.68
CA ILE B 7 -31.68 -11.22 -9.71
C ILE B 7 -33.08 -11.34 -10.30
N LYS B 8 -33.93 -12.13 -9.67
CA LYS B 8 -35.26 -12.42 -10.20
C LYS B 8 -36.34 -11.89 -9.27
N ASN B 9 -37.50 -11.60 -9.86
CA ASN B 9 -38.75 -11.30 -9.17
C ASN B 9 -38.76 -9.92 -8.53
N GLY B 10 -37.96 -8.97 -9.03
CA GLY B 10 -37.89 -7.64 -8.48
C GLY B 10 -38.55 -6.59 -9.36
N GLN B 11 -38.69 -5.39 -8.80
CA GLN B 11 -39.19 -4.23 -9.53
C GLN B 11 -38.01 -3.31 -9.83
N ILE B 12 -37.68 -3.17 -11.11
CA ILE B 12 -36.61 -2.28 -11.53
C ILE B 12 -37.15 -0.87 -11.63
N ALA B 13 -36.43 0.09 -11.05
CA ALA B 13 -36.79 1.49 -11.14
C ALA B 13 -36.17 2.06 -12.40
N ASP B 14 -37.00 2.42 -13.37
CA ASP B 14 -36.55 3.01 -14.63
C ASP B 14 -36.64 4.52 -14.49
N ILE B 15 -35.54 5.13 -14.08
CA ILE B 15 -35.49 6.57 -13.82
C ILE B 15 -35.84 7.37 -15.07
N GLU B 16 -35.63 6.80 -16.25
CA GLU B 16 -35.90 7.52 -17.49
C GLU B 16 -37.38 7.82 -17.65
N ASN B 17 -38.24 6.82 -17.46
CA ASN B 17 -39.67 6.96 -17.72
C ASN B 17 -40.53 7.00 -16.47
N ARG B 18 -39.92 6.92 -15.28
CA ARG B 18 -40.65 6.88 -14.01
C ARG B 18 -41.62 5.71 -13.97
N THR B 19 -41.10 4.52 -14.25
CA THR B 19 -41.88 3.28 -14.25
C THR B 19 -41.16 2.23 -13.43
N TYR B 20 -41.92 1.20 -13.05
CA TYR B 20 -41.39 -0.01 -12.43
C TYR B 20 -41.46 -1.14 -13.46
N ILE B 21 -40.31 -1.74 -13.76
CA ILE B 21 -40.19 -2.77 -14.78
C ILE B 21 -40.05 -4.12 -14.09
N ASN B 22 -40.88 -5.08 -14.50
CA ASN B 22 -40.85 -6.44 -13.95
C ASN B 22 -39.95 -7.29 -14.84
N ALA B 23 -38.69 -7.45 -14.44
CA ALA B 23 -37.74 -8.22 -15.23
C ALA B 23 -36.57 -8.61 -14.34
N ASP B 24 -35.79 -9.57 -14.82
CA ASP B 24 -34.60 -10.00 -14.10
C ASP B 24 -33.38 -9.21 -14.55
N ILE B 25 -32.38 -9.17 -13.67
CA ILE B 25 -31.07 -8.59 -13.95
C ILE B 25 -30.09 -9.72 -14.22
N GLY B 26 -29.28 -9.55 -15.26
CA GLY B 26 -28.25 -10.52 -15.61
C GLY B 26 -26.86 -9.95 -15.38
N ILE B 27 -26.03 -10.72 -14.69
CA ILE B 27 -24.68 -10.32 -14.35
C ILE B 27 -23.71 -11.40 -14.83
N LYS B 28 -22.75 -11.01 -15.66
CA LYS B 28 -21.65 -11.88 -16.04
C LYS B 28 -20.36 -11.10 -15.87
N GLY B 29 -19.41 -11.67 -15.13
CA GLY B 29 -18.22 -10.93 -14.80
C GLY B 29 -18.59 -9.76 -13.91
N ASN B 30 -18.08 -8.57 -14.26
CA ASN B 30 -18.43 -7.34 -13.55
C ASN B 30 -19.40 -6.47 -14.35
N ARG B 31 -20.05 -7.03 -15.37
CA ARG B 31 -20.91 -6.28 -16.26
C ARG B 31 -22.35 -6.80 -16.17
N ILE B 32 -23.30 -5.87 -16.18
CA ILE B 32 -24.69 -6.24 -16.39
C ILE B 32 -24.88 -6.63 -17.85
N VAL B 33 -25.65 -7.69 -18.09
CA VAL B 33 -25.82 -8.24 -19.43
C VAL B 33 -27.30 -8.36 -19.73
N ASP B 34 -27.60 -8.64 -21.00
CA ASP B 34 -28.97 -8.85 -21.45
C ASP B 34 -29.36 -10.32 -21.36
N LEU B 41 -32.17 -19.50 -19.43
CA LEU B 41 -31.12 -18.72 -18.79
C LEU B 41 -30.77 -19.29 -17.41
N GLN B 42 -29.74 -20.13 -17.36
CA GLN B 42 -29.26 -20.67 -16.09
C GLN B 42 -28.21 -19.75 -15.49
N ALA B 43 -28.13 -19.74 -14.17
CA ALA B 43 -27.24 -18.84 -13.44
C ALA B 43 -26.63 -19.53 -12.23
N GLU B 44 -25.35 -19.26 -11.98
CA GLU B 44 -24.65 -19.90 -10.86
C GLU B 44 -25.24 -19.48 -9.52
N THR B 45 -25.66 -18.23 -9.39
CA THR B 45 -26.34 -17.74 -8.20
C THR B 45 -27.59 -17.00 -8.62
N VAL B 46 -28.70 -17.28 -7.95
CA VAL B 46 -29.97 -16.60 -8.18
C VAL B 46 -30.34 -15.85 -6.91
N ILE B 47 -30.63 -14.56 -7.05
CA ILE B 47 -31.08 -13.73 -5.95
C ILE B 47 -32.59 -13.55 -6.07
N ASP B 48 -33.31 -13.79 -4.99
CA ASP B 48 -34.75 -13.61 -4.93
C ASP B 48 -35.05 -12.23 -4.36
N ALA B 49 -35.46 -11.30 -5.22
CA ALA B 49 -35.67 -9.91 -4.83
C ALA B 49 -37.15 -9.53 -4.80
N SER B 50 -37.98 -10.42 -4.29
CA SER B 50 -39.42 -10.19 -4.29
C SER B 50 -39.79 -9.11 -3.28
N GLY B 51 -40.70 -8.22 -3.70
CA GLY B 51 -41.06 -7.07 -2.89
C GLY B 51 -40.00 -6.00 -2.80
N CYS B 52 -38.87 -6.19 -3.45
CA CYS B 52 -37.77 -5.24 -3.43
C CYS B 52 -37.76 -4.41 -4.71
N ILE B 53 -37.16 -3.23 -4.62
CA ILE B 53 -36.89 -2.39 -5.78
C ILE B 53 -35.42 -2.53 -6.12
N ILE B 54 -35.13 -2.82 -7.38
CA ILE B 54 -33.76 -2.94 -7.87
C ILE B 54 -33.31 -1.56 -8.32
N LEU B 55 -32.36 -0.98 -7.60
CA LEU B 55 -31.79 0.31 -7.92
C LEU B 55 -30.41 0.14 -8.52
N PRO B 56 -29.93 1.13 -9.27
CA PRO B 56 -28.49 1.14 -9.59
C PRO B 56 -27.69 1.33 -8.33
N GLY B 57 -26.44 0.87 -8.37
CA GLY B 57 -25.52 1.11 -7.27
C GLY B 57 -25.49 2.57 -6.91
N LEU B 58 -25.83 2.90 -5.67
CA LEU B 58 -26.03 4.29 -5.28
C LEU B 58 -24.72 5.07 -5.35
N ILE B 59 -24.84 6.38 -5.55
CA ILE B 59 -23.69 7.27 -5.72
C ILE B 59 -23.83 8.43 -4.75
N ASP B 60 -23.00 8.44 -3.71
CA ASP B 60 -22.95 9.54 -2.75
C ASP B 60 -21.95 10.56 -3.26
N PHE B 61 -22.44 11.74 -3.65
CA PHE B 61 -21.64 12.65 -4.44
C PHE B 61 -20.80 13.62 -3.61
N HIS B 62 -21.15 13.85 -2.34
CA HIS B 62 -20.34 14.69 -1.45
C HIS B 62 -20.06 13.89 -0.19
N GLY B 63 -18.92 13.19 -0.19
CA GLY B 63 -18.44 12.50 0.98
C GLY B 63 -17.01 12.87 1.29
N HIS B 64 -16.50 12.31 2.38
CA HIS B 64 -15.10 12.50 2.77
C HIS B 64 -14.55 11.14 3.13
N VAL B 65 -13.68 10.59 2.28
CA VAL B 65 -13.26 9.20 2.39
C VAL B 65 -11.75 9.05 2.28
N PHE B 66 -11.02 10.14 2.51
CA PHE B 66 -9.55 10.05 2.62
C PHE B 66 -9.20 9.68 4.06
N HIS B 67 -9.51 8.44 4.40
CA HIS B 67 -9.14 7.92 5.72
C HIS B 67 -7.63 7.69 5.76
N GLY B 68 -7.06 7.89 6.94
CA GLY B 68 -5.62 7.85 7.12
C GLY B 68 -4.93 9.17 6.88
N GLY B 69 -5.52 10.02 6.02
CA GLY B 69 -4.95 11.32 5.74
C GLY B 69 -5.69 12.44 6.44
N THR B 70 -6.95 12.18 6.81
CA THR B 70 -7.74 13.11 7.60
C THR B 70 -8.33 12.38 8.79
N ALA B 71 -8.87 13.15 9.73
CA ALA B 71 -9.53 12.59 10.90
C ALA B 71 -11.03 12.41 10.70
N ILE B 72 -11.64 13.15 9.77
CA ILE B 72 -13.09 13.12 9.61
C ILE B 72 -13.57 12.04 8.64
N SER B 73 -12.70 11.57 7.75
CA SER B 73 -13.12 10.67 6.69
C SER B 73 -13.37 9.26 7.20
N VAL B 74 -14.22 8.52 6.49
CA VAL B 74 -14.48 7.13 6.78
C VAL B 74 -14.05 6.29 5.58
N ASN B 75 -13.95 4.99 5.83
CA ASN B 75 -13.69 4.01 4.79
C ASN B 75 -15.00 3.66 4.10
N PRO B 76 -15.20 4.09 2.85
CA PRO B 76 -16.47 3.79 2.18
C PRO B 76 -16.67 2.32 1.91
N ASP B 77 -15.59 1.58 1.64
CA ASP B 77 -15.74 0.16 1.37
C ASP B 77 -16.20 -0.62 2.60
N ILE B 78 -16.24 0.00 3.77
CA ILE B 78 -16.66 -0.66 5.00
C ILE B 78 -18.04 -0.23 5.45
N VAL B 79 -18.34 1.07 5.40
CA VAL B 79 -19.60 1.59 5.91
C VAL B 79 -20.64 1.86 4.82
N CYS B 80 -20.23 2.07 3.57
CA CYS B 80 -21.17 2.49 2.55
C CYS B 80 -21.76 1.33 1.75
N LEU B 81 -20.95 0.34 1.39
CA LEU B 81 -21.45 -0.81 0.63
C LEU B 81 -22.66 -1.49 1.29
N PRO B 82 -22.69 -1.77 2.59
CA PRO B 82 -23.86 -2.44 3.17
C PRO B 82 -25.14 -1.63 3.08
N ASN B 83 -25.07 -0.33 2.79
CA ASN B 83 -26.24 0.51 2.63
C ASN B 83 -26.46 0.91 1.17
N GLY B 84 -25.96 0.10 0.25
CA GLY B 84 -26.29 0.24 -1.15
C GLY B 84 -25.45 1.19 -1.96
N VAL B 85 -24.40 1.78 -1.39
CA VAL B 85 -23.57 2.77 -2.06
C VAL B 85 -22.35 2.09 -2.65
N THR B 86 -22.15 2.22 -3.97
CA THR B 86 -21.02 1.61 -4.64
C THR B 86 -20.06 2.62 -5.28
N SER B 87 -20.44 3.89 -5.38
CA SER B 87 -19.56 4.92 -5.90
C SER B 87 -19.69 6.17 -5.04
N MET B 88 -18.63 6.97 -5.01
CA MET B 88 -18.59 8.16 -4.18
C MET B 88 -17.69 9.20 -4.83
N VAL B 89 -17.87 10.45 -4.41
CA VAL B 89 -16.97 11.54 -4.77
C VAL B 89 -16.50 12.19 -3.48
N ASP B 90 -15.18 12.36 -3.37
CA ASP B 90 -14.59 12.98 -2.19
C ASP B 90 -14.57 14.49 -2.39
N ALA B 91 -15.06 15.22 -1.38
CA ALA B 91 -15.30 16.66 -1.49
C ALA B 91 -14.11 17.44 -0.95
N GLY B 92 -12.98 17.30 -1.64
CA GLY B 92 -11.80 18.06 -1.29
C GLY B 92 -11.19 17.74 0.07
N SER B 93 -11.26 16.46 0.47
CA SER B 93 -10.53 16.06 1.68
C SER B 93 -9.04 16.22 1.49
N SER B 94 -8.54 16.00 0.27
CA SER B 94 -7.12 16.08 -0.02
C SER B 94 -6.81 17.36 -0.79
N GLY B 95 -5.54 17.75 -0.73
CA GLY B 95 -5.02 18.82 -1.56
C GLY B 95 -3.83 18.32 -2.36
N TRP B 96 -3.11 19.21 -3.04
CA TRP B 96 -2.05 18.74 -3.92
C TRP B 96 -0.92 18.05 -3.15
N VAL B 97 -0.76 18.37 -1.87
CA VAL B 97 0.30 17.75 -1.08
C VAL B 97 0.01 16.27 -0.86
N ASN B 98 -1.24 15.90 -0.63
CA ASN B 98 -1.57 14.53 -0.24
C ASN B 98 -2.56 13.86 -1.19
N TYR B 99 -2.84 14.43 -2.36
CA TYR B 99 -3.77 13.78 -3.29
C TYR B 99 -3.22 12.45 -3.78
N SER B 100 -1.96 12.43 -4.24
CA SER B 100 -1.42 11.22 -4.84
C SER B 100 -1.41 10.07 -3.84
N LEU B 101 -1.14 10.36 -2.57
CA LEU B 101 -1.22 9.33 -1.54
C LEU B 101 -2.66 8.90 -1.31
N PHE B 102 -3.58 9.86 -1.32
CA PHE B 102 -5.01 9.54 -1.28
C PHE B 102 -5.39 8.61 -2.42
N ARG B 103 -4.97 8.96 -3.64
CA ARG B 103 -5.28 8.10 -4.79
C ARG B 103 -4.61 6.73 -4.66
N ASN B 104 -3.34 6.70 -4.25
CA ASN B 104 -2.60 5.45 -4.24
C ASN B 104 -3.00 4.54 -3.08
N SER B 105 -3.41 5.10 -1.94
CA SER B 105 -3.70 4.30 -0.76
C SER B 105 -5.18 4.09 -0.50
N VAL B 106 -6.05 4.93 -1.06
CA VAL B 106 -7.50 4.81 -0.87
C VAL B 106 -8.19 4.45 -2.18
N ILE B 107 -8.09 5.32 -3.19
CA ILE B 107 -8.87 5.17 -4.42
C ILE B 107 -8.51 3.86 -5.13
N HIS B 108 -7.24 3.69 -5.48
CA HIS B 108 -6.83 2.51 -6.23
C HIS B 108 -7.19 1.19 -5.55
N PRO B 109 -6.96 0.99 -4.24
CA PRO B 109 -7.33 -0.30 -3.64
C PRO B 109 -8.78 -0.41 -3.20
N ALA B 110 -9.55 0.67 -3.20
CA ALA B 110 -10.94 0.61 -2.77
C ALA B 110 -11.80 -0.11 -3.81
N MET B 111 -12.83 -0.80 -3.31
CA MET B 111 -13.83 -1.37 -4.22
C MET B 111 -14.87 -0.33 -4.60
N VAL B 112 -15.27 0.52 -3.65
CA VAL B 112 -16.11 1.66 -3.98
C VAL B 112 -15.36 2.53 -4.97
N LYS B 113 -15.99 2.82 -6.10
CA LYS B 113 -15.37 3.69 -7.10
C LYS B 113 -15.41 5.13 -6.60
N ILE B 114 -14.24 5.71 -6.37
CA ILE B 114 -14.13 7.04 -5.76
C ILE B 114 -13.58 8.01 -6.79
N LYS B 115 -14.32 9.10 -7.02
CA LYS B 115 -13.84 10.29 -7.71
C LYS B 115 -13.64 11.39 -6.68
N SER B 116 -13.16 12.55 -7.13
CA SER B 116 -12.76 13.53 -6.13
C SER B 116 -12.70 14.94 -6.73
N TYR B 117 -12.82 15.91 -5.85
CA TYR B 117 -12.44 17.29 -6.11
C TYR B 117 -11.17 17.58 -5.33
N LEU B 118 -10.20 18.20 -5.99
CA LEU B 118 -8.98 18.61 -5.31
C LEU B 118 -9.26 19.89 -4.54
N ASN B 119 -8.87 19.91 -3.26
CA ASN B 119 -9.05 21.13 -2.49
C ASN B 119 -8.01 22.17 -2.89
N VAL B 120 -8.43 23.44 -2.86
CA VAL B 120 -7.49 24.53 -3.06
C VAL B 120 -6.37 24.46 -2.01
N VAL B 121 -6.76 24.32 -0.74
CA VAL B 121 -5.78 24.17 0.33
C VAL B 121 -4.91 22.93 0.08
N ASN B 122 -3.61 23.08 0.35
CA ASN B 122 -2.65 22.04 -0.04
C ASN B 122 -2.85 20.76 0.77
N VAL B 123 -3.17 20.88 2.06
CA VAL B 123 -3.34 19.69 2.90
C VAL B 123 -4.81 19.27 3.00
N GLY B 124 -5.70 19.95 2.29
CA GLY B 124 -7.10 19.57 2.33
C GLY B 124 -7.71 19.84 3.69
N LEU B 125 -8.51 18.87 4.16
CA LEU B 125 -9.28 19.00 5.39
C LEU B 125 -8.70 18.12 6.49
N SER B 126 -7.41 17.83 6.43
CA SER B 126 -6.76 17.00 7.45
C SER B 126 -6.73 17.66 8.81
N THR B 127 -6.88 18.99 8.87
CA THR B 127 -6.78 19.71 10.14
C THR B 127 -8.08 19.67 10.93
N LEU B 128 -9.22 19.51 10.26
CA LEU B 128 -10.49 19.41 10.96
C LEU B 128 -10.68 17.99 11.50
N GLY B 129 -11.45 17.88 12.57
CA GLY B 129 -11.83 16.59 13.12
C GLY B 129 -11.24 16.33 14.49
N GLY B 130 -11.47 15.12 14.98
CA GLY B 130 -11.03 14.72 16.31
C GLY B 130 -11.74 15.43 17.44
N GLY B 131 -12.86 16.09 17.17
CA GLY B 131 -13.56 16.86 18.16
C GLY B 131 -13.22 18.34 18.06
N PRO B 132 -13.43 19.08 19.15
CA PRO B 132 -13.13 20.52 19.13
C PRO B 132 -11.65 20.83 19.09
N THR B 133 -10.78 19.85 19.33
CA THR B 133 -9.34 20.07 19.21
C THR B 133 -8.95 20.38 17.77
N GLY B 134 -9.72 19.88 16.80
CA GLY B 134 -9.44 20.20 15.42
C GLY B 134 -9.56 21.69 15.15
N TYR B 135 -8.95 22.11 14.04
CA TYR B 135 -8.94 23.51 13.66
C TYR B 135 -9.27 23.62 12.18
N LEU B 136 -9.75 24.80 11.79
CA LEU B 136 -10.16 25.02 10.40
C LEU B 136 -8.95 25.01 9.47
N GLU B 137 -9.22 24.74 8.20
CA GLU B 137 -8.22 24.79 7.16
C GLU B 137 -7.90 26.23 6.80
N ASN B 138 -6.75 26.41 6.14
CA ASN B 138 -6.27 27.73 5.74
C ASN B 138 -6.61 27.95 4.26
N THR B 139 -7.59 28.83 4.01
CA THR B 139 -8.08 29.08 2.66
C THR B 139 -7.50 30.35 2.05
N ASN B 140 -6.41 30.86 2.62
CA ASN B 140 -5.81 32.10 2.13
C ASN B 140 -5.30 31.92 0.71
N PRO B 141 -5.69 32.78 -0.23
CA PRO B 141 -5.11 32.73 -1.58
C PRO B 141 -3.60 32.94 -1.61
N ALA B 142 -3.02 33.45 -0.52
CA ALA B 142 -1.56 33.62 -0.44
C ALA B 142 -0.83 32.29 -0.37
N ASN B 143 -1.51 31.22 0.04
CA ASN B 143 -0.89 29.91 0.13
C ASN B 143 -1.38 28.95 -0.95
N TYR B 144 -2.04 29.48 -1.99
CA TYR B 144 -2.39 28.65 -3.13
C TYR B 144 -1.14 28.40 -3.97
N ASN B 145 -0.82 27.12 -4.19
CA ASN B 145 0.30 26.74 -5.04
C ASN B 145 -0.29 26.38 -6.41
N GLU B 146 -0.41 27.40 -7.27
CA GLU B 146 -1.02 27.18 -8.57
C GLU B 146 -0.22 26.21 -9.42
N GLU B 147 1.11 26.24 -9.31
CA GLU B 147 1.94 25.34 -10.10
C GLU B 147 1.70 23.89 -9.72
N LYS B 148 1.57 23.62 -8.42
CA LYS B 148 1.32 22.25 -7.97
C LYS B 148 -0.12 21.83 -8.20
N ILE B 149 -1.08 22.76 -8.12
CA ILE B 149 -2.48 22.43 -8.35
C ILE B 149 -2.68 22.00 -9.80
N ALA B 150 -2.18 22.80 -10.74
CA ALA B 150 -2.26 22.44 -12.15
C ALA B 150 -1.57 21.11 -12.41
N GLN B 151 -0.43 20.86 -11.76
CA GLN B 151 0.28 19.60 -11.97
C GLN B 151 -0.55 18.43 -11.49
N THR B 152 -1.09 18.52 -10.27
CA THR B 152 -1.95 17.46 -9.75
C THR B 152 -3.17 17.26 -10.64
N LEU B 153 -3.80 18.36 -11.06
CA LEU B 153 -5.01 18.29 -11.86
C LEU B 153 -4.73 17.64 -13.22
N ASN B 154 -3.71 18.13 -13.93
CA ASN B 154 -3.47 17.68 -15.29
C ASN B 154 -3.00 16.23 -15.35
N ASP B 155 -2.23 15.80 -14.36
CA ASP B 155 -1.79 14.41 -14.30
C ASP B 155 -2.87 13.47 -13.78
N ASN B 156 -4.04 13.98 -13.41
CA ASN B 156 -5.10 13.18 -12.81
C ASN B 156 -6.46 13.62 -13.32
N ARG B 157 -6.54 14.00 -14.61
CA ARG B 157 -7.80 14.49 -15.16
C ARG B 157 -8.89 13.41 -15.15
N ASP B 158 -8.51 12.14 -15.03
CA ASP B 158 -9.45 11.02 -15.08
C ASP B 158 -10.07 10.71 -13.72
N ASN B 159 -9.74 11.47 -12.69
CA ASN B 159 -10.28 11.26 -11.35
C ASN B 159 -10.64 12.54 -10.62
N ILE B 160 -9.98 13.66 -10.90
CA ILE B 160 -10.33 14.94 -10.30
C ILE B 160 -11.31 15.65 -11.21
N LEU B 161 -12.50 15.92 -10.70
CA LEU B 161 -13.52 16.62 -11.48
C LEU B 161 -13.42 18.12 -11.34
N GLY B 162 -12.84 18.62 -10.25
CA GLY B 162 -12.77 20.05 -10.07
C GLY B 162 -12.02 20.40 -8.80
N LEU B 163 -12.09 21.68 -8.46
CA LEU B 163 -11.48 22.22 -7.24
C LEU B 163 -12.55 22.46 -6.19
N LYS B 164 -12.26 22.08 -4.96
CA LYS B 164 -13.18 22.26 -3.84
C LYS B 164 -12.68 23.38 -2.94
N LEU B 165 -13.59 24.28 -2.58
CA LEU B 165 -13.28 25.37 -1.66
C LEU B 165 -14.45 25.57 -0.70
N ARG B 166 -14.14 25.67 0.59
CA ARG B 166 -15.15 25.97 1.60
C ARG B 166 -15.15 27.47 1.86
N TYR B 167 -16.27 28.13 1.54
CA TYR B 167 -16.43 29.57 1.73
C TYR B 167 -17.45 29.79 2.85
N SER B 168 -16.99 29.60 4.08
CA SER B 168 -17.71 30.09 5.25
C SER B 168 -17.01 31.33 5.77
N GLN B 169 -17.81 32.26 6.31
CA GLN B 169 -17.24 33.53 6.78
C GLN B 169 -16.19 33.31 7.85
N ASP B 170 -16.34 32.26 8.66
CA ASP B 170 -15.47 32.06 9.82
C ASP B 170 -14.08 31.59 9.44
N ILE B 171 -13.91 30.95 8.27
CA ILE B 171 -12.59 30.44 7.89
C ILE B 171 -11.59 31.57 7.70
N ALA B 172 -12.05 32.73 7.23
CA ALA B 172 -11.17 33.87 6.95
C ALA B 172 -11.38 35.03 7.91
N ARG B 173 -12.28 34.91 8.88
CA ARG B 173 -12.59 36.00 9.79
C ARG B 173 -11.36 36.44 10.60
N GLN B 176 -7.20 37.33 8.37
CA GLN B 176 -6.85 38.46 7.50
C GLN B 176 -6.05 37.98 6.29
N TYR B 177 -6.74 37.80 5.16
CA TYR B 177 -6.16 37.22 3.96
C TYR B 177 -5.77 38.31 2.95
N ALA B 178 -4.99 37.88 1.94
CA ALA B 178 -4.58 38.82 0.90
C ALA B 178 -5.74 39.19 -0.02
N SER B 179 -6.57 38.21 -0.36
CA SER B 179 -7.70 38.43 -1.24
C SER B 179 -8.83 37.48 -0.82
N ASP B 180 -9.90 37.46 -1.60
CA ASP B 180 -11.05 36.64 -1.24
C ASP B 180 -10.85 35.22 -1.77
N PRO B 181 -11.01 34.20 -0.92
CA PRO B 181 -10.71 32.82 -1.36
C PRO B 181 -11.55 32.37 -2.55
N LEU B 182 -12.82 32.76 -2.62
CA LEU B 182 -13.64 32.40 -3.78
C LEU B 182 -13.08 33.01 -5.06
N LEU B 183 -13.00 34.35 -5.08
CA LEU B 183 -12.56 35.04 -6.29
C LEU B 183 -11.26 34.47 -6.82
N ALA B 184 -10.33 34.16 -5.92
CA ALA B 184 -9.05 33.60 -6.34
C ALA B 184 -9.21 32.17 -6.83
N THR B 185 -9.99 31.35 -6.12
CA THR B 185 -10.23 29.98 -6.56
C THR B 185 -10.90 29.96 -7.92
N VAL B 186 -12.08 30.58 -8.03
CA VAL B 186 -12.81 30.62 -9.30
C VAL B 186 -11.91 31.12 -10.44
N ALA B 187 -11.03 32.09 -10.13
CA ALA B 187 -10.06 32.53 -11.13
C ALA B 187 -9.13 31.40 -11.55
N LEU B 188 -8.64 30.63 -10.56
CA LEU B 188 -7.81 29.47 -10.87
C LEU B 188 -8.60 28.43 -11.66
N VAL B 189 -9.84 28.17 -11.24
CA VAL B 189 -10.66 27.16 -11.92
C VAL B 189 -10.87 27.54 -13.38
N ARG B 190 -11.15 28.82 -13.65
CA ARG B 190 -11.35 29.26 -15.03
C ARG B 190 -10.07 29.13 -15.85
N LYS B 191 -8.94 29.54 -15.27
CA LYS B 191 -7.67 29.41 -15.98
C LYS B 191 -7.33 27.94 -16.23
N LEU B 192 -7.69 27.06 -15.30
CA LEU B 192 -7.38 25.64 -15.42
C LEU B 192 -8.47 24.86 -16.17
N GLU B 193 -9.55 25.52 -16.59
CA GLU B 193 -10.59 24.93 -17.44
C GLU B 193 -11.19 23.68 -16.78
N THR B 194 -11.90 23.94 -15.69
CA THR B 194 -12.33 22.89 -14.77
C THR B 194 -13.49 23.47 -13.97
N SER B 195 -14.15 22.61 -13.18
CA SER B 195 -15.30 23.01 -12.38
C SER B 195 -14.90 23.26 -10.93
N ILE B 196 -15.84 23.83 -10.17
CA ILE B 196 -15.61 24.17 -8.77
C ILE B 196 -16.76 23.63 -7.92
N CYS B 197 -16.47 23.38 -6.64
CA CYS B 197 -17.46 22.96 -5.66
C CYS B 197 -17.23 23.75 -4.39
N VAL B 198 -18.30 24.35 -3.85
CA VAL B 198 -18.18 25.36 -2.79
C VAL B 198 -19.10 25.02 -1.62
N HIS B 199 -18.51 24.73 -0.46
CA HIS B 199 -19.23 24.81 0.82
C HIS B 199 -19.67 26.26 1.02
N VAL B 200 -20.95 26.57 0.81
CA VAL B 200 -21.39 27.96 0.82
C VAL B 200 -21.99 28.39 2.15
N THR B 201 -22.09 27.49 3.11
CA THR B 201 -22.74 27.80 4.38
C THR B 201 -22.04 28.96 5.09
N ASP B 202 -22.82 29.97 5.48
CA ASP B 202 -22.33 31.13 6.22
C ASP B 202 -21.27 31.89 5.42
N SER B 203 -21.58 32.16 4.15
CA SER B 203 -20.67 32.88 3.28
C SER B 203 -20.69 34.38 3.58
N LEU B 204 -19.58 35.05 3.25
CA LEU B 204 -19.51 36.49 3.46
C LEU B 204 -20.48 37.24 2.54
N LEU B 205 -20.70 36.75 1.33
CA LEU B 205 -21.62 37.34 0.38
C LEU B 205 -23.00 36.71 0.50
N CYS B 206 -23.96 37.28 -0.22
CA CYS B 206 -25.32 36.76 -0.31
C CYS B 206 -25.50 35.91 -1.56
N ALA B 207 -26.56 35.10 -1.55
CA ALA B 207 -26.76 34.11 -2.60
C ALA B 207 -26.86 34.74 -3.98
N ASP B 208 -27.57 35.87 -4.09
CA ASP B 208 -27.66 36.61 -5.35
C ASP B 208 -26.30 37.06 -5.88
N GLU B 209 -25.28 37.15 -5.01
CA GLU B 209 -23.93 37.53 -5.41
C GLU B 209 -23.03 36.34 -5.71
N LEU B 210 -23.02 35.32 -4.84
CA LEU B 210 -22.17 34.14 -5.09
C LEU B 210 -22.58 33.43 -6.38
N ILE B 211 -23.88 33.27 -6.60
CA ILE B 211 -24.40 32.53 -7.74
C ILE B 211 -23.93 33.08 -9.09
N ARG B 212 -23.49 34.33 -9.14
CA ARG B 212 -22.93 34.89 -10.37
C ARG B 212 -21.55 34.32 -10.73
N TYR B 213 -20.90 33.59 -9.81
CA TYR B 213 -19.56 33.03 -10.03
C TYR B 213 -19.60 31.60 -10.52
N PHE B 214 -20.78 30.99 -10.62
CA PHE B 214 -20.92 29.58 -10.97
C PHE B 214 -21.24 29.43 -12.45
N GLU B 215 -20.85 28.29 -13.00
CA GLU B 215 -21.04 28.01 -14.42
C GLU B 215 -21.53 26.58 -14.58
N GLU B 216 -21.80 26.20 -15.83
CA GLU B 216 -22.31 24.86 -16.12
C GLU B 216 -21.31 23.80 -15.67
N GLY B 217 -21.68 23.02 -14.66
CA GLY B 217 -20.84 21.97 -14.13
C GLY B 217 -20.38 22.21 -12.71
N ASP B 218 -20.57 23.41 -12.17
CA ASP B 218 -20.10 23.73 -10.83
C ASP B 218 -21.15 23.37 -9.80
N ILE B 219 -20.68 23.02 -8.60
CA ILE B 219 -21.52 22.47 -7.55
C ILE B 219 -21.70 23.53 -6.47
N TYR B 220 -22.91 24.07 -6.37
CA TYR B 220 -23.32 24.89 -5.23
C TYR B 220 -23.83 23.91 -4.16
N ALA B 221 -22.98 23.62 -3.18
CA ALA B 221 -23.23 22.56 -2.22
C ALA B 221 -23.92 23.09 -0.96
N HIS B 222 -24.67 22.20 -0.30
CA HIS B 222 -25.55 22.55 0.82
C HIS B 222 -26.44 23.73 0.45
N CYS B 223 -27.22 23.55 -0.62
CA CYS B 223 -28.12 24.61 -1.06
C CYS B 223 -29.21 24.90 -0.04
N PHE B 224 -29.48 23.97 0.88
CA PHE B 224 -30.55 24.08 1.85
C PHE B 224 -30.02 24.32 3.27
N HIS B 225 -29.03 25.20 3.41
CA HIS B 225 -28.37 25.31 4.72
C HIS B 225 -29.02 26.36 5.62
N GLY B 226 -29.34 27.53 5.09
CA GLY B 226 -30.04 28.54 5.87
C GLY B 226 -29.31 29.07 7.10
N THR B 227 -28.02 28.80 7.22
CA THR B 227 -27.18 29.33 8.30
C THR B 227 -26.46 30.54 7.73
N GLY B 228 -27.00 31.73 8.00
CA GLY B 228 -26.54 32.94 7.34
C GLY B 228 -27.39 33.22 6.12
N HIS B 229 -26.77 33.72 5.05
CA HIS B 229 -27.49 33.94 3.80
C HIS B 229 -27.86 32.60 3.19
N SER B 230 -29.16 32.33 3.10
CA SER B 230 -29.66 31.12 2.47
C SER B 230 -29.91 31.38 0.99
N ILE B 231 -30.66 30.50 0.33
CA ILE B 231 -31.13 30.75 -1.02
C ILE B 231 -32.49 31.43 -1.03
N LEU B 232 -32.95 31.91 0.13
CA LEU B 232 -34.27 32.53 0.25
C LEU B 232 -34.11 34.00 0.63
N ASN B 233 -35.01 34.84 0.14
CA ASN B 233 -35.03 36.26 0.48
C ASN B 233 -35.64 36.50 1.85
N VAL B 238 -38.09 32.63 -2.29
CA VAL B 238 -36.77 32.09 -2.59
C VAL B 238 -35.92 33.12 -3.30
N TYR B 239 -35.27 32.70 -4.38
CA TYR B 239 -34.38 33.56 -5.15
C TYR B 239 -34.55 33.26 -6.63
N ALA B 240 -34.30 34.26 -7.46
CA ALA B 240 -34.44 34.13 -8.90
C ALA B 240 -33.13 33.89 -9.62
N ALA B 241 -32.02 34.41 -9.08
CA ALA B 241 -30.72 34.16 -9.69
C ALA B 241 -30.27 32.71 -9.48
N ILE B 242 -30.63 32.12 -8.35
CA ILE B 242 -30.32 30.71 -8.12
C ILE B 242 -31.11 29.83 -9.07
N LYS B 243 -32.41 30.13 -9.25
CA LYS B 243 -33.22 29.34 -10.17
C LYS B 243 -32.74 29.51 -11.61
N GLU B 244 -32.26 30.70 -11.96
CA GLU B 244 -31.70 30.90 -13.29
C GLU B 244 -30.43 30.07 -13.48
N ALA B 245 -29.54 30.09 -12.46
CA ALA B 245 -28.31 29.32 -12.54
C ALA B 245 -28.57 27.82 -12.62
N GLN B 246 -29.65 27.34 -11.95
CA GLN B 246 -29.98 25.93 -12.03
C GLN B 246 -30.39 25.52 -13.43
N SER B 247 -31.12 26.40 -14.13
CA SER B 247 -31.50 26.18 -15.51
C SER B 247 -30.39 26.53 -16.50
N ARG B 248 -29.26 27.04 -16.01
CA ARG B 248 -28.08 27.27 -16.83
C ARG B 248 -27.08 26.12 -16.78
N GLY B 249 -27.17 25.26 -15.77
CA GLY B 249 -26.30 24.10 -15.68
C GLY B 249 -25.50 23.98 -14.39
N VAL B 250 -25.90 24.72 -13.35
CA VAL B 250 -25.24 24.71 -12.05
C VAL B 250 -25.91 23.67 -11.18
N ILE B 251 -25.17 22.63 -10.83
CA ILE B 251 -25.68 21.57 -9.95
C ILE B 251 -25.78 22.09 -8.52
N PHE B 252 -26.82 21.69 -7.81
CA PHE B 252 -27.05 22.12 -6.44
C PHE B 252 -27.05 20.93 -5.47
N SER B 255 -26.14 18.75 0.32
CA SER B 255 -25.29 17.89 1.14
C SER B 255 -25.60 18.07 2.63
N ASN B 256 -26.59 17.33 3.11
CA ASN B 256 -26.98 17.38 4.52
C ASN B 256 -25.83 16.91 5.39
N GLY B 257 -25.24 17.82 6.15
CA GLY B 257 -24.28 17.43 7.17
C GLY B 257 -24.91 17.49 8.54
N VAL B 258 -24.12 17.84 9.56
CA VAL B 258 -24.64 18.13 10.88
C VAL B 258 -25.02 19.60 11.01
N ALA B 259 -24.56 20.46 10.08
CA ALA B 259 -24.84 21.89 10.15
C ALA B 259 -25.32 22.51 8.85
N HIS B 260 -25.49 21.74 7.78
CA HIS B 260 -25.73 22.29 6.45
C HIS B 260 -27.13 22.01 5.94
N PHE B 261 -28.06 21.65 6.82
CA PHE B 261 -29.45 21.41 6.43
C PHE B 261 -30.37 22.12 7.40
N ASP B 262 -31.31 22.89 6.86
CA ASP B 262 -32.35 23.53 7.63
C ASP B 262 -33.69 23.21 6.99
N PHE B 263 -34.63 22.69 7.80
CA PHE B 263 -35.92 22.27 7.25
C PHE B 263 -36.67 23.45 6.62
N LYS B 264 -36.52 24.65 7.21
CA LYS B 264 -37.28 25.80 6.72
C LYS B 264 -36.87 26.18 5.30
N VAL B 265 -35.57 26.12 4.98
CA VAL B 265 -35.15 26.35 3.61
C VAL B 265 -35.59 25.20 2.72
N ALA B 266 -35.48 23.97 3.21
CA ALA B 266 -35.80 22.81 2.38
C ALA B 266 -37.29 22.75 2.07
N GLN B 267 -38.14 22.88 3.10
CA GLN B 267 -39.57 22.86 2.87
C GLN B 267 -40.01 24.01 1.98
N SER B 268 -39.54 25.23 2.28
CA SER B 268 -39.92 26.40 1.48
C SER B 268 -39.45 26.25 0.03
N ALA B 269 -38.16 26.02 -0.17
CA ALA B 269 -37.61 25.96 -1.53
C ALA B 269 -38.36 24.93 -2.38
N MET B 270 -38.67 23.78 -1.80
CA MET B 270 -39.33 22.74 -2.59
C MET B 270 -40.81 23.02 -2.74
N GLU B 271 -41.42 23.70 -1.77
CA GLU B 271 -42.79 24.17 -1.94
C GLU B 271 -42.89 25.13 -3.13
N GLN B 272 -41.89 25.98 -3.32
CA GLN B 272 -41.84 26.90 -4.45
C GLN B 272 -41.34 26.22 -5.72
N GLY B 273 -41.05 24.92 -5.69
CA GLY B 273 -40.71 24.19 -6.89
C GLY B 273 -39.23 24.02 -7.16
N PHE B 274 -38.36 24.50 -6.28
CA PHE B 274 -36.92 24.33 -6.44
C PHE B 274 -36.48 23.03 -5.79
N TYR B 275 -35.78 22.20 -6.55
CA TYR B 275 -35.39 20.87 -6.10
C TYR B 275 -33.88 20.67 -6.25
N PRO B 276 -33.24 20.01 -5.29
CA PRO B 276 -31.80 19.75 -5.42
C PRO B 276 -31.53 18.73 -6.52
N ASP B 277 -30.52 19.02 -7.33
CA ASP B 277 -30.15 18.12 -8.42
C ASP B 277 -29.34 16.92 -7.93
N ILE B 278 -28.68 17.05 -6.78
CA ILE B 278 -27.89 15.97 -6.20
C ILE B 278 -28.19 15.90 -4.71
N ILE B 279 -28.40 14.69 -4.21
CA ILE B 279 -28.56 14.43 -2.78
C ILE B 279 -27.29 13.77 -2.29
N SER B 280 -26.72 14.29 -1.21
CA SER B 280 -25.45 13.79 -0.67
C SER B 280 -25.57 13.72 0.84
N THR B 281 -24.45 13.48 1.51
CA THR B 281 -24.48 13.27 2.96
C THR B 281 -23.40 14.02 3.73
N ASP B 282 -22.35 14.53 3.09
CA ASP B 282 -21.17 15.01 3.81
C ASP B 282 -20.78 13.99 4.89
N LEU B 283 -20.65 12.74 4.45
CA LEU B 283 -20.43 11.65 5.39
C LEU B 283 -19.10 11.82 6.11
N THR B 284 -19.16 11.84 7.44
CA THR B 284 -17.98 11.93 8.29
C THR B 284 -18.09 10.89 9.40
N LEU B 285 -16.93 10.61 10.01
CA LEU B 285 -16.91 9.76 11.19
C LEU B 285 -17.96 10.21 12.20
N ARG B 286 -18.10 11.52 12.37
CA ARG B 286 -18.99 12.07 13.38
C ARG B 286 -20.47 11.83 13.04
N ASN B 287 -20.82 11.74 11.75
CA ASN B 287 -22.21 11.61 11.35
C ASN B 287 -22.50 10.33 10.56
N SER B 288 -21.66 9.30 10.71
CA SER B 288 -21.85 8.04 10.01
C SER B 288 -22.56 7.05 10.91
N LEU B 289 -23.73 6.57 10.47
CA LEU B 289 -24.50 5.54 11.18
C LEU B 289 -24.82 5.95 12.62
N ARG B 290 -25.04 7.25 12.85
CA ARG B 290 -25.04 7.72 14.23
C ARG B 290 -26.06 8.81 14.55
N THR B 291 -26.38 9.72 13.64
CA THR B 291 -27.25 10.84 13.98
C THR B 291 -28.67 10.59 13.47
N ASP B 292 -29.53 11.58 13.71
CA ASP B 292 -30.80 11.71 12.99
C ASP B 292 -30.71 12.78 11.93
N LYS B 293 -29.50 13.26 11.65
CA LYS B 293 -29.24 14.27 10.63
C LYS B 293 -28.64 13.69 9.36
N VAL B 294 -27.66 12.79 9.48
CA VAL B 294 -27.04 12.21 8.29
C VAL B 294 -27.22 10.69 8.30
N TYR B 295 -26.50 10.01 9.19
CA TYR B 295 -26.56 8.56 9.35
C TYR B 295 -26.05 7.84 8.11
N SER B 296 -26.83 7.86 7.02
CA SER B 296 -26.41 7.24 5.78
C SER B 296 -27.03 7.99 4.63
N LEU B 297 -26.64 7.63 3.41
CA LEU B 297 -27.27 8.24 2.24
C LEU B 297 -28.73 7.83 2.13
N LEU B 298 -29.03 6.55 2.36
CA LEU B 298 -30.42 6.07 2.35
C LEU B 298 -31.27 6.88 3.34
N HIS B 299 -30.74 7.12 4.54
CA HIS B 299 -31.45 7.93 5.52
C HIS B 299 -31.71 9.34 4.98
N VAL B 300 -30.77 9.88 4.21
CA VAL B 300 -30.94 11.23 3.66
C VAL B 300 -31.95 11.20 2.51
N MET B 301 -31.90 10.17 1.67
CA MET B 301 -32.93 10.01 0.65
C MET B 301 -34.31 9.82 1.28
N SER B 302 -34.38 9.01 2.34
CA SER B 302 -35.65 8.76 3.01
C SER B 302 -36.27 10.04 3.54
N LYS B 303 -35.45 11.00 4.00
CA LYS B 303 -36.00 12.26 4.46
C LYS B 303 -36.67 13.03 3.34
N TYR B 304 -36.06 13.03 2.15
CA TYR B 304 -36.65 13.75 1.03
C TYR B 304 -37.92 13.06 0.54
N LEU B 305 -38.02 11.74 0.70
CA LEU B 305 -39.27 11.06 0.41
C LEU B 305 -40.37 11.56 1.33
N ASN B 306 -40.09 11.62 2.64
CA ASN B 306 -41.06 12.13 3.60
C ASN B 306 -41.19 13.64 3.56
N MET B 307 -40.41 14.33 2.74
CA MET B 307 -40.53 15.77 2.57
C MET B 307 -41.20 16.13 1.25
N GLY B 308 -41.77 15.15 0.56
CA GLY B 308 -42.58 15.39 -0.61
C GLY B 308 -41.86 15.22 -1.94
N MET B 309 -40.57 14.97 -1.94
CA MET B 309 -39.86 14.82 -3.20
C MET B 309 -40.26 13.49 -3.86
N PRO B 310 -40.56 13.50 -5.16
CA PRO B 310 -40.98 12.26 -5.82
C PRO B 310 -39.85 11.23 -5.84
N PHE B 311 -40.24 9.96 -5.63
CA PHE B 311 -39.26 8.89 -5.47
C PHE B 311 -38.33 8.78 -6.67
N PHE B 312 -38.89 8.81 -7.87
CA PHE B 312 -38.05 8.69 -9.07
C PHE B 312 -37.15 9.91 -9.27
N ASP B 313 -37.42 11.01 -8.58
CA ASP B 313 -36.52 12.16 -8.63
C ASP B 313 -35.43 12.08 -7.57
N VAL B 314 -35.74 11.47 -6.42
CA VAL B 314 -34.70 11.17 -5.43
C VAL B 314 -33.69 10.20 -6.02
N ILE B 315 -34.17 9.14 -6.68
CA ILE B 315 -33.29 8.15 -7.28
C ILE B 315 -32.40 8.80 -8.34
N ARG B 316 -32.96 9.75 -9.09
CA ARG B 316 -32.16 10.43 -10.11
C ARG B 316 -31.04 11.23 -9.47
N ALA B 317 -31.29 11.81 -8.30
CA ALA B 317 -30.30 12.66 -7.65
C ALA B 317 -29.16 11.88 -7.01
N VAL B 318 -29.24 10.55 -6.97
CA VAL B 318 -28.20 9.73 -6.35
C VAL B 318 -27.75 8.64 -7.31
N THR B 319 -28.21 8.67 -8.55
CA THR B 319 -27.74 7.73 -9.55
C THR B 319 -27.35 8.45 -10.84
N ALA B 320 -28.34 8.76 -11.68
CA ALA B 320 -28.06 9.28 -13.01
C ALA B 320 -27.35 10.62 -12.94
N THR B 321 -27.90 11.57 -12.18
CA THR B 321 -27.34 12.91 -12.15
C THR B 321 -25.87 12.94 -11.74
N PRO B 322 -25.46 12.38 -10.58
CA PRO B 322 -24.02 12.43 -10.26
C PRO B 322 -23.16 11.63 -11.22
N ALA B 323 -23.67 10.52 -11.76
CA ALA B 323 -22.86 9.72 -12.68
C ALA B 323 -22.54 10.45 -13.97
N ARG B 324 -23.32 11.47 -14.33
CA ARG B 324 -22.92 12.33 -15.45
C ARG B 324 -21.91 13.37 -15.01
N LEU B 325 -22.06 13.88 -13.79
CA LEU B 325 -21.10 14.86 -13.27
C LEU B 325 -19.72 14.23 -13.06
N MET B 326 -19.68 12.95 -12.71
CA MET B 326 -18.43 12.20 -12.67
C MET B 326 -17.97 11.74 -14.05
N LYS B 327 -18.69 12.15 -15.10
CA LYS B 327 -18.34 11.79 -16.48
C LYS B 327 -18.34 10.28 -16.66
N MET B 328 -19.26 9.59 -15.99
CA MET B 328 -19.38 8.15 -16.01
C MET B 328 -20.76 7.70 -16.48
N GLN B 329 -21.39 8.48 -17.35
CA GLN B 329 -22.72 8.13 -17.84
C GLN B 329 -22.68 6.81 -18.59
N GLY B 330 -23.68 5.95 -18.31
CA GLY B 330 -23.73 4.63 -18.88
C GLY B 330 -22.85 3.60 -18.20
N GLN B 331 -21.85 4.03 -17.44
CA GLN B 331 -20.98 3.09 -16.74
C GLN B 331 -21.54 2.72 -15.37
N ILE B 332 -21.99 3.73 -14.62
CA ILE B 332 -22.58 3.54 -13.31
C ILE B 332 -23.87 4.35 -13.23
N GLY B 333 -24.58 4.21 -12.12
CA GLY B 333 -25.81 4.93 -11.92
C GLY B 333 -26.92 4.48 -12.86
N THR B 334 -26.72 3.34 -13.51
CA THR B 334 -27.71 2.81 -14.44
C THR B 334 -27.66 1.30 -14.41
N LEU B 335 -28.81 0.68 -14.69
CA LEU B 335 -28.93 -0.77 -14.77
C LEU B 335 -28.94 -1.27 -16.21
N ALA B 336 -28.53 -0.44 -17.16
CA ALA B 336 -28.47 -0.85 -18.55
C ALA B 336 -27.45 -1.96 -18.75
N ALA B 337 -27.58 -2.67 -19.87
CA ALA B 337 -26.57 -3.64 -20.24
C ALA B 337 -25.23 -2.94 -20.47
N ASN B 338 -24.16 -3.73 -20.38
CA ASN B 338 -22.78 -3.24 -20.54
C ASN B 338 -22.39 -2.25 -19.44
N ALA B 339 -23.21 -2.06 -18.42
CA ALA B 339 -22.84 -1.23 -17.29
C ALA B 339 -22.21 -2.09 -16.21
N ILE B 340 -21.49 -1.42 -15.30
CA ILE B 340 -20.85 -2.14 -14.20
C ILE B 340 -21.93 -2.77 -13.33
N ALA B 341 -21.74 -4.04 -12.99
CA ALA B 341 -22.67 -4.73 -12.13
C ALA B 341 -22.62 -4.13 -10.72
N ASP B 342 -23.17 -2.93 -10.57
CA ASP B 342 -23.29 -2.26 -9.27
C ASP B 342 -24.79 -2.14 -9.00
N ILE B 343 -25.32 -3.03 -8.17
CA ILE B 343 -26.74 -3.11 -7.92
C ILE B 343 -27.01 -2.95 -6.43
N SER B 344 -28.04 -2.18 -6.09
CA SER B 344 -28.51 -2.03 -4.72
C SER B 344 -29.95 -2.50 -4.66
N ILE B 345 -30.22 -3.50 -3.83
CA ILE B 345 -31.54 -4.08 -3.68
C ILE B 345 -32.13 -3.56 -2.37
N VAL B 346 -33.19 -2.74 -2.47
CA VAL B 346 -33.79 -2.08 -1.32
C VAL B 346 -35.27 -2.43 -1.23
N LYS B 347 -35.79 -2.33 -0.02
CA LYS B 347 -37.22 -2.44 0.25
C LYS B 347 -37.66 -1.21 0.99
N LEU B 348 -38.77 -0.61 0.55
CA LEU B 348 -39.30 0.56 1.24
C LEU B 348 -40.17 0.12 2.42
N ARG B 349 -39.85 0.61 3.61
CA ARG B 349 -40.42 0.09 4.84
C ARG B 349 -41.25 1.15 5.54
N LYS B 350 -42.32 0.71 6.19
CA LYS B 350 -43.22 1.63 6.88
C LYS B 350 -42.98 1.58 8.38
N ASP B 351 -42.39 2.64 8.92
CA ASP B 351 -42.14 2.75 10.36
C ASP B 351 -41.97 4.21 10.73
N LYS B 352 -42.21 4.51 12.01
CA LYS B 352 -42.05 5.87 12.51
C LYS B 352 -40.57 6.16 12.70
N ILE B 353 -40.09 7.20 12.02
CA ILE B 353 -38.68 7.55 11.97
C ILE B 353 -38.56 9.07 11.93
N THR B 354 -37.62 9.61 12.72
CA THR B 354 -37.49 11.03 12.96
C THR B 354 -36.27 11.59 12.24
N PHE B 355 -36.44 12.73 11.58
CA PHE B 355 -35.38 13.45 10.90
C PHE B 355 -35.19 14.79 11.59
N GLU B 356 -33.94 15.14 11.85
CA GLU B 356 -33.59 16.38 12.53
C GLU B 356 -32.69 17.22 11.62
N ASP B 357 -32.75 18.55 11.81
CA ASP B 357 -31.93 19.50 11.09
C ASP B 357 -30.91 20.15 12.04
N THR B 358 -30.33 21.27 11.61
CA THR B 358 -29.33 21.94 12.43
C THR B 358 -29.94 22.60 13.65
N ARG B 359 -31.05 23.32 13.47
CA ARG B 359 -31.67 24.05 14.57
C ARG B 359 -32.37 23.14 15.57
N GLY B 360 -32.46 21.84 15.30
CA GLY B 360 -33.16 20.92 16.16
C GLY B 360 -34.57 20.60 15.74
N LYS B 361 -35.05 21.19 14.65
CA LYS B 361 -36.41 20.94 14.19
C LYS B 361 -36.54 19.50 13.70
N THR B 362 -37.56 18.81 14.18
CA THR B 362 -37.78 17.40 13.84
C THR B 362 -38.87 17.25 12.80
N LEU B 363 -38.81 16.12 12.09
CA LEU B 363 -39.87 15.70 11.20
C LEU B 363 -40.05 14.20 11.39
N GLU B 364 -41.25 13.78 11.78
CA GLU B 364 -41.55 12.36 11.94
C GLU B 364 -42.04 11.82 10.59
N GLY B 365 -41.34 10.81 10.08
CA GLY B 365 -41.69 10.20 8.82
C GLY B 365 -42.39 8.88 9.01
N ASP B 366 -42.96 8.37 7.90
CA ASP B 366 -43.65 7.10 7.91
C ASP B 366 -42.89 5.99 7.21
N CYS B 367 -41.84 6.31 6.45
CA CYS B 367 -41.14 5.28 5.69
C CYS B 367 -39.67 5.62 5.57
N TYR B 368 -38.85 4.57 5.37
CA TYR B 368 -37.43 4.73 5.09
C TYR B 368 -36.99 3.64 4.13
N LEU B 369 -35.86 3.89 3.47
CA LEU B 369 -35.30 2.95 2.48
C LEU B 369 -34.29 2.05 3.18
N ASP B 370 -34.49 0.75 3.08
CA ASP B 370 -33.63 -0.24 3.73
C ASP B 370 -32.98 -1.11 2.67
N ASN B 371 -31.64 -1.12 2.64
CA ASN B 371 -30.90 -1.94 1.69
C ASN B 371 -30.80 -3.37 2.19
N CYS B 372 -31.09 -4.33 1.30
CA CYS B 372 -31.06 -5.74 1.64
C CYS B 372 -29.94 -6.50 0.97
N ALA B 373 -29.48 -6.05 -0.19
CA ALA B 373 -28.36 -6.68 -0.87
C ALA B 373 -27.57 -5.61 -1.62
N THR B 374 -26.27 -5.86 -1.78
CA THR B 374 -25.41 -5.01 -2.58
C THR B 374 -24.51 -5.89 -3.44
N ILE B 375 -24.39 -5.53 -4.71
CA ILE B 375 -23.51 -6.21 -5.64
C ILE B 375 -22.56 -5.16 -6.20
N CYS B 376 -21.26 -5.34 -5.99
CA CYS B 376 -20.26 -4.38 -6.42
C CYS B 376 -19.29 -5.07 -7.36
N ASN B 377 -19.15 -4.52 -8.56
CA ASN B 377 -18.34 -5.12 -9.62
C ASN B 377 -18.69 -6.59 -9.83
N GLY B 378 -19.98 -6.88 -9.83
CA GLY B 378 -20.45 -8.23 -10.04
C GLY B 378 -20.22 -9.19 -8.90
N GLN B 379 -19.84 -8.70 -7.72
CA GLN B 379 -19.61 -9.55 -6.56
C GLN B 379 -20.65 -9.26 -5.49
N ILE B 380 -21.15 -10.32 -4.86
CA ILE B 380 -22.11 -10.19 -3.76
C ILE B 380 -21.32 -9.78 -2.52
N VAL B 381 -21.30 -8.48 -2.23
CA VAL B 381 -20.59 -7.98 -1.04
C VAL B 381 -21.50 -7.85 0.17
N TYR B 382 -22.81 -8.01 0.01
CA TYR B 382 -23.76 -7.84 1.10
C TYR B 382 -25.07 -8.50 0.71
N ARG B 383 -25.57 -9.39 1.57
CA ARG B 383 -26.76 -10.16 1.24
C ARG B 383 -27.33 -10.77 2.52
N ARG B 384 -28.41 -10.18 3.02
CA ARG B 384 -29.12 -10.79 4.15
C ARG B 384 -29.73 -12.11 3.72
N LEU B 385 -29.76 -13.06 4.65
CA LEU B 385 -30.33 -14.37 4.34
C LEU B 385 -31.81 -14.29 4.00
N ARG B 386 -32.53 -13.35 4.62
CA ARG B 386 -33.95 -13.17 4.39
C ARG B 386 -34.23 -11.68 4.28
N PHE B 387 -34.64 -11.23 3.10
CA PHE B 387 -34.92 -9.82 2.89
C PHE B 387 -36.18 -9.40 3.65
N MET C 1 26.00 -23.59 5.74
CA MET C 1 26.85 -22.60 6.38
C MET C 1 27.53 -21.69 5.35
N LYS C 2 27.30 -22.00 4.08
CA LYS C 2 27.92 -21.25 2.99
C LYS C 2 27.57 -19.77 3.07
N LEU C 3 28.61 -18.93 3.04
CA LEU C 3 28.42 -17.49 3.14
C LEU C 3 27.79 -16.92 1.88
N ASP C 4 27.14 -15.76 2.03
CA ASP C 4 26.48 -15.10 0.92
C ASP C 4 27.29 -13.95 0.35
N ILE C 5 27.84 -13.10 1.20
CA ILE C 5 28.67 -11.96 0.77
C ILE C 5 29.88 -11.87 1.68
N VAL C 6 31.06 -11.69 1.10
CA VAL C 6 32.28 -11.34 1.82
C VAL C 6 32.82 -10.03 1.26
N ILE C 7 33.04 -9.07 2.15
CA ILE C 7 33.78 -7.86 1.81
C ILE C 7 35.21 -8.03 2.32
N LYS C 8 36.16 -8.07 1.39
CA LYS C 8 37.55 -8.38 1.71
C LYS C 8 38.44 -7.16 1.50
N ASN C 9 39.55 -7.13 2.25
CA ASN C 9 40.64 -6.18 2.10
C ASN C 9 40.25 -4.75 2.44
N GLY C 10 39.18 -4.56 3.23
CA GLY C 10 38.80 -3.25 3.68
C GLY C 10 39.31 -2.95 5.08
N GLN C 11 39.16 -1.70 5.48
CA GLN C 11 39.52 -1.23 6.82
C GLN C 11 38.24 -1.08 7.62
N ILE C 12 37.98 -2.02 8.53
CA ILE C 12 36.75 -2.03 9.30
C ILE C 12 36.84 -1.01 10.42
N ALA C 13 35.81 -0.18 10.56
CA ALA C 13 35.80 0.89 11.56
C ALA C 13 35.22 0.35 12.86
N ASP C 14 36.09 0.08 13.83
CA ASP C 14 35.68 -0.30 15.18
C ASP C 14 35.47 0.98 15.98
N ILE C 15 34.21 1.36 16.18
CA ILE C 15 33.92 2.62 16.87
C ILE C 15 34.21 2.50 18.35
N GLU C 16 34.07 1.30 18.93
CA GLU C 16 34.25 1.14 20.37
C GLU C 16 35.71 1.30 20.77
N ASN C 17 36.62 0.70 20.00
CA ASN C 17 38.05 0.82 20.27
C ASN C 17 38.71 2.00 19.58
N ARG C 18 37.94 2.79 18.83
CA ARG C 18 38.46 3.94 18.09
C ARG C 18 39.61 3.55 17.15
N THR C 19 39.54 2.34 16.60
CA THR C 19 40.61 1.81 15.75
C THR C 19 40.00 1.17 14.51
N TYR C 20 40.88 0.82 13.56
CA TYR C 20 40.50 0.05 12.39
C TYR C 20 40.99 -1.39 12.53
N ILE C 21 40.33 -2.29 11.81
CA ILE C 21 40.67 -3.71 11.82
C ILE C 21 40.74 -4.20 10.38
N ASN C 22 41.87 -4.82 10.02
CA ASN C 22 42.11 -5.30 8.67
C ASN C 22 41.69 -6.77 8.60
N ALA C 23 40.43 -6.99 8.25
CA ALA C 23 39.89 -8.34 8.13
C ALA C 23 38.68 -8.30 7.20
N ASP C 24 38.16 -9.48 6.91
CA ASP C 24 37.01 -9.63 6.03
C ASP C 24 35.74 -9.72 6.85
N ILE C 25 34.65 -9.21 6.28
CA ILE C 25 33.32 -9.28 6.88
C ILE C 25 32.50 -10.31 6.14
N GLY C 26 31.85 -11.20 6.90
CA GLY C 26 31.00 -12.24 6.33
C GLY C 26 29.54 -11.90 6.55
N ILE C 27 28.70 -12.28 5.60
CA ILE C 27 27.27 -12.01 5.65
C ILE C 27 26.53 -13.27 5.19
N LYS C 28 25.64 -13.77 6.04
CA LYS C 28 24.74 -14.87 5.68
C LYS C 28 23.32 -14.38 5.92
N GLY C 29 22.57 -14.19 4.84
CA GLY C 29 21.24 -13.64 4.96
C GLY C 29 21.31 -12.15 5.21
N ASN C 30 20.59 -11.68 6.23
CA ASN C 30 20.62 -10.28 6.62
C ASN C 30 21.41 -10.05 7.90
N ARG C 31 22.25 -11.01 8.27
CA ARG C 31 23.06 -10.92 9.47
C ARG C 31 24.54 -10.85 9.12
N ILE C 32 25.31 -10.24 9.99
CA ILE C 32 26.76 -10.26 9.91
C ILE C 32 27.25 -11.48 10.66
N VAL C 33 28.20 -12.21 10.06
CA VAL C 33 28.75 -13.41 10.65
C VAL C 33 30.22 -13.15 11.01
N ASP C 34 30.70 -13.84 12.04
CA ASP C 34 32.08 -13.67 12.48
C ASP C 34 33.02 -14.46 11.57
N ILE C 35 33.94 -13.75 10.92
CA ILE C 35 35.00 -14.38 10.14
C ILE C 35 36.33 -14.03 10.80
N SER C 36 36.38 -14.15 12.13
CA SER C 36 37.56 -13.80 12.92
C SER C 36 38.79 -14.61 12.53
N GLN C 42 35.27 -17.22 1.21
CA GLN C 42 34.44 -18.10 0.38
C GLN C 42 32.96 -17.75 0.49
N ALA C 43 32.42 -17.07 -0.52
CA ALA C 43 30.99 -16.73 -0.53
C ALA C 43 30.48 -16.69 -1.96
N GLU C 44 29.15 -16.61 -2.07
CA GLU C 44 28.52 -16.46 -3.36
C GLU C 44 28.99 -15.18 -4.06
N THR C 45 29.10 -14.09 -3.30
CA THR C 45 29.50 -12.79 -3.84
C THR C 45 30.64 -12.23 -3.00
N VAL C 46 31.71 -11.81 -3.65
CA VAL C 46 32.89 -11.27 -2.98
C VAL C 46 33.10 -9.84 -3.45
N ILE C 47 33.13 -8.90 -2.51
CA ILE C 47 33.35 -7.49 -2.79
C ILE C 47 34.74 -7.12 -2.31
N ASP C 48 35.47 -6.38 -3.15
CA ASP C 48 36.87 -6.04 -2.89
C ASP C 48 36.92 -4.60 -2.40
N ALA C 49 37.04 -4.42 -1.07
CA ALA C 49 37.14 -3.10 -0.46
C ALA C 49 38.59 -2.65 -0.29
N SER C 50 39.46 -3.01 -1.23
CA SER C 50 40.85 -2.57 -1.19
C SER C 50 40.93 -1.05 -1.24
N GLY C 51 41.64 -0.46 -0.28
CA GLY C 51 41.73 0.98 -0.21
C GLY C 51 40.46 1.67 0.24
N CYS C 52 39.61 0.96 0.98
CA CYS C 52 38.32 1.50 1.42
C CYS C 52 38.19 1.35 2.93
N ILE C 53 37.48 2.30 3.53
CA ILE C 53 37.04 2.19 4.91
C ILE C 53 35.63 1.60 4.92
N ILE C 54 35.41 0.63 5.79
CA ILE C 54 34.12 -0.05 5.88
C ILE C 54 33.41 0.47 7.12
N LEU C 55 32.36 1.22 6.91
CA LEU C 55 31.53 1.72 7.98
C LEU C 55 30.30 0.85 8.15
N PRO C 56 29.69 0.83 9.32
CA PRO C 56 28.34 0.27 9.42
C PRO C 56 27.37 1.20 8.71
N GLY C 57 26.24 0.64 8.29
CA GLY C 57 25.21 1.42 7.65
C GLY C 57 24.91 2.68 8.43
N LEU C 58 25.09 3.84 7.81
CA LEU C 58 24.93 5.11 8.51
C LEU C 58 23.48 5.31 8.93
N ILE C 59 23.29 6.14 9.95
CA ILE C 59 21.98 6.42 10.51
C ILE C 59 21.78 7.92 10.55
N ASP C 60 20.80 8.42 9.79
CA ASP C 60 20.43 9.82 9.77
C ASP C 60 19.30 10.03 10.76
N PHE C 61 19.54 10.82 11.81
CA PHE C 61 18.66 10.86 12.97
C PHE C 61 17.57 11.92 12.88
N HIS C 62 17.77 12.98 12.09
CA HIS C 62 16.73 13.97 11.83
C HIS C 62 16.66 14.17 10.32
N GLY C 63 15.83 13.33 9.66
CA GLY C 63 15.40 13.59 8.31
C GLY C 63 13.88 13.68 8.31
N HIS C 64 13.34 14.20 7.20
CA HIS C 64 11.90 14.28 7.01
C HIS C 64 11.57 13.40 5.80
N VAL C 65 10.93 12.25 6.05
CA VAL C 65 10.79 11.20 5.03
C VAL C 65 9.36 10.70 4.85
N PHE C 66 8.37 11.55 5.14
CA PHE C 66 6.96 11.24 4.86
C PHE C 66 6.63 11.74 3.46
N HIS C 67 7.11 11.00 2.46
CA HIS C 67 6.81 11.35 1.08
C HIS C 67 5.40 10.89 0.72
N GLY C 68 4.66 11.76 0.04
CA GLY C 68 3.27 11.49 -0.25
C GLY C 68 2.34 12.25 0.68
N GLY C 69 2.72 12.35 1.95
CA GLY C 69 1.91 13.01 2.95
C GLY C 69 2.37 14.40 3.33
N THR C 70 3.57 14.78 2.89
CA THR C 70 4.12 16.10 3.18
C THR C 70 4.80 16.64 1.92
N ALA C 71 5.06 17.95 1.93
CA ALA C 71 5.68 18.61 0.78
C ALA C 71 7.20 18.69 0.88
N ILE C 72 7.77 18.47 2.08
CA ILE C 72 9.20 18.65 2.28
C ILE C 72 9.98 17.35 2.28
N SER C 73 9.31 16.21 2.34
CA SER C 73 10.02 14.96 2.56
C SER C 73 10.64 14.43 1.27
N VAL C 74 11.55 13.47 1.43
CA VAL C 74 12.10 12.72 0.31
C VAL C 74 11.80 11.24 0.55
N ASN C 75 12.13 10.42 -0.44
CA ASN C 75 12.07 8.98 -0.28
C ASN C 75 13.43 8.48 0.13
N PRO C 76 13.59 7.88 1.33
CA PRO C 76 14.94 7.44 1.73
C PRO C 76 15.48 6.31 0.87
N ASP C 77 14.60 5.41 0.41
CA ASP C 77 15.05 4.29 -0.42
C ASP C 77 15.67 4.74 -1.73
N ILE C 78 15.39 5.97 -2.18
CA ILE C 78 15.85 6.46 -3.47
C ILE C 78 17.13 7.27 -3.35
N VAL C 79 17.16 8.25 -2.45
CA VAL C 79 18.25 9.23 -2.39
C VAL C 79 19.21 9.02 -1.23
N CYS C 80 18.94 8.10 -0.32
CA CYS C 80 19.77 7.94 0.87
C CYS C 80 20.64 6.68 0.85
N LEU C 81 20.13 5.57 0.31
CA LEU C 81 20.95 4.37 0.19
C LEU C 81 22.22 4.58 -0.64
N PRO C 82 22.19 5.24 -1.81
CA PRO C 82 23.44 5.40 -2.58
C PRO C 82 24.47 6.28 -1.90
N ASN C 83 24.12 6.94 -0.80
CA ASN C 83 25.06 7.72 -0.02
C ASN C 83 25.28 7.12 1.38
N GLY C 84 25.14 5.79 1.48
CA GLY C 84 25.59 5.06 2.65
C GLY C 84 24.57 4.91 3.78
N VAL C 85 23.43 5.59 3.71
CA VAL C 85 22.47 5.64 4.81
C VAL C 85 21.47 4.49 4.67
N THR C 86 21.37 3.67 5.72
CA THR C 86 20.46 2.54 5.73
C THR C 86 19.39 2.60 6.83
N SER C 87 19.50 3.53 7.77
CA SER C 87 18.49 3.71 8.80
C SER C 87 18.28 5.21 9.02
N MET C 88 17.11 5.55 9.56
CA MET C 88 16.71 6.95 9.60
C MET C 88 15.63 7.12 10.67
N VAL C 89 15.49 8.36 11.14
CA VAL C 89 14.46 8.73 12.11
C VAL C 89 13.75 9.96 11.59
N ASP C 90 12.44 9.86 11.39
CA ASP C 90 11.65 10.99 10.93
C ASP C 90 11.31 11.89 12.10
N ALA C 91 11.67 13.17 11.99
CA ALA C 91 11.55 14.11 13.11
C ALA C 91 10.22 14.86 13.06
N GLY C 92 9.14 14.10 13.23
CA GLY C 92 7.82 14.69 13.39
C GLY C 92 7.16 15.18 12.11
N SER C 93 7.31 14.45 11.01
CA SER C 93 6.58 14.80 9.80
C SER C 93 5.08 14.56 9.97
N SER C 94 4.71 13.55 10.73
CA SER C 94 3.31 13.16 10.91
C SER C 94 2.83 13.52 12.31
N GLY C 95 1.55 13.89 12.39
CA GLY C 95 0.84 13.95 13.64
C GLY C 95 0.00 12.72 13.86
N TRP C 96 -0.91 12.81 14.84
CA TRP C 96 -1.76 11.67 15.12
C TRP C 96 -2.74 11.39 13.98
N VAL C 97 -3.02 12.38 13.15
CA VAL C 97 -3.96 12.17 12.04
C VAL C 97 -3.34 11.26 10.99
N ASN C 98 -2.15 11.59 10.52
CA ASN C 98 -1.57 10.94 9.35
C ASN C 98 -0.41 9.99 9.67
N TYR C 99 -0.18 9.69 10.94
CA TYR C 99 0.94 8.81 11.28
C TYR C 99 0.74 7.40 10.72
N SER C 100 -0.39 6.76 11.09
CA SER C 100 -0.59 5.37 10.72
C SER C 100 -0.57 5.18 9.21
N LEU C 101 -0.95 6.22 8.45
CA LEU C 101 -0.76 6.18 7.01
C LEU C 101 0.71 6.26 6.64
N PHE C 102 1.47 7.12 7.33
CA PHE C 102 2.90 7.21 7.11
C PHE C 102 3.60 5.90 7.44
N ARG C 103 3.16 5.21 8.51
CA ARG C 103 3.79 3.95 8.85
C ARG C 103 3.38 2.83 7.90
N ASN C 104 2.13 2.85 7.45
CA ASN C 104 1.66 1.79 6.57
C ASN C 104 2.10 1.98 5.13
N SER C 105 2.21 3.23 4.67
CA SER C 105 2.49 3.50 3.27
C SER C 105 3.96 3.81 2.99
N VAL C 106 4.74 4.12 4.01
CA VAL C 106 6.16 4.43 3.83
C VAL C 106 7.01 3.48 4.67
N ILE C 107 6.85 3.51 5.99
CA ILE C 107 7.73 2.80 6.90
C ILE C 107 7.71 1.30 6.61
N HIS C 108 6.53 0.70 6.68
CA HIS C 108 6.41 -0.75 6.49
C HIS C 108 6.91 -1.21 5.13
N PRO C 109 6.56 -0.58 3.99
CA PRO C 109 7.11 -1.05 2.72
C PRO C 109 8.55 -0.65 2.46
N ALA C 110 9.10 0.33 3.18
CA ALA C 110 10.44 0.82 2.91
C ALA C 110 11.49 -0.24 3.25
N MET C 111 12.71 0.00 2.76
CA MET C 111 13.87 -0.81 3.14
C MET C 111 14.71 -0.15 4.22
N VAL C 112 15.03 1.13 4.04
CA VAL C 112 15.62 1.95 5.10
C VAL C 112 14.77 1.82 6.35
N LYS C 113 15.35 1.29 7.42
CA LYS C 113 14.64 1.19 8.68
C LYS C 113 14.34 2.58 9.21
N ILE C 114 13.06 2.89 9.38
CA ILE C 114 12.62 4.21 9.81
C ILE C 114 11.94 4.09 11.16
N LYS C 115 12.53 4.73 12.17
CA LYS C 115 11.84 5.06 13.40
C LYS C 115 11.35 6.50 13.31
N SER C 116 10.49 6.90 14.25
CA SER C 116 9.86 8.20 14.10
C SER C 116 9.69 8.89 15.45
N TYR C 117 9.57 10.21 15.38
CA TYR C 117 8.99 11.03 16.43
C TYR C 117 7.63 11.52 15.95
N LEU C 118 6.64 11.50 16.83
CA LEU C 118 5.29 11.91 16.50
C LEU C 118 5.11 13.39 16.84
N ASN C 119 4.84 14.22 15.84
CA ASN C 119 4.59 15.62 16.13
C ASN C 119 3.34 15.77 17.00
N VAL C 120 3.29 16.85 17.77
CA VAL C 120 2.11 17.11 18.59
C VAL C 120 1.01 17.73 17.76
N VAL C 121 1.36 18.41 16.66
CA VAL C 121 0.36 18.99 15.78
C VAL C 121 -0.50 17.88 15.17
N ASN C 122 -1.75 18.22 14.85
CA ASN C 122 -2.68 17.24 14.29
C ASN C 122 -2.11 16.60 13.02
N VAL C 123 -1.60 17.41 12.10
CA VAL C 123 -1.22 16.96 10.78
C VAL C 123 0.30 16.93 10.59
N GLY C 124 1.07 17.06 11.67
CA GLY C 124 2.51 17.08 11.53
C GLY C 124 2.98 18.32 10.79
N LEU C 125 3.95 18.13 9.90
CA LEU C 125 4.55 19.21 9.13
C LEU C 125 4.05 19.23 7.68
N SER C 126 2.89 18.62 7.43
CA SER C 126 2.30 18.54 6.10
C SER C 126 2.06 19.90 5.46
N THR C 127 2.06 20.98 6.26
CA THR C 127 1.57 22.29 5.87
C THR C 127 2.65 23.20 5.29
N LEU C 128 3.93 22.90 5.50
CA LEU C 128 5.03 23.69 4.95
C LEU C 128 5.63 22.97 3.75
N GLY C 129 6.10 23.73 2.75
CA GLY C 129 6.91 23.08 1.73
C GLY C 129 6.96 23.61 0.30
N GLY C 130 5.86 24.19 -0.18
CA GLY C 130 5.82 24.56 -1.59
C GLY C 130 6.80 25.62 -2.01
N GLY C 131 7.49 26.23 -1.05
CA GLY C 131 8.19 27.49 -1.26
C GLY C 131 7.58 28.59 -0.42
N PRO C 132 7.51 29.81 -0.96
CA PRO C 132 6.83 30.90 -0.24
C PRO C 132 5.38 30.60 0.07
N THR C 133 4.71 29.77 -0.73
CA THR C 133 3.30 29.49 -0.53
C THR C 133 3.04 28.56 0.64
N GLY C 134 4.03 27.76 1.05
CA GLY C 134 3.87 26.94 2.24
C GLY C 134 3.63 27.79 3.47
N TYR C 135 3.21 27.12 4.55
CA TYR C 135 2.96 27.84 5.80
C TYR C 135 3.29 26.94 6.98
N LEU C 136 3.52 27.57 8.13
CA LEU C 136 3.98 26.86 9.32
C LEU C 136 2.84 26.10 9.97
N GLU C 137 3.22 25.14 10.82
CA GLU C 137 2.26 24.28 11.49
C GLU C 137 1.71 24.94 12.76
N ASN C 138 0.59 24.40 13.24
CA ASN C 138 -0.14 24.97 14.37
C ASN C 138 0.23 24.20 15.63
N THR C 139 1.09 24.78 16.46
CA THR C 139 1.51 24.19 17.73
C THR C 139 0.68 24.69 18.91
N ASN C 140 -0.51 25.21 18.64
CA ASN C 140 -1.39 25.69 19.72
C ASN C 140 -1.76 24.53 20.63
N PRO C 141 -1.46 24.61 21.94
CA PRO C 141 -1.91 23.54 22.86
C PRO C 141 -3.42 23.42 22.95
N ALA C 142 -4.18 24.41 22.49
CA ALA C 142 -5.62 24.29 22.41
C ALA C 142 -6.06 23.25 21.38
N ASN C 143 -5.16 22.82 20.50
CA ASN C 143 -5.47 21.84 19.47
C ASN C 143 -4.72 20.53 19.66
N TYR C 144 -4.15 20.30 20.83
CA TYR C 144 -3.48 19.03 21.12
C TYR C 144 -4.52 17.99 21.49
N ASN C 145 -4.66 16.96 20.67
CA ASN C 145 -5.55 15.85 20.98
C ASN C 145 -4.75 14.83 21.78
N GLU C 146 -4.77 14.98 23.11
CA GLU C 146 -4.03 14.08 23.98
C GLU C 146 -4.48 12.64 23.81
N GLU C 147 -5.80 12.41 23.87
CA GLU C 147 -6.33 11.06 23.74
C GLU C 147 -5.93 10.43 22.40
N LYS C 148 -5.79 11.24 21.36
CA LYS C 148 -5.33 10.70 20.09
C LYS C 148 -3.81 10.53 20.08
N ILE C 149 -3.07 11.49 20.62
CA ILE C 149 -1.62 11.35 20.72
C ILE C 149 -1.27 10.16 21.59
N ALA C 150 -1.96 10.00 22.71
CA ALA C 150 -1.71 8.86 23.59
C ALA C 150 -2.04 7.55 22.88
N GLN C 151 -3.11 7.53 22.08
CA GLN C 151 -3.47 6.33 21.34
C GLN C 151 -2.41 5.97 20.32
N THR C 152 -1.91 6.97 19.58
CA THR C 152 -0.89 6.72 18.56
C THR C 152 0.40 6.22 19.19
N LEU C 153 0.84 6.88 20.25
CA LEU C 153 2.09 6.49 20.92
C LEU C 153 1.99 5.07 21.47
N ASN C 154 0.89 4.77 22.17
CA ASN C 154 0.78 3.49 22.86
C ASN C 154 0.69 2.32 21.89
N ASP C 155 0.01 2.51 20.75
CA ASP C 155 -0.14 1.44 19.79
C ASP C 155 1.09 1.26 18.89
N ASN C 156 2.08 2.16 18.99
CA ASN C 156 3.26 2.12 18.13
C ASN C 156 4.51 2.46 18.92
N ARG C 157 4.64 1.92 20.13
CA ARG C 157 5.84 2.18 20.92
C ARG C 157 7.06 1.46 20.35
N ASP C 158 6.85 0.49 19.46
CA ASP C 158 7.94 -0.18 18.77
C ASP C 158 8.55 0.69 17.67
N ASN C 159 8.05 1.91 17.48
CA ASN C 159 8.52 2.73 16.37
C ASN C 159 8.61 4.20 16.76
N ILE C 160 7.61 4.71 17.46
CA ILE C 160 7.60 6.10 17.88
C ILE C 160 8.52 6.24 19.10
N LEU C 161 9.59 7.03 18.95
CA LEU C 161 10.52 7.25 20.05
C LEU C 161 10.07 8.35 20.99
N GLY C 162 9.10 9.16 20.58
CA GLY C 162 8.64 10.28 21.39
C GLY C 162 7.89 11.28 20.51
N LEU C 163 7.71 12.47 21.07
CA LEU C 163 6.99 13.54 20.38
C LEU C 163 7.96 14.63 19.94
N LYS C 164 7.71 15.18 18.76
CA LYS C 164 8.51 16.27 18.22
C LYS C 164 7.72 17.57 18.30
N LEU C 165 8.42 18.65 18.66
CA LEU C 165 7.85 19.98 18.66
C LEU C 165 8.90 20.95 18.13
N ARG C 166 8.45 21.94 17.35
CA ARG C 166 9.32 23.00 16.88
C ARG C 166 8.93 24.28 17.61
N TYR C 167 9.90 24.89 18.29
CA TYR C 167 9.67 25.96 19.25
C TYR C 167 10.41 27.22 18.79
N SER C 168 9.75 28.00 17.94
CA SER C 168 10.37 29.21 17.40
C SER C 168 9.46 30.43 17.60
N LYS C 175 -0.77 35.37 15.96
CA LYS C 175 -1.48 34.31 16.68
C LYS C 175 -1.44 34.55 18.19
N GLN C 176 -2.32 33.85 18.91
CA GLN C 176 -2.42 34.03 20.36
C GLN C 176 -2.81 32.68 20.97
N TYR C 177 -1.80 31.88 21.30
CA TYR C 177 -2.03 30.55 21.83
C TYR C 177 -2.61 30.61 23.25
N ALA C 178 -2.97 29.43 23.77
CA ALA C 178 -3.49 29.33 25.13
C ALA C 178 -2.37 29.09 26.14
N SER C 179 -1.64 28.00 25.98
CA SER C 179 -0.51 27.66 26.83
C SER C 179 0.80 27.87 26.07
N ASP C 180 1.89 27.44 26.67
CA ASP C 180 3.15 27.44 25.93
C ASP C 180 3.36 26.09 25.27
N PRO C 181 3.70 26.05 23.98
CA PRO C 181 3.91 24.75 23.33
C PRO C 181 4.91 23.84 24.04
N LEU C 182 6.03 24.39 24.49
CA LEU C 182 7.06 23.55 25.12
C LEU C 182 6.61 23.06 26.48
N LEU C 183 6.06 23.95 27.31
CA LEU C 183 5.54 23.54 28.61
C LEU C 183 4.43 22.51 28.46
N ALA C 184 3.49 22.76 27.55
CA ALA C 184 2.40 21.83 27.35
C ALA C 184 2.90 20.49 26.81
N THR C 185 3.84 20.52 25.86
CA THR C 185 4.34 19.28 25.28
C THR C 185 5.09 18.46 26.31
N VAL C 186 6.13 19.05 26.93
CA VAL C 186 6.89 18.35 27.97
C VAL C 186 5.95 17.75 29.02
N ALA C 187 4.87 18.47 29.34
CA ALA C 187 3.87 17.92 30.23
C ALA C 187 3.22 16.66 29.64
N LEU C 188 2.87 16.71 28.36
CA LEU C 188 2.33 15.52 27.68
C LEU C 188 3.39 14.43 27.58
N VAL C 189 4.59 14.78 27.14
CA VAL C 189 5.69 13.80 27.04
C VAL C 189 5.91 13.10 28.37
N ARG C 190 6.03 13.88 29.45
CA ARG C 190 6.27 13.28 30.75
C ARG C 190 5.08 12.47 31.23
N LYS C 191 3.86 12.98 31.02
CA LYS C 191 2.67 12.24 31.41
C LYS C 191 2.62 10.89 30.71
N LEU C 192 2.81 10.89 29.38
CA LEU C 192 2.74 9.67 28.59
C LEU C 192 4.03 8.83 28.68
N GLU C 193 5.02 9.29 29.44
CA GLU C 193 6.24 8.51 29.72
C GLU C 193 6.99 8.16 28.43
N THR C 194 7.46 9.21 27.75
CA THR C 194 8.26 9.06 26.55
C THR C 194 9.25 10.22 26.49
N SER C 195 9.93 10.39 25.36
CA SER C 195 10.94 11.41 25.20
C SER C 195 10.47 12.50 24.23
N ILE C 196 11.21 13.60 24.21
CA ILE C 196 10.85 14.76 23.40
C ILE C 196 12.01 15.10 22.47
N CYS C 197 11.70 15.90 21.45
CA CYS C 197 12.69 16.45 20.53
C CYS C 197 12.21 17.83 20.12
N VAL C 198 13.01 18.86 20.42
CA VAL C 198 12.63 20.26 20.23
C VAL C 198 13.57 20.91 19.22
N HIS C 199 13.00 21.57 18.21
CA HIS C 199 13.79 22.30 17.23
C HIS C 199 14.61 23.40 17.91
N VAL C 200 13.95 24.18 18.77
CA VAL C 200 14.60 25.14 19.68
C VAL C 200 15.52 26.10 18.92
N THR C 201 15.03 26.64 17.82
CA THR C 201 15.71 27.69 17.06
C THR C 201 14.85 28.94 17.11
N ASP C 202 15.47 30.07 17.47
CA ASP C 202 14.77 31.32 17.69
C ASP C 202 13.69 31.17 18.76
N SER C 203 14.14 30.76 19.95
CA SER C 203 13.24 30.46 21.05
C SER C 203 13.01 31.71 21.91
N LEU C 204 11.82 31.77 22.51
CA LEU C 204 11.48 32.90 23.37
C LEU C 204 12.31 32.93 24.64
N LEU C 205 12.91 31.81 25.02
CA LEU C 205 13.71 31.72 26.24
C LEU C 205 15.17 31.46 25.90
N CYS C 206 16.07 31.90 26.78
CA CYS C 206 17.48 31.64 26.61
C CYS C 206 17.76 30.15 26.83
N ALA C 207 18.84 29.67 26.21
CA ALA C 207 19.16 28.25 26.29
C ALA C 207 19.43 27.80 27.72
N ASP C 208 19.87 28.73 28.58
CA ASP C 208 20.09 28.39 29.98
C ASP C 208 18.80 27.93 30.65
N GLU C 209 17.69 28.60 30.34
CA GLU C 209 16.40 28.24 30.92
C GLU C 209 15.80 27.02 30.23
N LEU C 210 15.77 27.04 28.90
CA LEU C 210 15.04 26.01 28.14
C LEU C 210 15.59 24.61 28.42
N ILE C 211 16.88 24.49 28.70
CA ILE C 211 17.49 23.18 28.89
C ILE C 211 17.10 22.53 30.21
N ARG C 212 16.51 23.29 31.14
CA ARG C 212 16.15 22.74 32.44
C ARG C 212 15.04 21.69 32.36
N TYR C 213 14.30 21.64 31.25
CA TYR C 213 13.20 20.69 31.09
C TYR C 213 13.61 19.41 30.38
N PHE C 214 14.83 19.32 29.88
CA PHE C 214 15.28 18.15 29.13
C PHE C 214 15.80 17.08 30.09
N GLU C 215 15.61 15.83 29.70
CA GLU C 215 15.98 14.67 30.51
C GLU C 215 16.97 13.79 29.75
N GLU C 216 17.35 12.67 30.37
CA GLU C 216 18.23 11.72 29.72
C GLU C 216 17.50 11.07 28.55
N GLY C 217 18.06 11.21 27.35
CA GLY C 217 17.45 10.66 26.16
C GLY C 217 16.63 11.64 25.35
N ASP C 218 16.40 12.84 25.87
CA ASP C 218 15.70 13.86 25.11
C ASP C 218 16.62 14.45 24.05
N ILE C 219 16.04 15.22 23.13
CA ILE C 219 16.74 15.67 21.94
C ILE C 219 16.65 17.20 21.86
N TYR C 220 17.78 17.86 22.11
CA TYR C 220 17.96 19.27 21.82
C TYR C 220 18.50 19.36 20.40
N ALA C 221 17.63 19.70 19.45
CA ALA C 221 17.96 19.68 18.03
C ALA C 221 18.43 21.05 17.56
N HIS C 222 19.27 21.03 16.52
CA HIS C 222 19.89 22.24 15.97
C HIS C 222 20.70 22.99 17.03
N CYS C 223 21.63 22.27 17.66
CA CYS C 223 22.39 22.86 18.77
C CYS C 223 23.30 23.99 18.30
N PHE C 224 23.80 23.92 17.08
CA PHE C 224 24.70 24.94 16.53
C PHE C 224 23.97 25.91 15.63
N HIS C 225 22.75 26.31 15.97
CA HIS C 225 21.93 27.05 15.00
C HIS C 225 22.34 28.53 14.91
N GLY C 226 22.60 29.17 16.05
CA GLY C 226 23.04 30.56 16.04
C GLY C 226 22.12 31.54 15.33
N THR C 227 20.81 31.47 15.60
CA THR C 227 19.83 32.41 15.08
C THR C 227 18.95 32.80 16.25
N GLY C 228 19.27 33.92 16.89
CA GLY C 228 18.67 34.23 18.18
C GLY C 228 19.45 33.57 19.30
N HIS C 229 18.75 33.31 20.40
CA HIS C 229 19.36 32.69 21.57
C HIS C 229 20.02 31.36 21.22
N SER C 230 21.35 31.34 21.19
CA SER C 230 22.11 30.14 20.86
C SER C 230 22.51 29.43 22.15
N ILE C 231 23.48 28.51 22.06
CA ILE C 231 23.94 27.77 23.24
C ILE C 231 25.10 28.52 23.87
N LEU C 232 25.35 29.75 23.43
CA LEU C 232 26.45 30.57 23.91
C LEU C 232 25.91 31.79 24.65
N ASN C 233 26.56 32.14 25.75
CA ASN C 233 26.19 33.32 26.52
C ASN C 233 26.71 34.58 25.83
N GLU C 234 26.47 35.73 26.47
CA GLU C 234 26.97 36.99 25.93
C GLU C 234 28.49 37.11 25.99
N GLN C 235 29.15 36.25 26.77
CA GLN C 235 30.60 36.14 26.71
C GLN C 235 31.07 35.22 25.59
N GLY C 236 30.14 34.54 24.91
CA GLY C 236 30.50 33.68 23.79
C GLY C 236 30.85 32.25 24.15
N GLN C 237 30.53 31.81 25.35
CA GLN C 237 30.90 30.48 25.82
C GLN C 237 29.66 29.61 25.98
N VAL C 238 29.86 28.30 25.82
CA VAL C 238 28.76 27.36 25.99
C VAL C 238 28.23 27.45 27.41
N TYR C 239 26.91 27.62 27.54
CA TYR C 239 26.27 27.75 28.85
C TYR C 239 26.67 26.60 29.77
N ALA C 240 26.67 26.87 31.06
CA ALA C 240 27.02 25.84 32.04
C ALA C 240 25.99 24.71 32.05
N ALA C 241 24.70 25.07 32.10
CA ALA C 241 23.66 24.05 32.13
C ALA C 241 23.61 23.25 30.84
N ILE C 242 24.00 23.86 29.71
CA ILE C 242 24.10 23.11 28.45
C ILE C 242 25.13 22.00 28.58
N LYS C 243 26.33 22.35 29.07
CA LYS C 243 27.35 21.34 29.33
C LYS C 243 26.87 20.35 30.39
N GLU C 244 26.20 20.85 31.44
CA GLU C 244 25.69 19.96 32.48
C GLU C 244 24.61 19.04 31.92
N ALA C 245 23.80 19.55 30.99
CA ALA C 245 22.75 18.73 30.39
C ALA C 245 23.33 17.53 29.66
N GLN C 246 24.34 17.76 28.80
CA GLN C 246 24.94 16.65 28.08
C GLN C 246 25.60 15.65 29.04
N SER C 247 26.11 16.13 30.17
CA SER C 247 26.66 15.22 31.17
C SER C 247 25.58 14.32 31.76
N ARG C 248 24.35 14.83 31.87
CA ARG C 248 23.26 14.04 32.44
C ARG C 248 22.75 12.98 31.47
N GLY C 249 22.62 13.33 30.20
CA GLY C 249 22.16 12.38 29.21
C GLY C 249 21.37 13.03 28.08
N VAL C 250 21.28 14.36 28.10
CA VAL C 250 20.58 15.08 27.04
C VAL C 250 21.38 14.95 25.75
N ILE C 251 20.69 14.66 24.66
CA ILE C 251 21.31 14.47 23.35
C ILE C 251 21.23 15.79 22.58
N PHE C 252 22.35 16.17 21.98
CA PHE C 252 22.43 17.39 21.18
C PHE C 252 22.71 17.01 19.73
N ASP C 253 21.93 17.57 18.82
CA ASP C 253 21.89 17.17 17.41
C ASP C 253 22.06 18.43 16.57
N CYS C 254 22.99 18.40 15.62
CA CYS C 254 23.25 19.59 14.80
C CYS C 254 22.13 19.81 13.79
N SER C 255 21.76 18.75 13.06
CA SER C 255 20.75 18.83 12.00
C SER C 255 20.99 20.05 11.12
N ASN C 256 22.03 19.99 10.30
CA ASN C 256 22.47 21.14 9.51
C ASN C 256 21.43 21.41 8.43
N GLY C 257 20.41 22.18 8.80
CA GLY C 257 19.39 22.53 7.84
C GLY C 257 19.89 23.56 6.85
N VAL C 258 18.97 24.25 6.17
CA VAL C 258 19.35 25.40 5.37
C VAL C 258 19.43 26.66 6.24
N ALA C 259 18.84 26.62 7.43
CA ALA C 259 18.84 27.76 8.34
C ALA C 259 18.96 27.30 9.78
N HIS C 260 19.75 26.25 10.03
CA HIS C 260 19.91 25.71 11.38
C HIS C 260 21.37 25.51 11.74
N PHE C 261 22.29 26.11 10.99
CA PHE C 261 23.71 25.92 11.22
C PHE C 261 24.42 27.26 11.03
N ASP C 262 25.20 27.66 12.04
CA ASP C 262 26.04 28.84 11.94
C ASP C 262 27.49 28.44 12.18
N PHE C 263 28.39 29.01 11.38
CA PHE C 263 29.80 28.69 11.50
C PHE C 263 30.36 29.19 12.83
N LYS C 264 30.00 30.40 13.23
CA LYS C 264 30.58 30.99 14.43
C LYS C 264 30.24 30.16 15.67
N VAL C 265 28.99 29.72 15.79
CA VAL C 265 28.55 28.99 16.98
C VAL C 265 29.20 27.61 17.01
N ALA C 266 29.17 26.90 15.88
CA ALA C 266 29.76 25.57 15.82
C ALA C 266 31.26 25.62 16.12
N GLN C 267 31.97 26.56 15.50
CA GLN C 267 33.42 26.67 15.71
C GLN C 267 33.74 26.99 17.16
N SER C 268 32.93 27.85 17.79
CA SER C 268 33.19 28.23 19.17
C SER C 268 32.93 27.06 20.14
N ALA C 269 31.90 26.27 19.88
CA ALA C 269 31.56 25.19 20.82
C ALA C 269 32.62 24.11 20.84
N MET C 270 33.13 23.72 19.66
CA MET C 270 34.04 22.58 19.63
C MET C 270 35.44 22.95 20.13
N GLU C 271 35.84 24.22 20.04
CA GLU C 271 37.08 24.63 20.69
C GLU C 271 36.93 24.60 22.21
N GLN C 272 35.74 24.90 22.72
CA GLN C 272 35.45 24.79 24.15
C GLN C 272 35.15 23.37 24.59
N GLY C 273 35.21 22.40 23.68
CA GLY C 273 35.00 21.01 24.03
C GLY C 273 33.58 20.52 23.94
N PHE C 274 32.69 21.25 23.24
CA PHE C 274 31.31 20.84 23.09
C PHE C 274 31.13 20.24 21.69
N TYR C 275 31.01 18.92 21.64
CA TYR C 275 30.85 18.21 20.39
C TYR C 275 29.46 17.57 20.32
N PRO C 276 28.82 17.59 19.15
CA PRO C 276 27.45 17.04 19.07
C PRO C 276 27.46 15.54 19.30
N ASP C 277 26.42 15.07 19.97
CA ASP C 277 26.22 13.63 20.12
C ASP C 277 25.65 12.99 18.87
N ILE C 278 24.94 13.78 18.06
CA ILE C 278 24.27 13.30 16.85
C ILE C 278 24.58 14.27 15.72
N ILE C 279 24.98 13.73 14.57
CA ILE C 279 25.14 14.51 13.35
C ILE C 279 24.03 14.08 12.39
N SER C 280 23.20 15.04 11.98
CA SER C 280 22.07 14.77 11.10
C SER C 280 21.96 15.91 10.08
N THR C 281 20.91 15.84 9.25
CA THR C 281 20.82 16.68 8.06
C THR C 281 19.63 17.62 8.04
N ASP C 282 18.49 17.26 8.65
CA ASP C 282 17.21 17.90 8.38
C ASP C 282 16.90 17.82 6.89
N LEU C 283 17.04 16.61 6.35
CA LEU C 283 16.96 16.39 4.91
C LEU C 283 15.57 16.70 4.37
N THR C 284 15.54 17.51 3.32
CA THR C 284 14.31 17.86 2.62
C THR C 284 14.58 17.78 1.12
N LEU C 285 13.50 17.78 0.34
CA LEU C 285 13.64 17.80 -1.12
C LEU C 285 14.40 19.05 -1.57
N ARG C 286 14.33 20.13 -0.80
CA ARG C 286 15.01 21.36 -1.20
C ARG C 286 16.51 21.27 -0.97
N ASN C 287 16.93 20.58 0.09
CA ASN C 287 18.34 20.53 0.45
C ASN C 287 18.98 19.17 0.14
N SER C 288 18.26 18.26 -0.50
CA SER C 288 18.81 16.95 -0.84
C SER C 288 19.54 17.05 -2.18
N LEU C 289 20.84 16.77 -2.17
CA LEU C 289 21.66 16.68 -3.38
C LEU C 289 21.67 17.98 -4.17
N ARG C 290 21.62 19.13 -3.48
CA ARG C 290 21.39 20.38 -4.20
C ARG C 290 22.27 21.53 -3.73
N THR C 291 22.33 21.77 -2.43
CA THR C 291 22.95 22.97 -1.92
C THR C 291 24.42 22.73 -1.55
N ASP C 292 25.00 23.66 -0.79
CA ASP C 292 26.28 23.49 -0.13
C ASP C 292 26.15 23.42 1.38
N LYS C 293 24.92 23.20 1.88
CA LYS C 293 24.64 23.24 3.31
C LYS C 293 24.20 21.90 3.87
N VAL C 294 23.31 21.19 3.17
CA VAL C 294 22.77 19.93 3.67
C VAL C 294 22.72 18.91 2.54
N TYR C 295 23.76 18.89 1.71
CA TYR C 295 23.75 18.11 0.47
C TYR C 295 23.35 16.66 0.73
N SER C 296 23.98 16.03 1.72
CA SER C 296 23.61 14.70 2.19
C SER C 296 24.16 14.55 3.60
N LEU C 297 24.04 13.35 4.16
CA LEU C 297 24.66 13.09 5.45
C LEU C 297 26.17 13.10 5.32
N LEU C 298 26.70 12.45 4.28
CA LEU C 298 28.14 12.45 4.05
C LEU C 298 28.68 13.87 3.90
N HIS C 299 27.91 14.75 3.26
CA HIS C 299 28.33 16.14 3.13
C HIS C 299 28.38 16.83 4.48
N VAL C 300 27.45 16.52 5.37
CA VAL C 300 27.48 17.11 6.71
C VAL C 300 28.59 16.49 7.54
N MET C 301 28.76 15.17 7.43
CA MET C 301 29.88 14.52 8.10
C MET C 301 31.22 15.09 7.61
N SER C 302 31.35 15.28 6.30
CA SER C 302 32.58 15.86 5.75
C SER C 302 32.81 17.27 6.26
N LYS C 303 31.72 18.03 6.44
CA LYS C 303 31.86 19.36 7.02
C LYS C 303 32.49 19.29 8.41
N TYR C 304 32.15 18.26 9.17
CA TYR C 304 32.66 18.16 10.54
C TYR C 304 34.08 17.60 10.59
N LEU C 305 34.46 16.76 9.62
CA LEU C 305 35.86 16.36 9.53
C LEU C 305 36.75 17.57 9.26
N ASN C 306 36.35 18.40 8.30
CA ASN C 306 37.05 19.64 7.97
C ASN C 306 36.90 20.71 9.06
N MET C 307 36.36 20.34 10.22
CA MET C 307 36.14 21.25 11.33
C MET C 307 36.96 20.89 12.56
N GLY C 308 37.78 19.85 12.47
CA GLY C 308 38.56 19.41 13.61
C GLY C 308 37.89 18.36 14.46
N MET C 309 36.76 17.83 14.04
CA MET C 309 36.16 16.73 14.78
C MET C 309 36.90 15.44 14.43
N PRO C 310 37.36 14.67 15.42
CA PRO C 310 38.03 13.41 15.13
C PRO C 310 37.14 12.49 14.30
N PHE C 311 37.78 11.72 13.42
CA PHE C 311 37.03 10.83 12.52
C PHE C 311 36.13 9.89 13.31
N PHE C 312 36.69 9.18 14.29
CA PHE C 312 35.91 8.19 15.04
C PHE C 312 34.84 8.84 15.90
N ASP C 313 34.90 10.15 16.12
CA ASP C 313 33.82 10.83 16.80
C ASP C 313 32.68 11.15 15.85
N VAL C 314 33.00 11.59 14.62
CA VAL C 314 31.98 11.89 13.63
C VAL C 314 31.20 10.64 13.25
N ILE C 315 31.91 9.54 13.02
CA ILE C 315 31.23 8.27 12.76
C ILE C 315 30.28 7.95 13.91
N ARG C 316 30.81 7.94 15.15
CA ARG C 316 29.99 7.64 16.32
C ARG C 316 28.72 8.46 16.36
N ALA C 317 28.78 9.73 15.94
CA ALA C 317 27.62 10.60 15.97
C ALA C 317 26.58 10.26 14.90
N VAL C 318 26.85 9.25 14.06
CA VAL C 318 25.90 8.79 13.05
C VAL C 318 25.84 7.27 13.03
N THR C 319 26.47 6.61 14.00
CA THR C 319 26.37 5.15 14.00
C THR C 319 25.89 4.58 15.34
N ALA C 320 26.63 4.80 16.43
CA ALA C 320 26.34 4.16 17.71
C ALA C 320 25.43 4.99 18.59
N THR C 321 25.68 6.30 18.69
CA THR C 321 24.78 7.15 19.47
C THR C 321 23.34 7.12 18.94
N PRO C 322 23.08 7.31 17.64
CA PRO C 322 21.68 7.19 17.18
C PRO C 322 21.12 5.79 17.37
N ALA C 323 21.85 4.76 16.94
CA ALA C 323 21.39 3.39 17.12
C ALA C 323 21.05 3.07 18.56
N ARG C 324 21.59 3.83 19.52
CA ARG C 324 21.20 3.68 20.91
C ARG C 324 19.87 4.37 21.18
N LEU C 325 19.74 5.62 20.73
CA LEU C 325 18.52 6.38 20.99
C LEU C 325 17.30 5.77 20.32
N MET C 326 17.49 5.09 19.19
CA MET C 326 16.39 4.35 18.60
C MET C 326 16.19 2.98 19.24
N LYS C 327 16.86 2.73 20.37
CA LYS C 327 16.70 1.51 21.15
C LYS C 327 17.04 0.28 20.31
N MET C 328 18.15 0.36 19.58
CA MET C 328 18.57 -0.69 18.67
C MET C 328 20.06 -0.98 18.84
N GLN C 329 20.55 -0.98 20.07
CA GLN C 329 21.96 -1.26 20.29
C GLN C 329 22.28 -2.69 19.89
N GLY C 330 23.38 -2.86 19.17
CA GLY C 330 23.81 -4.15 18.69
C GLY C 330 23.14 -4.64 17.43
N GLN C 331 21.99 -4.09 17.06
CA GLN C 331 21.30 -4.51 15.85
C GLN C 331 21.76 -3.73 14.62
N ILE C 332 21.93 -2.42 14.74
CA ILE C 332 22.45 -1.58 13.68
C ILE C 332 23.37 -0.54 14.31
N GLY C 333 23.97 0.28 13.45
CA GLY C 333 25.00 1.20 13.91
C GLY C 333 26.30 0.54 14.28
N THR C 334 26.54 -0.68 13.80
CA THR C 334 27.74 -1.41 14.16
C THR C 334 28.03 -2.44 13.08
N LEU C 335 29.26 -2.95 13.09
CA LEU C 335 29.66 -4.04 12.21
C LEU C 335 30.01 -5.31 12.97
N ALA C 336 29.63 -5.39 14.25
CA ALA C 336 29.91 -6.56 15.06
C ALA C 336 29.07 -7.75 14.58
N ALA C 337 29.37 -8.92 15.14
CA ALA C 337 28.67 -10.13 14.76
C ALA C 337 27.18 -10.04 15.10
N ASN C 338 26.38 -10.80 14.37
CA ASN C 338 24.94 -10.92 14.58
C ASN C 338 24.19 -9.60 14.36
N ALA C 339 24.91 -8.54 14.00
CA ALA C 339 24.23 -7.29 13.68
C ALA C 339 23.56 -7.40 12.32
N ILE C 340 22.58 -6.52 12.10
CA ILE C 340 21.93 -6.46 10.80
C ILE C 340 22.94 -5.99 9.75
N ALA C 341 22.99 -6.69 8.63
CA ALA C 341 24.01 -6.44 7.61
C ALA C 341 23.81 -5.13 6.87
N ASP C 342 23.99 -4.01 7.56
CA ASP C 342 23.95 -2.67 6.96
C ASP C 342 25.38 -2.16 6.88
N ILE C 343 25.92 -2.09 5.65
CA ILE C 343 27.33 -1.78 5.45
C ILE C 343 27.44 -0.67 4.41
N SER C 344 28.27 0.33 4.71
CA SER C 344 28.60 1.42 3.79
C SER C 344 30.11 1.41 3.57
N ILE C 345 30.52 1.21 2.32
CA ILE C 345 31.93 1.17 1.95
C ILE C 345 32.29 2.51 1.31
N VAL C 346 33.27 3.21 1.90
CA VAL C 346 33.57 4.57 1.51
C VAL C 346 35.07 4.75 1.29
N LYS C 347 35.41 5.83 0.59
CA LYS C 347 36.76 6.34 0.48
C LYS C 347 36.78 7.78 0.94
N LEU C 348 37.87 8.19 1.60
CA LEU C 348 38.09 9.59 1.93
C LEU C 348 38.90 10.20 0.80
N ARG C 349 38.25 11.05 0.01
CA ARG C 349 38.85 11.62 -1.19
C ARG C 349 39.30 13.05 -0.90
N LYS C 350 40.42 13.45 -1.51
CA LYS C 350 40.97 14.78 -1.34
C LYS C 350 40.52 15.65 -2.51
N ASP C 351 39.88 16.78 -2.19
CA ASP C 351 39.44 17.76 -3.19
C ASP C 351 38.91 18.98 -2.46
N LYS C 352 38.97 20.12 -3.13
CA LYS C 352 38.52 21.38 -2.53
C LYS C 352 37.00 21.45 -2.55
N ILE C 353 36.39 21.50 -1.37
CA ILE C 353 34.94 21.45 -1.22
C ILE C 353 34.51 22.51 -0.23
N THR C 354 33.53 23.33 -0.62
CA THR C 354 33.10 24.47 0.18
C THR C 354 31.79 24.17 0.89
N PHE C 355 31.76 24.44 2.19
CA PHE C 355 30.57 24.27 3.01
C PHE C 355 30.00 25.65 3.37
N GLU C 356 28.67 25.75 3.38
CA GLU C 356 27.98 27.00 3.65
C GLU C 356 27.08 26.85 4.87
N ASP C 357 26.81 27.97 5.52
CA ASP C 357 25.96 28.03 6.70
C ASP C 357 24.74 28.92 6.44
N THR C 358 23.88 29.03 7.46
CA THR C 358 22.65 29.80 7.31
C THR C 358 22.92 31.27 6.98
N ARG C 359 24.03 31.82 7.48
CA ARG C 359 24.34 33.23 7.28
C ARG C 359 25.05 33.50 5.96
N GLY C 360 25.59 32.47 5.30
CA GLY C 360 26.30 32.65 4.06
C GLY C 360 27.81 32.51 4.18
N LYS C 361 28.35 32.50 5.40
CA LYS C 361 29.77 32.27 5.58
C LYS C 361 30.18 30.94 4.95
N THR C 362 31.37 30.91 4.37
CA THR C 362 31.83 29.75 3.63
C THR C 362 33.13 29.22 4.23
N LEU C 363 33.32 27.91 4.12
CA LEU C 363 34.55 27.26 4.57
C LEU C 363 35.03 26.33 3.46
N GLU C 364 36.27 26.52 3.01
CA GLU C 364 36.88 25.65 2.03
C GLU C 364 37.55 24.49 2.74
N GLY C 365 37.16 23.27 2.40
CA GLY C 365 37.69 22.07 3.01
C GLY C 365 38.62 21.32 2.07
N ASP C 366 39.31 20.32 2.64
CA ASP C 366 40.32 19.59 1.90
C ASP C 366 39.85 18.22 1.40
N CYS C 367 38.89 17.60 2.07
CA CYS C 367 38.48 16.25 1.71
C CYS C 367 36.98 16.11 1.87
N TYR C 368 36.46 14.96 1.45
CA TYR C 368 35.04 14.65 1.60
C TYR C 368 34.86 13.14 1.58
N LEU C 369 33.81 12.68 2.24
CA LEU C 369 33.49 11.25 2.28
C LEU C 369 32.67 10.85 1.07
N ASP C 370 33.04 9.73 0.45
CA ASP C 370 32.45 9.28 -0.80
C ASP C 370 32.05 7.82 -0.68
N ASN C 371 30.76 7.54 -0.80
CA ASN C 371 30.25 6.18 -0.72
C ASN C 371 30.37 5.49 -2.08
N CYS C 372 30.87 4.25 -2.07
CA CYS C 372 31.02 3.47 -3.29
C CYS C 372 30.17 2.22 -3.32
N ALA C 373 29.62 1.79 -2.18
CA ALA C 373 28.83 0.57 -2.11
C ALA C 373 27.94 0.64 -0.88
N THR C 374 26.79 -0.04 -0.97
CA THR C 374 25.84 -0.10 0.14
C THR C 374 25.19 -1.48 0.15
N ILE C 375 25.37 -2.22 1.23
CA ILE C 375 24.64 -3.45 1.50
C ILE C 375 23.58 -3.13 2.56
N CYS C 376 22.33 -3.49 2.28
CA CYS C 376 21.23 -3.21 3.18
C CYS C 376 20.43 -4.49 3.38
N ASN C 377 20.24 -4.86 4.65
CA ASN C 377 19.55 -6.11 5.01
C ASN C 377 20.15 -7.30 4.28
N GLY C 378 21.47 -7.29 4.12
CA GLY C 378 22.18 -8.37 3.47
C GLY C 378 22.16 -8.34 1.96
N GLN C 379 21.52 -7.35 1.34
CA GLN C 379 21.42 -7.25 -0.11
C GLN C 379 22.28 -6.10 -0.62
N ILE C 380 22.96 -6.33 -1.74
CA ILE C 380 23.73 -5.29 -2.41
C ILE C 380 22.74 -4.37 -3.12
N VAL C 381 22.54 -3.16 -2.57
CA VAL C 381 21.62 -2.19 -3.16
C VAL C 381 22.34 -1.07 -3.91
N TYR C 382 23.67 -0.98 -3.77
CA TYR C 382 24.45 0.03 -4.46
C TYR C 382 25.88 -0.47 -4.53
N ARG C 383 26.46 -0.48 -5.74
CA ARG C 383 27.79 -1.06 -5.91
C ARG C 383 28.39 -0.49 -7.20
N ARG C 384 29.31 0.46 -7.05
CA ARG C 384 30.05 0.95 -8.19
C ARG C 384 30.86 -0.19 -8.80
N LEU C 385 31.01 -0.14 -10.13
CA LEU C 385 31.72 -1.21 -10.82
C LEU C 385 33.21 -1.22 -10.44
N ARG C 386 33.82 -0.04 -10.36
CA ARG C 386 35.17 0.12 -9.81
C ARG C 386 35.11 1.17 -8.71
N PHE C 387 35.52 0.80 -7.51
CA PHE C 387 35.33 1.67 -6.35
C PHE C 387 36.15 2.95 -6.45
N LEU D 3 -18.18 8.48 28.18
CA LEU D 3 -18.60 7.30 27.43
C LEU D 3 -18.87 7.65 25.97
N ASP D 4 -18.40 6.78 25.07
CA ASP D 4 -18.56 6.98 23.63
C ASP D 4 -19.79 6.26 23.10
N ILE D 5 -19.96 4.98 23.46
CA ILE D 5 -21.10 4.19 23.06
C ILE D 5 -21.56 3.36 24.25
N VAL D 6 -22.88 3.30 24.45
CA VAL D 6 -23.48 2.35 25.38
C VAL D 6 -24.62 1.64 24.66
N ILE D 7 -24.70 0.32 24.84
CA ILE D 7 -25.70 -0.51 24.19
C ILE D 7 -26.69 -0.96 25.26
N LYS D 8 -27.88 -0.37 25.24
CA LYS D 8 -28.88 -0.65 26.26
C LYS D 8 -29.81 -1.77 25.83
N ASN D 9 -30.40 -2.44 26.84
CA ASN D 9 -31.52 -3.36 26.68
C ASN D 9 -31.14 -4.66 25.99
N GLY D 10 -29.86 -5.02 25.96
CA GLY D 10 -29.43 -6.27 25.36
C GLY D 10 -29.27 -7.37 26.41
N GLN D 11 -28.79 -8.52 25.92
CA GLN D 11 -28.52 -9.67 26.78
C GLN D 11 -27.16 -10.25 26.43
N ILE D 12 -26.18 -10.03 27.30
CA ILE D 12 -24.91 -10.72 27.14
C ILE D 12 -25.14 -12.23 27.34
N ALA D 13 -24.18 -13.01 26.85
CA ALA D 13 -24.23 -14.47 26.99
C ALA D 13 -22.98 -14.92 27.75
N ASP D 14 -23.18 -15.35 28.99
CA ASP D 14 -22.07 -15.82 29.84
C ASP D 14 -21.70 -17.23 29.40
N ILE D 15 -20.54 -17.37 28.75
CA ILE D 15 -20.12 -18.68 28.25
C ILE D 15 -19.70 -19.60 29.40
N GLU D 16 -19.30 -19.05 30.54
CA GLU D 16 -18.87 -19.89 31.66
C GLU D 16 -20.08 -20.43 32.43
N ASN D 17 -20.90 -19.54 32.98
CA ASN D 17 -22.04 -19.93 33.79
C ASN D 17 -23.19 -20.50 32.96
N ARG D 18 -23.12 -20.39 31.64
CA ARG D 18 -24.15 -20.91 30.73
C ARG D 18 -25.52 -20.31 31.05
N THR D 19 -25.54 -19.01 31.29
CA THR D 19 -26.76 -18.24 31.51
C THR D 19 -26.77 -17.04 30.57
N TYR D 20 -27.93 -16.39 30.48
CA TYR D 20 -28.08 -15.12 29.79
C TYR D 20 -28.38 -14.04 30.81
N ILE D 21 -27.66 -12.94 30.73
CA ILE D 21 -27.81 -11.83 31.67
C ILE D 21 -28.22 -10.60 30.88
N ASN D 22 -29.34 -9.99 31.23
CA ASN D 22 -29.70 -8.70 30.68
C ASN D 22 -28.81 -7.62 31.30
N ALA D 23 -27.99 -6.99 30.46
CA ALA D 23 -27.04 -5.99 30.95
C ALA D 23 -26.69 -5.05 29.81
N ASP D 24 -25.98 -3.98 30.16
CA ASP D 24 -25.55 -2.96 29.21
C ASP D 24 -24.05 -3.05 28.98
N ILE D 25 -23.61 -2.58 27.82
CA ILE D 25 -22.21 -2.55 27.41
C ILE D 25 -21.80 -1.10 27.22
N GLY D 26 -20.63 -0.73 27.73
CA GLY D 26 -20.10 0.61 27.55
C GLY D 26 -18.80 0.58 26.78
N ILE D 27 -18.65 1.49 25.82
CA ILE D 27 -17.44 1.60 25.00
C ILE D 27 -16.91 3.02 25.12
N LYS D 28 -15.65 3.15 25.48
CA LYS D 28 -14.94 4.42 25.48
C LYS D 28 -13.71 4.28 24.61
N GLY D 29 -13.59 5.15 23.62
CA GLY D 29 -12.51 5.00 22.65
C GLY D 29 -12.66 3.70 21.90
N ASN D 30 -11.67 2.81 22.05
CA ASN D 30 -11.68 1.52 21.38
C ASN D 30 -11.73 0.37 22.37
N ARG D 31 -12.15 0.61 23.61
CA ARG D 31 -12.16 -0.41 24.65
C ARG D 31 -13.54 -0.53 25.26
N ILE D 32 -13.92 -1.76 25.60
CA ILE D 32 -15.16 -2.00 26.33
C ILE D 32 -14.90 -1.72 27.81
N VAL D 33 -15.60 -0.73 28.36
CA VAL D 33 -15.40 -0.31 29.74
C VAL D 33 -16.41 -1.01 30.63
N ASP D 34 -16.14 -0.99 31.93
CA ASP D 34 -17.00 -1.62 32.93
C ASP D 34 -17.95 -0.57 33.48
N ILE D 35 -19.23 -0.69 33.14
CA ILE D 35 -20.26 0.21 33.65
C ILE D 35 -21.23 -0.57 34.51
N SER D 36 -20.72 -1.57 35.24
CA SER D 36 -21.58 -2.46 36.00
C SER D 36 -22.17 -1.80 37.23
N HIS D 37 -21.63 -0.66 37.66
CA HIS D 37 -22.15 0.10 38.80
C HIS D 37 -22.42 1.54 38.38
N HIS D 38 -22.93 1.72 37.15
CA HIS D 38 -23.12 3.03 36.56
C HIS D 38 -21.80 3.81 36.53
N ALA D 43 -24.41 8.40 27.25
CA ALA D 43 -23.22 8.39 26.40
C ALA D 43 -23.43 9.21 25.13
N GLU D 44 -22.39 9.26 24.29
CA GLU D 44 -22.46 10.05 23.06
C GLU D 44 -23.34 9.37 22.01
N THR D 45 -23.43 8.05 22.03
CA THR D 45 -24.34 7.30 21.18
C THR D 45 -24.92 6.15 21.98
N VAL D 46 -26.24 5.98 21.92
CA VAL D 46 -26.94 4.91 22.60
C VAL D 46 -27.57 4.02 21.54
N ILE D 47 -27.25 2.72 21.60
CA ILE D 47 -27.81 1.74 20.68
C ILE D 47 -28.88 0.95 21.42
N ASP D 48 -30.11 1.01 20.91
CA ASP D 48 -31.20 0.23 21.48
C ASP D 48 -31.11 -1.20 20.96
N ALA D 49 -30.72 -2.13 21.84
CA ALA D 49 -30.55 -3.53 21.48
C ALA D 49 -31.71 -4.38 21.99
N SER D 50 -32.94 -3.87 21.89
CA SER D 50 -34.10 -4.55 22.45
C SER D 50 -34.31 -5.90 21.80
N GLY D 51 -34.30 -6.97 22.60
CA GLY D 51 -34.52 -8.30 22.09
C GLY D 51 -33.34 -8.90 21.36
N CYS D 52 -32.13 -8.42 21.62
CA CYS D 52 -30.94 -8.86 20.93
C CYS D 52 -29.97 -9.50 21.92
N ILE D 53 -29.14 -10.40 21.42
CA ILE D 53 -28.03 -10.97 22.19
C ILE D 53 -26.78 -10.17 21.86
N ILE D 54 -26.12 -9.65 22.88
CA ILE D 54 -24.91 -8.84 22.71
C ILE D 54 -23.72 -9.77 22.77
N LEU D 55 -23.19 -10.10 21.62
CA LEU D 55 -21.99 -10.93 21.54
C LEU D 55 -20.78 -10.04 21.29
N PRO D 56 -19.58 -10.53 21.61
CA PRO D 56 -18.37 -9.88 21.11
C PRO D 56 -18.29 -9.99 19.60
N GLY D 57 -17.35 -9.27 19.02
CA GLY D 57 -17.06 -9.46 17.61
C GLY D 57 -16.71 -10.90 17.35
N LEU D 58 -17.36 -11.52 16.37
CA LEU D 58 -17.11 -12.93 16.08
C LEU D 58 -15.71 -13.12 15.49
N ILE D 59 -15.18 -14.33 15.65
CA ILE D 59 -13.84 -14.67 15.19
C ILE D 59 -13.93 -15.88 14.27
N ASP D 60 -13.53 -15.70 13.02
CA ASP D 60 -13.47 -16.77 12.02
C ASP D 60 -12.03 -17.24 11.92
N PHE D 61 -11.80 -18.53 12.19
CA PHE D 61 -10.44 -19.03 12.41
C PHE D 61 -9.78 -19.62 11.18
N HIS D 62 -10.54 -20.15 10.23
CA HIS D 62 -10.00 -20.56 8.94
C HIS D 62 -10.77 -19.79 7.89
N GLY D 63 -10.23 -18.63 7.53
CA GLY D 63 -10.69 -17.89 6.38
C GLY D 63 -9.53 -17.67 5.44
N HIS D 64 -9.81 -17.36 4.18
CA HIS D 64 -8.76 -17.07 3.20
C HIS D 64 -8.98 -15.64 2.73
N VAL D 65 -8.12 -14.71 3.19
CA VAL D 65 -8.37 -13.29 3.06
C VAL D 65 -7.20 -12.51 2.47
N PHE D 66 -6.29 -13.20 1.79
CA PHE D 66 -5.21 -12.53 1.06
C PHE D 66 -5.73 -12.11 -0.32
N HIS D 67 -6.59 -11.09 -0.31
CA HIS D 67 -7.17 -10.60 -1.55
C HIS D 67 -6.14 -9.77 -2.30
N GLY D 68 -6.14 -9.92 -3.62
CA GLY D 68 -5.18 -9.25 -4.46
C GLY D 68 -4.04 -10.17 -4.86
N GLY D 69 -3.59 -10.98 -3.91
CA GLY D 69 -2.49 -11.90 -4.16
C GLY D 69 -2.93 -13.32 -4.37
N THR D 70 -4.21 -13.61 -4.13
CA THR D 70 -4.79 -14.91 -4.42
C THR D 70 -6.08 -14.70 -5.22
N ALA D 71 -6.68 -15.81 -5.64
CA ALA D 71 -7.96 -15.77 -6.34
C ALA D 71 -9.13 -16.18 -5.45
N ILE D 72 -8.86 -16.98 -4.42
CA ILE D 72 -9.92 -17.50 -3.56
C ILE D 72 -10.27 -16.57 -2.40
N SER D 73 -9.55 -15.48 -2.23
CA SER D 73 -9.70 -14.68 -1.01
C SER D 73 -10.72 -13.58 -1.18
N VAL D 74 -11.34 -13.21 -0.07
CA VAL D 74 -12.24 -12.06 0.00
C VAL D 74 -11.61 -11.02 0.90
N ASN D 75 -12.10 -9.78 0.74
CA ASN D 75 -11.72 -8.70 1.65
C ASN D 75 -12.60 -8.78 2.88
N PRO D 76 -12.04 -9.19 4.03
CA PRO D 76 -12.88 -9.30 5.23
C PRO D 76 -13.47 -7.97 5.67
N ASP D 77 -12.82 -6.84 5.35
CA ASP D 77 -13.36 -5.55 5.71
C ASP D 77 -14.70 -5.28 5.05
N ILE D 78 -14.95 -5.92 3.90
CA ILE D 78 -16.15 -5.63 3.12
C ILE D 78 -17.26 -6.63 3.44
N VAL D 79 -16.96 -7.93 3.42
CA VAL D 79 -18.00 -8.94 3.51
C VAL D 79 -18.17 -9.54 4.91
N CYS D 80 -17.20 -9.34 5.82
CA CYS D 80 -17.25 -9.99 7.12
C CYS D 80 -17.72 -9.08 8.24
N LEU D 81 -17.35 -7.80 8.20
CA LEU D 81 -17.79 -6.87 9.23
C LEU D 81 -19.32 -6.75 9.34
N PRO D 82 -20.09 -6.66 8.24
CA PRO D 82 -21.55 -6.49 8.40
C PRO D 82 -22.26 -7.74 8.91
N ASN D 83 -21.60 -8.91 8.91
CA ASN D 83 -22.20 -10.13 9.43
C ASN D 83 -21.60 -10.55 10.77
N GLY D 84 -20.97 -9.63 11.48
CA GLY D 84 -20.58 -9.85 12.86
C GLY D 84 -19.12 -10.23 13.10
N VAL D 85 -18.32 -10.42 12.06
CA VAL D 85 -16.94 -10.85 12.23
C VAL D 85 -16.03 -9.62 12.30
N THR D 86 -15.21 -9.56 13.35
CA THR D 86 -14.24 -8.47 13.50
C THR D 86 -12.79 -8.95 13.58
N SER D 87 -12.54 -10.25 13.66
CA SER D 87 -11.19 -10.78 13.73
C SER D 87 -11.15 -12.12 13.02
N MET D 88 -10.07 -12.35 12.26
CA MET D 88 -9.95 -13.54 11.44
C MET D 88 -8.51 -14.05 11.47
N VAL D 89 -8.35 -15.33 11.14
CA VAL D 89 -7.04 -15.93 10.92
C VAL D 89 -7.01 -16.47 9.50
N ASP D 90 -6.02 -16.06 8.73
CA ASP D 90 -5.84 -16.57 7.38
C ASP D 90 -5.13 -17.92 7.43
N ALA D 91 -5.74 -18.94 6.83
CA ALA D 91 -5.24 -20.31 6.93
C ALA D 91 -4.34 -20.63 5.74
N GLY D 92 -3.18 -20.00 5.73
CA GLY D 92 -2.14 -20.35 4.79
C GLY D 92 -2.39 -19.96 3.35
N SER D 93 -3.07 -18.84 3.11
CA SER D 93 -3.17 -18.34 1.74
C SER D 93 -1.82 -17.88 1.23
N SER D 94 -0.98 -17.38 2.12
CA SER D 94 0.32 -16.83 1.75
C SER D 94 1.44 -17.78 2.16
N GLY D 95 2.56 -17.66 1.44
CA GLY D 95 3.78 -18.36 1.79
C GLY D 95 4.89 -17.38 2.04
N TRP D 96 6.13 -17.88 2.20
CA TRP D 96 7.25 -16.99 2.50
C TRP D 96 7.51 -15.99 1.37
N VAL D 97 7.09 -16.30 0.14
CA VAL D 97 7.35 -15.39 -0.97
C VAL D 97 6.49 -14.14 -0.86
N ASN D 98 5.21 -14.31 -0.52
CA ASN D 98 4.25 -13.22 -0.60
C ASN D 98 3.66 -12.82 0.75
N TYR D 99 4.20 -13.32 1.86
CA TYR D 99 3.63 -12.99 3.16
C TYR D 99 3.70 -11.50 3.46
N SER D 100 4.88 -10.90 3.27
CA SER D 100 5.05 -9.49 3.65
C SER D 100 4.13 -8.58 2.85
N LEU D 101 3.90 -8.90 1.58
CA LEU D 101 2.93 -8.14 0.80
C LEU D 101 1.52 -8.37 1.33
N PHE D 102 1.19 -9.61 1.71
CA PHE D 102 -0.06 -9.88 2.42
C PHE D 102 -0.17 -9.04 3.68
N ARG D 103 0.92 -8.91 4.42
CA ARG D 103 0.89 -8.15 5.67
C ARG D 103 0.77 -6.65 5.41
N ASN D 104 1.60 -6.13 4.50
CA ASN D 104 1.65 -4.68 4.29
C ASN D 104 0.45 -4.15 3.53
N SER D 105 -0.13 -4.95 2.63
CA SER D 105 -1.20 -4.47 1.77
C SER D 105 -2.60 -4.87 2.25
N VAL D 106 -2.71 -5.87 3.11
CA VAL D 106 -4.02 -6.29 3.60
C VAL D 106 -4.08 -6.17 5.13
N ILE D 107 -3.23 -6.92 5.82
CA ILE D 107 -3.32 -7.02 7.28
C ILE D 107 -3.16 -5.66 7.93
N HIS D 108 -2.04 -4.98 7.65
CA HIS D 108 -1.79 -3.69 8.28
C HIS D 108 -2.89 -2.66 8.03
N PRO D 109 -3.35 -2.42 6.79
CA PRO D 109 -4.38 -1.39 6.59
C PRO D 109 -5.80 -1.83 6.90
N ALA D 110 -6.05 -3.13 7.09
CA ALA D 110 -7.41 -3.61 7.35
C ALA D 110 -7.90 -3.19 8.73
N MET D 111 -9.23 -3.05 8.84
CA MET D 111 -9.83 -2.84 10.15
C MET D 111 -10.03 -4.15 10.90
N VAL D 112 -10.44 -5.21 10.20
CA VAL D 112 -10.50 -6.53 10.82
C VAL D 112 -9.11 -6.96 11.25
N LYS D 113 -8.99 -7.48 12.46
CA LYS D 113 -7.71 -7.94 12.98
C LYS D 113 -7.43 -9.33 12.43
N ILE D 114 -6.40 -9.45 11.60
CA ILE D 114 -6.08 -10.69 10.91
C ILE D 114 -4.74 -11.23 11.42
N LYS D 115 -4.79 -12.39 12.06
CA LYS D 115 -3.61 -13.21 12.26
C LYS D 115 -3.48 -14.16 11.07
N SER D 116 -2.44 -15.00 11.08
CA SER D 116 -2.25 -15.89 9.94
C SER D 116 -1.47 -17.13 10.35
N TYR D 117 -1.55 -18.13 9.49
CA TYR D 117 -0.62 -19.26 9.45
C TYR D 117 0.14 -19.18 8.13
N LEU D 118 1.46 -19.30 8.19
CA LEU D 118 2.25 -19.29 6.96
C LEU D 118 2.17 -20.64 6.28
N ASN D 119 1.83 -20.64 4.99
CA ASN D 119 1.82 -21.90 4.26
C ASN D 119 3.25 -22.35 3.99
N VAL D 120 3.49 -23.67 4.10
CA VAL D 120 4.81 -24.19 3.81
C VAL D 120 5.16 -23.99 2.34
N VAL D 121 4.15 -24.03 1.46
CA VAL D 121 4.36 -23.72 0.05
C VAL D 121 4.83 -22.28 -0.09
N ASN D 122 5.76 -22.05 -1.04
CA ASN D 122 6.35 -20.73 -1.18
C ASN D 122 5.31 -19.69 -1.57
N VAL D 123 4.46 -20.02 -2.55
CA VAL D 123 3.48 -19.06 -3.05
C VAL D 123 2.14 -19.16 -2.32
N GLY D 124 2.00 -20.09 -1.38
CA GLY D 124 0.74 -20.22 -0.67
C GLY D 124 -0.31 -20.88 -1.54
N LEU D 125 -1.53 -20.36 -1.47
CA LEU D 125 -2.66 -20.86 -2.23
C LEU D 125 -2.99 -19.99 -3.43
N SER D 126 -2.01 -19.22 -3.93
CA SER D 126 -2.26 -18.30 -5.02
C SER D 126 -2.68 -19.02 -6.30
N THR D 127 -2.25 -20.27 -6.47
CA THR D 127 -2.58 -21.02 -7.69
C THR D 127 -4.01 -21.53 -7.70
N LEU D 128 -4.72 -21.49 -6.58
CA LEU D 128 -6.07 -22.04 -6.50
C LEU D 128 -7.11 -21.06 -7.03
N GLY D 129 -8.21 -21.60 -7.53
CA GLY D 129 -9.39 -20.81 -7.79
C GLY D 129 -9.56 -20.37 -9.22
N GLY D 130 -10.37 -19.33 -9.39
CA GLY D 130 -10.73 -18.85 -10.70
C GLY D 130 -11.55 -19.81 -11.53
N GLY D 131 -12.10 -20.86 -10.91
CA GLY D 131 -12.80 -21.89 -11.64
C GLY D 131 -11.98 -23.15 -11.77
N PRO D 132 -12.40 -24.05 -12.66
CA PRO D 132 -11.61 -25.26 -12.91
C PRO D 132 -10.20 -25.00 -13.42
N THR D 133 -9.94 -23.82 -13.98
CA THR D 133 -8.62 -23.52 -14.53
C THR D 133 -7.55 -23.36 -13.47
N GLY D 134 -7.92 -23.23 -12.20
CA GLY D 134 -6.93 -23.21 -11.14
C GLY D 134 -6.26 -24.57 -10.99
N TYR D 135 -5.18 -24.58 -10.21
CA TYR D 135 -4.45 -25.82 -9.98
C TYR D 135 -3.97 -25.87 -8.54
N LEU D 136 -3.82 -27.09 -8.03
CA LEU D 136 -3.42 -27.30 -6.65
C LEU D 136 -2.01 -26.79 -6.40
N GLU D 137 -1.77 -26.31 -5.18
CA GLU D 137 -0.45 -25.83 -4.80
C GLU D 137 0.54 -26.98 -4.70
N ASN D 138 1.83 -26.62 -4.71
CA ASN D 138 2.91 -27.60 -4.69
C ASN D 138 3.41 -27.78 -3.27
N THR D 139 3.18 -28.96 -2.69
CA THR D 139 3.56 -29.26 -1.32
C THR D 139 4.74 -30.22 -1.23
N ASN D 140 5.47 -30.42 -2.33
CA ASN D 140 6.63 -31.30 -2.33
C ASN D 140 7.67 -30.77 -1.34
N PRO D 141 8.04 -31.56 -0.32
CA PRO D 141 9.08 -31.12 0.61
C PRO D 141 10.39 -30.74 -0.07
N ALA D 142 10.64 -31.24 -1.28
CA ALA D 142 11.85 -30.89 -2.01
C ALA D 142 11.89 -29.40 -2.36
N ASN D 143 10.74 -28.72 -2.34
CA ASN D 143 10.67 -27.30 -2.65
C ASN D 143 10.52 -26.44 -1.40
N TYR D 144 10.46 -27.05 -0.21
CA TYR D 144 10.42 -26.27 1.02
C TYR D 144 11.72 -25.49 1.17
N ASN D 145 11.60 -24.20 1.43
CA ASN D 145 12.74 -23.31 1.63
C ASN D 145 12.80 -22.99 3.11
N GLU D 146 13.52 -23.84 3.87
CA GLU D 146 13.47 -23.75 5.33
C GLU D 146 14.14 -22.50 5.85
N GLU D 147 15.19 -22.01 5.18
CA GLU D 147 15.82 -20.76 5.62
C GLU D 147 14.85 -19.59 5.47
N LYS D 148 14.01 -19.61 4.43
CA LYS D 148 13.08 -18.51 4.21
C LYS D 148 11.83 -18.62 5.10
N ILE D 149 11.29 -19.82 5.25
CA ILE D 149 10.16 -20.02 6.15
C ILE D 149 10.53 -19.55 7.56
N ALA D 150 11.71 -19.94 8.03
CA ALA D 150 12.15 -19.57 9.37
C ALA D 150 12.42 -18.08 9.47
N GLN D 151 12.98 -17.47 8.43
CA GLN D 151 13.20 -16.03 8.44
C GLN D 151 11.87 -15.28 8.49
N THR D 152 10.87 -15.77 7.75
CA THR D 152 9.57 -15.08 7.72
C THR D 152 8.86 -15.18 9.07
N LEU D 153 8.77 -16.40 9.62
CA LEU D 153 8.09 -16.59 10.89
C LEU D 153 8.77 -15.78 12.00
N ASN D 154 10.09 -15.95 12.14
CA ASN D 154 10.80 -15.33 13.26
C ASN D 154 10.79 -13.81 13.20
N ASP D 155 10.64 -13.22 12.02
CA ASP D 155 10.51 -11.77 11.89
C ASP D 155 9.05 -11.32 11.95
N ASN D 156 8.10 -12.25 12.09
CA ASN D 156 6.68 -11.93 12.14
C ASN D 156 5.95 -12.86 13.11
N ARG D 157 6.56 -13.13 14.27
CA ARG D 157 5.96 -14.05 15.23
C ARG D 157 4.74 -13.47 15.92
N ASP D 158 4.56 -12.15 15.91
CA ASP D 158 3.37 -11.55 16.51
C ASP D 158 2.11 -11.84 15.70
N ASN D 159 2.26 -12.27 14.45
CA ASN D 159 1.12 -12.46 13.56
C ASN D 159 0.98 -13.88 13.05
N ILE D 160 2.08 -14.57 12.79
CA ILE D 160 2.05 -15.94 12.28
C ILE D 160 1.97 -16.87 13.48
N LEU D 161 0.84 -17.56 13.63
CA LEU D 161 0.64 -18.50 14.72
C LEU D 161 1.20 -19.87 14.43
N GLY D 162 1.65 -20.14 13.21
CA GLY D 162 2.17 -21.45 12.89
C GLY D 162 2.25 -21.64 11.38
N LEU D 163 2.37 -22.91 10.98
CA LEU D 163 2.46 -23.27 9.57
C LEU D 163 1.20 -24.01 9.14
N LYS D 164 0.78 -23.76 7.91
CA LYS D 164 -0.38 -24.41 7.31
C LYS D 164 0.08 -25.36 6.21
N LEU D 165 -0.39 -26.59 6.25
CA LEU D 165 -0.23 -27.54 5.16
C LEU D 165 -1.59 -28.14 4.81
N ARG D 166 -1.90 -28.21 3.53
CA ARG D 166 -3.08 -28.91 3.05
C ARG D 166 -2.64 -30.31 2.63
N TYR D 167 -3.13 -31.31 3.33
CA TYR D 167 -2.64 -32.69 3.22
C TYR D 167 -3.75 -33.58 2.69
N SER D 168 -4.03 -33.48 1.40
CA SER D 168 -4.94 -34.38 0.70
C SER D 168 -4.15 -35.25 -0.27
N GLN D 169 -4.71 -36.43 -0.58
CA GLN D 169 -4.04 -37.31 -1.54
C GLN D 169 -3.98 -36.67 -2.92
N ASP D 170 -5.07 -36.04 -3.36
CA ASP D 170 -5.12 -35.44 -4.68
C ASP D 170 -4.01 -34.44 -4.92
N ILE D 171 -3.41 -33.91 -3.84
CA ILE D 171 -2.34 -32.94 -3.99
C ILE D 171 -1.03 -33.61 -4.38
N ALA D 172 -0.66 -34.68 -3.67
CA ALA D 172 0.64 -35.32 -3.83
C ALA D 172 0.60 -36.56 -4.72
N ARG D 173 -0.56 -36.91 -5.26
CA ARG D 173 -0.72 -38.13 -6.06
C ARG D 173 0.24 -38.18 -7.24
N TYR D 177 6.48 -37.19 -5.52
CA TYR D 177 7.11 -36.44 -4.45
C TYR D 177 8.34 -37.16 -3.92
N ALA D 178 9.12 -36.44 -3.11
CA ALA D 178 10.30 -37.01 -2.47
C ALA D 178 9.97 -37.59 -1.11
N SER D 179 9.36 -36.79 -0.23
CA SER D 179 8.98 -37.23 1.11
C SER D 179 7.50 -36.93 1.33
N ASP D 180 7.00 -37.39 2.47
CA ASP D 180 5.62 -37.12 2.84
C ASP D 180 5.51 -35.68 3.33
N PRO D 181 4.61 -34.86 2.75
CA PRO D 181 4.54 -33.46 3.16
C PRO D 181 4.21 -33.27 4.63
N LEU D 182 3.29 -34.07 5.17
CA LEU D 182 2.95 -33.97 6.58
C LEU D 182 4.17 -34.27 7.46
N LEU D 183 4.85 -35.39 7.20
CA LEU D 183 6.03 -35.74 7.98
C LEU D 183 7.08 -34.65 7.90
N ALA D 184 7.32 -34.11 6.70
CA ALA D 184 8.30 -33.04 6.54
C ALA D 184 7.83 -31.74 7.20
N THR D 185 6.57 -31.37 7.01
CA THR D 185 6.07 -30.14 7.61
C THR D 185 6.14 -30.22 9.13
N VAL D 186 5.44 -31.18 9.72
CA VAL D 186 5.45 -31.43 11.17
C VAL D 186 6.87 -31.33 11.72
N ALA D 187 7.82 -31.95 11.03
CA ALA D 187 9.22 -31.90 11.46
C ALA D 187 9.74 -30.46 11.45
N LEU D 188 9.51 -29.74 10.34
CA LEU D 188 9.93 -28.34 10.27
C LEU D 188 9.31 -27.52 11.37
N VAL D 189 8.01 -27.73 11.64
CA VAL D 189 7.33 -27.01 12.71
C VAL D 189 8.02 -27.24 14.04
N ARG D 190 8.34 -28.50 14.35
CA ARG D 190 8.95 -28.83 15.64
C ARG D 190 10.34 -28.21 15.75
N LYS D 191 11.15 -28.34 14.69
CA LYS D 191 12.48 -27.74 14.71
C LYS D 191 12.41 -26.23 14.85
N LEU D 192 11.38 -25.62 14.26
CA LEU D 192 11.21 -24.17 14.35
C LEU D 192 10.44 -23.74 15.59
N GLU D 193 9.93 -24.69 16.37
CA GLU D 193 9.25 -24.43 17.65
C GLU D 193 8.03 -23.52 17.46
N THR D 194 7.06 -24.04 16.72
CA THR D 194 5.77 -23.36 16.54
C THR D 194 4.71 -24.44 16.34
N SER D 195 3.49 -24.02 15.99
CA SER D 195 2.38 -24.94 15.80
C SER D 195 2.10 -25.16 14.32
N ILE D 196 1.26 -26.16 14.05
CA ILE D 196 0.90 -26.55 12.69
C ILE D 196 -0.62 -26.58 12.58
N CYS D 197 -1.09 -26.54 11.34
CA CYS D 197 -2.51 -26.61 10.99
C CYS D 197 -2.63 -27.32 9.65
N VAL D 198 -3.49 -28.33 9.59
CA VAL D 198 -3.52 -29.29 8.49
C VAL D 198 -4.95 -29.52 8.01
N HIS D 199 -5.20 -29.22 6.73
CA HIS D 199 -6.37 -29.73 6.02
C HIS D 199 -6.30 -31.26 6.07
N VAL D 200 -7.16 -31.89 6.88
CA VAL D 200 -7.09 -33.34 7.10
C VAL D 200 -8.06 -34.10 6.19
N THR D 201 -8.50 -33.47 5.10
CA THR D 201 -9.45 -34.08 4.17
C THR D 201 -8.74 -34.90 3.10
N ASP D 202 -9.31 -36.07 2.80
CA ASP D 202 -8.80 -37.00 1.77
C ASP D 202 -7.30 -37.19 1.89
N SER D 203 -6.87 -37.62 3.07
CA SER D 203 -5.45 -37.83 3.34
C SER D 203 -5.10 -39.31 3.19
N LEU D 204 -3.80 -39.57 3.03
CA LEU D 204 -3.35 -40.94 2.88
C LEU D 204 -3.50 -41.72 4.18
N LEU D 205 -3.11 -41.11 5.29
CA LEU D 205 -3.11 -41.80 6.57
C LEU D 205 -4.52 -41.86 7.16
N CYS D 206 -4.68 -42.69 8.19
CA CYS D 206 -5.94 -42.82 8.90
C CYS D 206 -5.97 -41.83 10.07
N ALA D 207 -7.18 -41.57 10.58
CA ALA D 207 -7.36 -40.55 11.60
C ALA D 207 -6.56 -40.86 12.86
N ASP D 208 -6.56 -42.12 13.29
CA ASP D 208 -5.75 -42.49 14.45
C ASP D 208 -4.26 -42.40 14.13
N GLU D 209 -3.87 -42.77 12.91
CA GLU D 209 -2.47 -42.66 12.53
C GLU D 209 -2.03 -41.20 12.40
N LEU D 210 -2.89 -40.38 11.78
CA LEU D 210 -2.50 -38.99 11.49
C LEU D 210 -2.51 -38.13 12.75
N ILE D 211 -3.32 -38.49 13.76
CA ILE D 211 -3.42 -37.65 14.95
C ILE D 211 -2.19 -37.80 15.85
N ARG D 212 -1.42 -38.88 15.68
CA ARG D 212 -0.26 -39.13 16.53
C ARG D 212 0.87 -38.12 16.32
N TYR D 213 0.77 -37.25 15.33
CA TYR D 213 1.77 -36.22 15.07
C TYR D 213 1.38 -34.86 15.64
N PHE D 214 0.23 -34.75 16.29
CA PHE D 214 -0.32 -33.48 16.74
C PHE D 214 0.04 -33.23 18.19
N GLU D 215 0.53 -32.02 18.47
CA GLU D 215 0.80 -31.58 19.83
C GLU D 215 -0.29 -30.61 20.27
N GLU D 216 -0.09 -29.96 21.41
CA GLU D 216 -1.07 -28.99 21.91
C GLU D 216 -0.91 -27.68 21.17
N GLY D 217 -2.05 -27.07 20.80
CA GLY D 217 -2.06 -25.86 20.01
C GLY D 217 -2.09 -26.09 18.52
N ASP D 218 -1.93 -27.33 18.06
CA ASP D 218 -2.03 -27.63 16.64
C ASP D 218 -3.49 -27.82 16.25
N ILE D 219 -3.82 -27.41 15.03
CA ILE D 219 -5.20 -27.38 14.55
C ILE D 219 -5.43 -28.56 13.63
N TYR D 220 -6.52 -29.29 13.86
CA TYR D 220 -6.95 -30.39 13.01
C TYR D 220 -8.13 -29.87 12.19
N ALA D 221 -7.82 -29.29 11.04
CA ALA D 221 -8.82 -28.60 10.24
C ALA D 221 -9.72 -29.58 9.50
N HIS D 222 -10.99 -29.19 9.35
CA HIS D 222 -12.02 -30.00 8.69
C HIS D 222 -12.23 -31.33 9.43
N CYS D 223 -12.56 -31.22 10.72
CA CYS D 223 -12.70 -32.42 11.54
C CYS D 223 -13.93 -33.25 11.17
N PHE D 224 -14.94 -32.65 10.56
CA PHE D 224 -16.16 -33.35 10.20
C PHE D 224 -16.30 -33.54 8.68
N HIS D 225 -15.20 -33.84 8.00
CA HIS D 225 -15.22 -33.75 6.54
C HIS D 225 -15.80 -35.00 5.87
N GLY D 226 -15.55 -36.18 6.43
CA GLY D 226 -16.15 -37.39 5.90
C GLY D 226 -15.87 -37.70 4.44
N THR D 227 -14.81 -37.13 3.88
CA THR D 227 -14.39 -37.40 2.51
C THR D 227 -13.13 -38.26 2.56
N GLY D 228 -13.30 -39.56 2.40
CA GLY D 228 -12.19 -40.49 2.58
C GLY D 228 -12.09 -40.93 4.02
N HIS D 229 -10.91 -40.76 4.61
CA HIS D 229 -10.67 -41.17 5.99
C HIS D 229 -11.23 -40.10 6.92
N SER D 230 -12.30 -40.44 7.65
CA SER D 230 -12.93 -39.52 8.59
C SER D 230 -12.41 -39.79 9.99
N ILE D 231 -12.91 -39.00 10.95
CA ILE D 231 -12.63 -39.27 12.36
C ILE D 231 -13.41 -40.45 12.88
N LEU D 232 -14.16 -41.15 12.02
CA LEU D 232 -14.98 -42.28 12.42
C LEU D 232 -14.30 -43.57 11.97
N ASN D 233 -14.23 -44.55 12.88
CA ASN D 233 -13.61 -45.82 12.57
C ASN D 233 -14.55 -46.65 11.70
N GLU D 234 -14.21 -47.92 11.47
CA GLU D 234 -15.05 -48.79 10.66
C GLU D 234 -16.42 -49.03 11.26
N GLN D 235 -16.62 -48.69 12.54
CA GLN D 235 -17.89 -48.90 13.23
C GLN D 235 -18.65 -47.60 13.45
N GLY D 236 -18.32 -46.55 12.70
CA GLY D 236 -19.00 -45.28 12.85
C GLY D 236 -18.81 -44.64 14.21
N GLN D 237 -17.69 -44.91 14.87
CA GLN D 237 -17.41 -44.40 16.20
C GLN D 237 -16.15 -43.56 16.16
N VAL D 238 -16.17 -42.44 16.90
CA VAL D 238 -15.02 -41.57 16.93
C VAL D 238 -13.81 -42.34 17.47
N TYR D 239 -12.65 -42.08 16.87
CA TYR D 239 -11.43 -42.75 17.30
C TYR D 239 -11.08 -42.36 18.71
N ALA D 240 -10.57 -43.32 19.49
CA ALA D 240 -10.13 -43.01 20.84
C ALA D 240 -8.91 -42.10 20.83
N ALA D 241 -8.02 -42.27 19.84
CA ALA D 241 -6.85 -41.40 19.75
C ALA D 241 -7.26 -39.98 19.39
N ILE D 242 -8.29 -39.82 18.57
CA ILE D 242 -8.86 -38.50 18.33
C ILE D 242 -9.37 -37.91 19.63
N LYS D 243 -10.18 -38.68 20.37
CA LYS D 243 -10.70 -38.23 21.65
C LYS D 243 -9.57 -37.97 22.65
N GLU D 244 -8.50 -38.76 22.59
CA GLU D 244 -7.35 -38.52 23.46
C GLU D 244 -6.63 -37.23 23.08
N ALA D 245 -6.66 -36.85 21.81
CA ALA D 245 -5.92 -35.66 21.39
C ALA D 245 -6.59 -34.38 21.90
N GLN D 246 -7.91 -34.28 21.73
CA GLN D 246 -8.65 -33.15 22.29
C GLN D 246 -8.40 -33.03 23.78
N SER D 247 -8.28 -34.17 24.49
CA SER D 247 -7.89 -34.12 25.89
C SER D 247 -6.51 -33.49 26.06
N ARG D 248 -5.54 -33.87 25.21
CA ARG D 248 -4.21 -33.29 25.32
C ARG D 248 -4.22 -31.80 25.01
N GLY D 249 -5.02 -31.38 24.05
CA GLY D 249 -5.10 -29.99 23.67
C GLY D 249 -4.94 -29.75 22.18
N VAL D 250 -5.22 -30.78 21.38
CA VAL D 250 -5.23 -30.67 19.94
C VAL D 250 -6.56 -30.08 19.54
N ILE D 251 -6.55 -28.94 18.87
CA ILE D 251 -7.78 -28.23 18.51
C ILE D 251 -8.36 -28.82 17.23
N PHE D 252 -9.63 -29.18 17.29
CA PHE D 252 -10.35 -29.69 16.13
C PHE D 252 -11.27 -28.61 15.60
N ASP D 253 -10.99 -28.12 14.40
CA ASP D 253 -11.77 -27.09 13.73
C ASP D 253 -12.62 -27.75 12.65
N CYS D 254 -13.91 -27.46 12.66
CA CYS D 254 -14.79 -28.02 11.64
C CYS D 254 -14.62 -27.34 10.28
N SER D 255 -14.00 -26.15 10.24
CA SER D 255 -14.13 -25.22 9.13
C SER D 255 -15.48 -25.41 8.46
N ASN D 256 -15.48 -25.88 7.20
CA ASN D 256 -16.68 -26.29 6.46
C ASN D 256 -16.40 -26.18 4.97
N GLY D 257 -16.43 -24.94 4.48
CA GLY D 257 -16.27 -24.65 3.07
C GLY D 257 -17.29 -25.39 2.23
N VAL D 258 -16.84 -25.80 1.04
CA VAL D 258 -17.71 -26.42 0.06
C VAL D 258 -17.53 -27.94 -0.01
N ALA D 259 -16.43 -28.48 0.53
CA ALA D 259 -16.18 -29.90 0.40
C ALA D 259 -15.67 -30.57 1.68
N HIS D 260 -15.60 -29.86 2.80
CA HIS D 260 -14.99 -30.38 4.02
C HIS D 260 -15.97 -30.60 5.15
N PHE D 261 -17.24 -30.89 4.84
CA PHE D 261 -18.24 -31.09 5.87
C PHE D 261 -19.19 -32.21 5.47
N ASP D 262 -19.28 -33.24 6.30
CA ASP D 262 -20.19 -34.35 6.11
C ASP D 262 -21.21 -34.35 7.24
N PHE D 263 -22.50 -34.39 6.87
CA PHE D 263 -23.54 -34.36 7.89
C PHE D 263 -23.54 -35.62 8.74
N LYS D 264 -23.26 -36.78 8.13
CA LYS D 264 -23.24 -38.03 8.86
C LYS D 264 -22.14 -38.02 9.92
N VAL D 265 -20.94 -37.58 9.55
CA VAL D 265 -19.82 -37.56 10.48
C VAL D 265 -20.10 -36.59 11.64
N ALA D 266 -20.61 -35.41 11.31
CA ALA D 266 -20.87 -34.40 12.34
C ALA D 266 -21.93 -34.89 13.32
N GLN D 267 -23.01 -35.50 12.82
CA GLN D 267 -24.10 -35.93 13.69
C GLN D 267 -23.66 -37.08 14.59
N SER D 268 -22.95 -38.07 14.03
CA SER D 268 -22.46 -39.19 14.82
C SER D 268 -21.48 -38.70 15.89
N ALA D 269 -20.44 -37.99 15.48
CA ALA D 269 -19.39 -37.57 16.41
C ALA D 269 -19.92 -36.70 17.53
N MET D 270 -21.00 -35.96 17.28
CA MET D 270 -21.59 -35.16 18.36
C MET D 270 -22.53 -35.98 19.22
N GLU D 271 -23.15 -37.02 18.65
CA GLU D 271 -23.97 -37.92 19.46
C GLU D 271 -23.13 -38.71 20.45
N GLN D 272 -21.84 -38.89 20.16
CA GLN D 272 -20.92 -39.57 21.07
C GLN D 272 -20.09 -38.60 21.91
N GLY D 273 -20.40 -37.30 21.85
CA GLY D 273 -19.79 -36.34 22.75
C GLY D 273 -18.56 -35.63 22.25
N PHE D 274 -18.25 -35.70 20.96
CA PHE D 274 -17.11 -34.97 20.38
C PHE D 274 -17.67 -33.76 19.63
N TYR D 275 -17.60 -32.59 20.27
CA TYR D 275 -18.00 -31.33 19.68
C TYR D 275 -16.78 -30.50 19.29
N PRO D 276 -16.81 -29.83 18.13
CA PRO D 276 -15.60 -29.15 17.65
C PRO D 276 -15.18 -28.00 18.56
N ASP D 277 -13.87 -27.88 18.77
CA ASP D 277 -13.34 -26.80 19.60
C ASP D 277 -13.53 -25.44 18.94
N ILE D 278 -13.53 -25.39 17.61
CA ILE D 278 -13.61 -24.14 16.87
C ILE D 278 -14.53 -24.32 15.66
N ILE D 279 -15.38 -23.32 15.41
CA ILE D 279 -16.27 -23.28 14.26
C ILE D 279 -15.79 -22.17 13.33
N SER D 280 -15.57 -22.52 12.06
CA SER D 280 -15.09 -21.55 11.08
C SER D 280 -15.72 -21.87 9.73
N THR D 281 -15.26 -21.18 8.68
CA THR D 281 -15.96 -21.19 7.40
C THR D 281 -15.18 -21.79 6.24
N ASP D 282 -13.85 -21.69 6.23
CA ASP D 282 -13.07 -21.84 5.01
C ASP D 282 -13.58 -20.85 3.96
N LEU D 283 -13.78 -19.60 4.41
CA LEU D 283 -14.38 -18.55 3.59
C LEU D 283 -13.55 -18.29 2.34
N THR D 284 -14.19 -18.42 1.18
CA THR D 284 -13.57 -18.07 -0.09
C THR D 284 -14.56 -17.24 -0.91
N LEU D 285 -14.05 -16.68 -2.02
CA LEU D 285 -14.90 -15.89 -2.90
C LEU D 285 -16.08 -16.70 -3.42
N ARG D 286 -15.94 -18.02 -3.48
CA ARG D 286 -16.97 -18.87 -4.07
C ARG D 286 -18.06 -19.24 -3.07
N ASN D 287 -17.73 -19.39 -1.80
CA ASN D 287 -18.70 -19.79 -0.78
C ASN D 287 -19.18 -18.65 0.10
N SER D 288 -18.77 -17.42 -0.19
CA SER D 288 -19.19 -16.27 0.59
C SER D 288 -20.53 -15.75 0.07
N LEU D 289 -21.55 -15.76 0.93
CA LEU D 289 -22.84 -15.17 0.63
C LEU D 289 -23.52 -15.88 -0.55
N ARG D 290 -23.32 -17.19 -0.67
CA ARG D 290 -23.74 -17.84 -1.90
C ARG D 290 -24.40 -19.20 -1.71
N THR D 291 -23.64 -20.20 -1.29
CA THR D 291 -24.17 -21.55 -1.25
C THR D 291 -25.14 -21.71 -0.08
N ASP D 292 -25.62 -22.94 0.10
CA ASP D 292 -26.33 -23.34 1.31
C ASP D 292 -25.42 -24.12 2.26
N LYS D 293 -24.11 -24.09 2.03
CA LYS D 293 -23.14 -24.81 2.83
C LYS D 293 -22.38 -23.83 3.74
N VAL D 294 -21.44 -23.09 3.15
CA VAL D 294 -20.94 -21.89 3.77
C VAL D 294 -21.76 -20.71 3.23
N TYR D 295 -21.79 -19.63 3.98
CA TYR D 295 -22.47 -18.43 3.53
C TYR D 295 -21.92 -17.24 4.31
N SER D 296 -21.65 -17.50 5.58
CA SER D 296 -21.15 -16.54 6.55
C SER D 296 -20.90 -17.35 7.81
N LEU D 297 -20.15 -16.76 8.75
CA LEU D 297 -19.97 -17.43 10.03
C LEU D 297 -21.31 -17.69 10.69
N LEU D 298 -22.14 -16.65 10.81
CA LEU D 298 -23.44 -16.77 11.46
C LEU D 298 -24.28 -17.88 10.82
N HIS D 299 -24.20 -18.03 9.50
CA HIS D 299 -24.90 -19.13 8.84
C HIS D 299 -24.35 -20.47 9.31
N VAL D 300 -23.03 -20.59 9.43
CA VAL D 300 -22.44 -21.86 9.86
C VAL D 300 -22.80 -22.14 11.32
N MET D 301 -22.72 -21.14 12.19
CA MET D 301 -23.10 -21.33 13.59
C MET D 301 -24.56 -21.76 13.71
N SER D 302 -25.42 -21.20 12.85
CA SER D 302 -26.84 -21.58 12.89
C SER D 302 -27.02 -23.05 12.56
N LYS D 303 -26.28 -23.55 11.56
CA LYS D 303 -26.32 -24.98 11.26
C LYS D 303 -25.96 -25.81 12.49
N TYR D 304 -24.98 -25.35 13.27
CA TYR D 304 -24.59 -26.06 14.48
C TYR D 304 -25.61 -25.85 15.61
N LEU D 305 -26.21 -24.67 15.69
CA LEU D 305 -27.31 -24.47 16.63
C LEU D 305 -28.45 -25.45 16.34
N ASN D 306 -28.89 -25.50 15.08
CA ASN D 306 -29.95 -26.39 14.67
C ASN D 306 -29.56 -27.86 14.71
N MET D 307 -28.29 -28.17 14.97
CA MET D 307 -27.80 -29.54 15.01
C MET D 307 -27.67 -30.08 16.43
N GLY D 308 -28.16 -29.34 17.43
CA GLY D 308 -28.07 -29.80 18.80
C GLY D 308 -26.83 -29.40 19.54
N MET D 309 -26.18 -28.29 19.15
CA MET D 309 -25.04 -27.77 19.89
C MET D 309 -25.52 -26.65 20.79
N PRO D 310 -25.24 -26.71 22.10
CA PRO D 310 -25.69 -25.62 22.99
C PRO D 310 -25.15 -24.27 22.53
N PHE D 311 -25.91 -23.22 22.85
CA PHE D 311 -25.58 -21.87 22.37
C PHE D 311 -24.24 -21.40 22.91
N PHE D 312 -23.95 -21.70 24.17
CA PHE D 312 -22.71 -21.22 24.78
C PHE D 312 -21.49 -21.92 24.22
N ASP D 313 -21.65 -23.15 23.73
CA ASP D 313 -20.53 -23.87 23.13
C ASP D 313 -20.24 -23.37 21.72
N VAL D 314 -21.30 -23.08 20.95
CA VAL D 314 -21.11 -22.45 19.65
C VAL D 314 -20.47 -21.08 19.81
N ILE D 315 -20.96 -20.30 20.78
CA ILE D 315 -20.40 -18.97 21.02
C ILE D 315 -18.96 -19.07 21.50
N ARG D 316 -18.65 -20.09 22.32
CA ARG D 316 -17.28 -20.25 22.79
C ARG D 316 -16.35 -20.62 21.63
N ALA D 317 -16.79 -21.50 20.74
CA ALA D 317 -15.98 -21.93 19.61
C ALA D 317 -15.77 -20.84 18.57
N VAL D 318 -16.33 -19.65 18.76
CA VAL D 318 -16.13 -18.54 17.82
C VAL D 318 -15.73 -17.28 18.58
N THR D 319 -15.73 -17.35 19.91
CA THR D 319 -15.30 -16.23 20.73
C THR D 319 -14.02 -16.55 21.49
N ALA D 320 -14.13 -17.28 22.61
CA ALA D 320 -13.00 -17.44 23.51
C ALA D 320 -11.96 -18.39 22.93
N THR D 321 -12.38 -19.57 22.49
CA THR D 321 -11.43 -20.58 22.03
C THR D 321 -10.54 -20.09 20.89
N PRO D 322 -11.07 -19.52 19.80
CA PRO D 322 -10.15 -18.99 18.77
C PRO D 322 -9.28 -17.85 19.30
N ALA D 323 -9.86 -16.93 20.07
CA ALA D 323 -9.08 -15.82 20.61
C ALA D 323 -7.91 -16.31 21.45
N ARG D 324 -8.03 -17.49 22.06
CA ARG D 324 -6.93 -18.05 22.83
C ARG D 324 -5.80 -18.50 21.92
N LEU D 325 -6.13 -19.20 20.83
CA LEU D 325 -5.11 -19.71 19.93
C LEU D 325 -4.46 -18.61 19.10
N MET D 326 -5.09 -17.44 18.99
CA MET D 326 -4.42 -16.27 18.43
C MET D 326 -3.57 -15.55 19.47
N LYS D 327 -3.37 -16.16 20.64
CA LYS D 327 -2.57 -15.58 21.72
C LYS D 327 -3.07 -14.18 22.07
N MET D 328 -4.39 -14.02 22.08
CA MET D 328 -5.03 -12.74 22.36
C MET D 328 -6.17 -12.89 23.35
N GLN D 329 -5.98 -13.73 24.37
CA GLN D 329 -6.98 -13.87 25.42
C GLN D 329 -7.19 -12.53 26.12
N GLY D 330 -8.46 -12.13 26.24
CA GLY D 330 -8.81 -10.93 26.95
C GLY D 330 -8.81 -9.65 26.14
N GLN D 331 -8.32 -9.69 24.89
CA GLN D 331 -8.41 -8.52 24.02
C GLN D 331 -9.56 -8.61 23.03
N ILE D 332 -9.83 -9.80 22.50
CA ILE D 332 -10.98 -10.04 21.63
C ILE D 332 -11.63 -11.35 22.05
N GLY D 333 -12.77 -11.66 21.42
CA GLY D 333 -13.50 -12.85 21.78
C GLY D 333 -14.13 -12.81 23.16
N THR D 334 -14.18 -11.64 23.79
CA THR D 334 -14.77 -11.49 25.11
C THR D 334 -15.35 -10.08 25.21
N LEU D 335 -16.36 -9.95 26.07
CA LEU D 335 -16.97 -8.66 26.35
C LEU D 335 -16.45 -8.04 27.64
N ALA D 336 -15.43 -8.65 28.25
CA ALA D 336 -14.94 -8.18 29.52
C ALA D 336 -14.37 -6.76 29.41
N ALA D 337 -14.18 -6.14 30.56
CA ALA D 337 -13.67 -4.78 30.60
C ALA D 337 -12.25 -4.72 30.07
N ASN D 338 -11.96 -3.70 29.28
CA ASN D 338 -10.68 -3.41 28.64
C ASN D 338 -10.37 -4.35 27.47
N ALA D 339 -11.32 -5.16 27.03
CA ALA D 339 -11.18 -5.82 25.75
C ALA D 339 -11.34 -4.80 24.63
N ILE D 340 -10.88 -5.18 23.43
CA ILE D 340 -11.09 -4.32 22.27
C ILE D 340 -12.60 -4.18 22.02
N ALA D 341 -13.04 -2.95 21.77
CA ALA D 341 -14.46 -2.69 21.56
C ALA D 341 -14.98 -3.34 20.28
N ASP D 342 -15.00 -4.67 20.26
CA ASP D 342 -15.50 -5.46 19.13
C ASP D 342 -16.81 -6.10 19.56
N ILE D 343 -17.93 -5.51 19.13
CA ILE D 343 -19.25 -5.92 19.59
C ILE D 343 -20.09 -6.35 18.38
N SER D 344 -20.84 -7.44 18.56
CA SER D 344 -21.80 -7.92 17.59
C SER D 344 -23.17 -8.02 18.24
N ILE D 345 -24.16 -7.37 17.64
CA ILE D 345 -25.52 -7.35 18.14
C ILE D 345 -26.38 -8.17 17.18
N VAL D 346 -26.88 -9.32 17.64
CA VAL D 346 -27.60 -10.25 16.78
C VAL D 346 -28.98 -10.53 17.36
N LYS D 347 -29.87 -10.97 16.47
CA LYS D 347 -31.18 -11.51 16.83
C LYS D 347 -31.26 -12.95 16.36
N LEU D 348 -32.03 -13.76 17.07
CA LEU D 348 -32.21 -15.17 16.71
C LEU D 348 -33.54 -15.29 15.97
N ARG D 349 -33.51 -15.05 14.66
CA ARG D 349 -34.72 -15.04 13.87
C ARG D 349 -35.28 -16.46 13.71
N LYS D 350 -36.61 -16.55 13.71
CA LYS D 350 -37.31 -17.80 13.45
C LYS D 350 -37.77 -17.80 11.99
N ASP D 351 -37.30 -18.77 11.22
CA ASP D 351 -37.60 -18.87 9.80
C ASP D 351 -37.11 -20.22 9.31
N LYS D 352 -37.60 -20.65 8.15
CA LYS D 352 -37.24 -21.93 7.59
C LYS D 352 -36.02 -21.77 6.69
N ILE D 353 -34.92 -22.40 7.07
CA ILE D 353 -33.63 -22.22 6.42
C ILE D 353 -33.00 -23.59 6.16
N THR D 354 -32.45 -23.76 4.96
CA THR D 354 -31.88 -25.04 4.53
C THR D 354 -30.36 -25.04 4.70
N PHE D 355 -29.83 -26.13 5.22
CA PHE D 355 -28.40 -26.34 5.40
C PHE D 355 -27.96 -27.52 4.53
N GLU D 356 -26.88 -27.34 3.79
CA GLU D 356 -26.38 -28.35 2.87
C GLU D 356 -24.94 -28.74 3.23
N ASP D 357 -24.60 -30.00 2.97
CA ASP D 357 -23.26 -30.52 3.21
C ASP D 357 -22.60 -30.92 1.89
N THR D 358 -21.41 -31.51 2.00
CA THR D 358 -20.63 -31.88 0.82
C THR D 358 -21.41 -32.80 -0.12
N ARG D 359 -22.00 -33.85 0.43
CA ARG D 359 -22.62 -34.88 -0.40
C ARG D 359 -24.03 -34.52 -0.87
N GLY D 360 -24.53 -33.35 -0.51
CA GLY D 360 -25.87 -32.94 -0.89
C GLY D 360 -26.93 -33.13 0.18
N LYS D 361 -26.63 -33.88 1.25
CA LYS D 361 -27.59 -34.08 2.32
C LYS D 361 -28.00 -32.73 2.92
N THR D 362 -29.30 -32.58 3.18
CA THR D 362 -29.87 -31.34 3.65
C THR D 362 -30.54 -31.51 5.00
N LEU D 363 -30.48 -30.45 5.81
CA LEU D 363 -31.09 -30.43 7.13
C LEU D 363 -31.86 -29.12 7.28
N GLU D 364 -33.18 -29.21 7.40
CA GLU D 364 -34.01 -28.01 7.51
C GLU D 364 -34.08 -27.57 8.97
N GLY D 365 -33.75 -26.30 9.21
CA GLY D 365 -33.84 -25.70 10.52
C GLY D 365 -34.99 -24.71 10.63
N ASP D 366 -35.21 -24.22 11.84
CA ASP D 366 -36.28 -23.27 12.09
C ASP D 366 -35.80 -21.94 12.66
N CYS D 367 -34.50 -21.76 12.84
CA CYS D 367 -33.95 -20.48 13.29
C CYS D 367 -32.61 -20.25 12.62
N TYR D 368 -32.07 -19.05 12.82
CA TYR D 368 -30.74 -18.65 12.38
C TYR D 368 -30.41 -17.31 13.02
N LEU D 369 -29.11 -17.05 13.16
CA LEU D 369 -28.64 -15.81 13.76
C LEU D 369 -28.49 -14.73 12.70
N ASP D 370 -28.98 -13.54 13.01
CA ASP D 370 -28.99 -12.40 12.09
C ASP D 370 -28.34 -11.21 12.77
N ASN D 371 -27.36 -10.61 12.11
CA ASN D 371 -26.60 -9.51 12.68
C ASN D 371 -27.24 -8.18 12.30
N CYS D 372 -27.45 -7.32 13.31
CA CYS D 372 -28.12 -6.04 13.10
C CYS D 372 -27.22 -4.84 13.33
N ALA D 373 -26.13 -5.00 14.08
CA ALA D 373 -25.17 -3.93 14.29
C ALA D 373 -23.80 -4.53 14.54
N THR D 374 -22.76 -3.79 14.18
CA THR D 374 -21.39 -4.20 14.41
C THR D 374 -20.57 -3.00 14.84
N ILE D 375 -19.86 -3.14 15.96
CA ILE D 375 -18.93 -2.13 16.45
C ILE D 375 -17.53 -2.70 16.35
N CYS D 376 -16.63 -1.95 15.71
CA CYS D 376 -15.26 -2.40 15.47
C CYS D 376 -14.30 -1.34 15.97
N ASN D 377 -13.44 -1.71 16.92
CA ASN D 377 -12.44 -0.80 17.47
C ASN D 377 -13.07 0.49 17.99
N GLY D 378 -14.29 0.37 18.53
CA GLY D 378 -15.01 1.52 19.06
C GLY D 378 -15.76 2.34 18.05
N GLN D 379 -15.87 1.88 16.81
CA GLN D 379 -16.56 2.59 15.75
C GLN D 379 -17.73 1.76 15.25
N ILE D 380 -18.86 2.41 15.02
CA ILE D 380 -20.02 1.75 14.43
C ILE D 380 -19.74 1.55 12.94
N VAL D 381 -19.57 0.30 12.52
CA VAL D 381 -19.29 -0.03 11.13
C VAL D 381 -20.46 -0.73 10.47
N TYR D 382 -21.57 -0.94 11.18
CA TYR D 382 -22.78 -1.55 10.64
C TYR D 382 -23.90 -1.34 11.64
N ARG D 383 -25.03 -0.77 11.20
CA ARG D 383 -26.12 -0.48 12.12
C ARG D 383 -27.40 -0.30 11.29
N ARG D 384 -28.22 -1.34 11.24
CA ARG D 384 -29.53 -1.21 10.62
C ARG D 384 -30.34 -0.15 11.35
N LEU D 385 -31.08 0.65 10.57
CA LEU D 385 -31.92 1.69 11.17
C LEU D 385 -33.02 1.09 12.04
N ARG D 386 -33.42 -0.15 11.79
CA ARG D 386 -34.39 -0.87 12.62
C ARG D 386 -33.92 -2.30 12.75
N PHE D 387 -33.67 -2.74 13.98
CA PHE D 387 -33.15 -4.07 14.23
C PHE D 387 -34.21 -5.15 14.01
#